data_9V0N
#
_entry.id   9V0N
#
loop_
_entity.id
_entity.type
_entity.pdbx_description
1 polymer 'RSV Pre-fusion Protein'
2 polymer 'CNR2042 Heavy Chain'
3 polymer 'CNR2042 Light Chain'
#
loop_
_entity_poly.entity_id
_entity_poly.type
_entity_poly.pdbx_seq_one_letter_code
_entity_poly.pdbx_strand_id
1 'polypeptide(L)'
;MELLILKANAITTILTAVTFCFASGQNITEEFYQSTCSAVSKGYLSALRTGWYTSVITIELSNIKENKCNGTDAKVKLIK
QELDKYKNAVTELQLLMQSTPATNNRARRELPRFMNYTLNNAKKTNVTLSKKRKRRFLGFLLGVGSAIASGVAVCKVLHL
EGEVNKIKSALLSTNKAVVSLSNGVSVLTFKVLDLKNYIDKQLLPILNKQSCSISNIETVIEFQQKNNRLLEITREFSVN
AGVTTPVSTYMLTNSELLSLINDMPITNDQKKLMSNNVQIVRQQSYSIMCIIKEEVLAYVVQLPLYGVIDTPCWKLHTSP
LCTTNTKEGSNICLTRTDRGWYCDNAGSVSFFPQAETCKVQSNRVFCDTMNSLTLPSEVNLCNVDIFNPKYDCKIMTSKT
DVSSSVITSLGAIVSCYGKTKCTASNKNRGIIKTFSNGCDYVSNKGVDTVSVGNTLYYVNKQEGKSLYVKGEPIINFYDP
LVFPSDEFDASISQVNEKINQSLAFIRKSDELLSAIGGYIPEAPRDGQAYVRKDGEWVLLSTFLGHHHHHHHH
;
A,D,E
2 'polypeptide(L)'
;EVQLVESGGGLVKPGGSLRLSCAASGFSFSSYNMNWVRQAPGKGLEWVSSITGGSNFIDYPDSLKGRFTISRDNSRNSLY
LQMNSLRAEDTGLYYCVRESYFGSGGSLNWFDPWGQGTLVIVSS
;
C,H,I
3 'polypeptide(L)'
;QSVLTQPPSVSGAPGQRVTISCTGSSSSIGRGYDVHWYQQVPGTAPRLLIYANTNRPSGIPDRFSGSKSATSASLAITGL
QAEDEADYYCQSYDSSMLWVFGGGTKLTVL
;
B,F,G
#
# COMPACT_ATOMS: atom_id res chain seq x y z
N ASN A 27 13.81 4.49 -29.74
CA ASN A 27 13.51 5.76 -29.10
C ASN A 27 12.01 5.88 -28.81
N ILE A 28 11.65 6.85 -27.98
CA ILE A 28 10.28 7.07 -27.54
C ILE A 28 9.73 8.28 -28.27
N THR A 29 8.56 8.13 -28.89
CA THR A 29 7.95 9.20 -29.68
C THR A 29 6.56 9.50 -29.14
N GLU A 30 6.27 10.77 -28.94
CA GLU A 30 4.98 11.19 -28.40
C GLU A 30 4.21 12.01 -29.43
N GLU A 31 2.90 11.78 -29.49
CA GLU A 31 1.99 12.56 -30.32
C GLU A 31 0.86 13.08 -29.43
N PHE A 32 0.32 14.23 -29.79
CA PHE A 32 -0.78 14.85 -29.05
C PHE A 32 -1.90 15.19 -30.02
N TYR A 33 -3.04 14.51 -29.88
CA TYR A 33 -4.22 14.83 -30.66
C TYR A 33 -5.04 15.86 -29.90
N GLN A 34 -5.18 17.04 -30.49
CA GLN A 34 -6.02 18.10 -29.91
C GLN A 34 -7.50 17.85 -30.16
N SER A 35 -7.84 16.98 -31.12
CA SER A 35 -9.24 16.72 -31.40
C SER A 35 -9.95 16.15 -30.19
N THR A 36 -9.31 15.26 -29.46
CA THR A 36 -9.87 14.69 -28.25
C THR A 36 -9.05 15.04 -27.01
N CYS A 37 -8.02 15.87 -27.15
CA CYS A 37 -7.13 16.24 -26.06
C CYS A 37 -6.56 14.99 -25.38
N SER A 38 -5.79 14.23 -26.16
CA SER A 38 -5.20 13.00 -25.66
C SER A 38 -3.82 12.79 -26.26
N ALA A 39 -2.91 12.25 -25.47
CA ALA A 39 -1.54 12.01 -25.89
C ALA A 39 -1.27 10.52 -25.97
N VAL A 40 -0.48 10.13 -26.97
CA VAL A 40 -0.03 8.75 -27.13
C VAL A 40 1.49 8.74 -27.12
N SER A 41 2.08 7.87 -26.32
CA SER A 41 3.52 7.69 -26.24
C SER A 41 3.85 6.29 -26.75
N LYS A 42 4.51 6.22 -27.89
CA LYS A 42 4.84 4.96 -28.55
C LYS A 42 6.35 4.78 -28.58
N GLY A 43 6.76 3.60 -29.04
CA GLY A 43 8.15 3.21 -29.08
C GLY A 43 8.57 2.26 -27.99
N TYR A 44 7.71 2.03 -27.00
CA TYR A 44 8.02 1.11 -25.92
C TYR A 44 8.04 -0.33 -26.43
N LEU A 45 8.68 -1.20 -25.66
CA LEU A 45 8.66 -2.64 -25.90
C LEU A 45 7.94 -3.31 -24.74
N SER A 46 7.69 -4.60 -24.88
CA SER A 46 6.82 -5.31 -23.95
C SER A 46 7.56 -6.40 -23.20
N ALA A 47 7.07 -6.69 -21.99
CA ALA A 47 7.48 -7.88 -21.25
C ALA A 47 6.30 -8.23 -20.34
N LEU A 48 5.47 -9.16 -20.77
CA LEU A 48 4.21 -9.47 -20.08
C LEU A 48 4.39 -10.69 -19.19
N ARG A 49 3.99 -10.56 -17.93
CA ARG A 49 3.99 -11.68 -17.00
C ARG A 49 2.80 -12.57 -17.32
N THR A 50 3.06 -13.65 -18.07
CA THR A 50 1.99 -14.52 -18.53
C THR A 50 1.87 -15.82 -17.73
N GLY A 51 2.98 -16.33 -17.16
CA GLY A 51 2.94 -17.58 -16.44
C GLY A 51 3.59 -17.46 -15.08
N TRP A 52 3.34 -18.47 -14.25
CA TRP A 52 3.97 -18.60 -12.95
C TRP A 52 4.82 -19.86 -12.92
N TYR A 53 6.00 -19.76 -12.33
CA TYR A 53 6.86 -20.92 -12.07
C TYR A 53 7.12 -21.02 -10.57
N THR A 54 7.07 -22.23 -10.05
CA THR A 54 7.22 -22.47 -8.62
C THR A 54 8.53 -23.21 -8.38
N SER A 55 9.40 -22.63 -7.56
CA SER A 55 10.62 -23.28 -7.12
C SER A 55 10.55 -23.51 -5.62
N VAL A 56 11.22 -24.54 -5.15
CA VAL A 56 11.21 -24.91 -3.73
C VAL A 56 12.57 -24.61 -3.15
N ILE A 57 12.65 -23.59 -2.30
CA ILE A 57 13.89 -23.26 -1.60
C ILE A 57 13.89 -23.97 -0.26
N THR A 58 14.93 -24.76 0.00
CA THR A 58 15.03 -25.57 1.20
C THR A 58 16.21 -25.13 2.05
N ILE A 59 15.99 -25.03 3.35
CA ILE A 59 17.02 -24.75 4.33
C ILE A 59 17.12 -25.96 5.24
N GLU A 60 18.33 -26.50 5.37
CA GLU A 60 18.56 -27.70 6.18
C GLU A 60 18.81 -27.26 7.61
N LEU A 61 17.81 -27.44 8.47
CA LEU A 61 17.96 -27.12 9.88
C LEU A 61 18.49 -28.33 10.65
N SER A 62 18.71 -28.15 11.94
CA SER A 62 19.20 -29.21 12.80
C SER A 62 18.33 -29.30 14.05
N ASN A 63 18.18 -30.51 14.56
CA ASN A 63 17.38 -30.77 15.76
C ASN A 63 18.31 -30.89 16.96
N ILE A 64 18.16 -29.99 17.92
CA ILE A 64 18.97 -29.99 19.14
C ILE A 64 18.03 -29.79 20.33
N LYS A 65 18.26 -30.54 21.40
CA LYS A 65 17.38 -30.51 22.56
C LYS A 65 17.77 -29.41 23.54
N GLU A 66 19.01 -29.44 24.03
CA GLU A 66 19.52 -28.43 24.95
C GLU A 66 21.01 -28.62 25.09
N ASN A 67 21.67 -27.62 25.66
CA ASN A 67 23.10 -27.71 25.94
C ASN A 67 23.32 -28.50 27.22
N LYS A 68 24.07 -29.60 27.09
CA LYS A 68 24.31 -30.46 28.25
C LYS A 68 25.11 -29.74 29.33
N CYS A 69 26.14 -29.01 28.92
CA CYS A 69 27.01 -28.34 29.88
C CYS A 69 26.40 -27.00 30.32
N ASN A 70 26.82 -26.55 31.50
CA ASN A 70 26.40 -25.27 32.03
C ASN A 70 27.56 -24.67 32.84
N GLY A 71 27.70 -23.35 32.76
CA GLY A 71 28.79 -22.69 33.45
C GLY A 71 28.57 -21.20 33.48
N THR A 72 29.47 -20.51 34.18
CA THR A 72 29.42 -19.06 34.32
C THR A 72 30.22 -18.34 33.26
N ASP A 73 30.83 -19.06 32.33
CA ASP A 73 31.57 -18.43 31.25
C ASP A 73 30.65 -17.57 30.39
N ALA A 74 31.15 -16.41 29.97
CA ALA A 74 30.33 -15.50 29.19
C ALA A 74 30.21 -15.94 27.74
N LYS A 75 31.26 -16.58 27.20
CA LYS A 75 31.20 -17.05 25.82
C LYS A 75 30.11 -18.12 25.66
N VAL A 76 30.04 -19.06 26.60
CA VAL A 76 28.98 -20.06 26.54
C VAL A 76 27.63 -19.40 26.74
N LYS A 77 27.56 -18.29 27.47
CA LYS A 77 26.31 -17.56 27.60
C LYS A 77 25.88 -16.97 26.26
N LEU A 78 26.83 -16.40 25.51
CA LEU A 78 26.52 -15.89 24.18
C LEU A 78 26.06 -17.00 23.26
N ILE A 79 26.74 -18.15 23.31
CA ILE A 79 26.35 -19.28 22.48
C ILE A 79 24.96 -19.76 22.84
N LYS A 80 24.65 -19.83 24.14
CA LYS A 80 23.33 -20.25 24.59
C LYS A 80 22.26 -19.28 24.13
N GLN A 81 22.53 -17.98 24.21
CA GLN A 81 21.56 -16.99 23.74
C GLN A 81 21.32 -17.12 22.25
N GLU A 82 22.39 -17.28 21.47
CA GLU A 82 22.22 -17.42 20.03
C GLU A 82 21.46 -18.69 19.67
N LEU A 83 21.79 -19.80 20.32
CA LEU A 83 21.07 -21.04 20.04
C LEU A 83 19.61 -20.97 20.50
N ASP A 84 19.35 -20.24 21.58
CA ASP A 84 17.97 -20.04 22.02
C ASP A 84 17.19 -19.20 21.02
N LYS A 85 17.83 -18.17 20.45
CA LYS A 85 17.18 -17.39 19.41
C LYS A 85 16.91 -18.26 18.18
N TYR A 86 17.85 -19.16 17.85
CA TYR A 86 17.63 -20.10 16.75
C TYR A 86 16.44 -21.02 17.04
N LYS A 87 16.34 -21.51 18.28
CA LYS A 87 15.22 -22.36 18.65
C LYS A 87 13.90 -21.60 18.60
N ASN A 88 13.90 -20.35 19.04
CA ASN A 88 12.68 -19.53 18.95
C ASN A 88 12.30 -19.29 17.49
N ALA A 89 13.29 -19.06 16.63
CA ALA A 89 13.00 -18.88 15.22
C ALA A 89 12.42 -20.13 14.60
N VAL A 90 12.97 -21.31 14.94
CA VAL A 90 12.43 -22.54 14.35
C VAL A 90 11.08 -22.89 14.96
N THR A 91 10.80 -22.41 16.18
CA THR A 91 9.48 -22.61 16.76
C THR A 91 8.45 -21.70 16.11
N GLU A 92 8.85 -20.47 15.76
CA GLU A 92 7.96 -19.54 15.09
C GLU A 92 7.43 -20.08 13.78
N LEU A 93 8.29 -20.70 12.97
CA LEU A 93 7.89 -21.22 11.67
C LEU A 93 6.98 -22.44 11.77
N GLN A 94 6.88 -23.05 12.95
CA GLN A 94 5.90 -24.11 13.16
C GLN A 94 4.51 -23.57 13.45
N LEU A 95 4.37 -22.26 13.66
CA LEU A 95 3.09 -21.63 13.90
C LEU A 95 2.43 -21.14 12.62
N LEU A 96 3.06 -21.35 11.47
CA LEU A 96 2.50 -20.89 10.20
C LEU A 96 2.05 -22.07 9.34
N VAL A 144 -10.49 -10.73 -11.73
CA VAL A 144 -10.01 -10.90 -10.37
C VAL A 144 -8.75 -11.76 -10.37
N GLY A 145 -8.94 -13.07 -10.21
CA GLY A 145 -7.84 -14.00 -10.24
C GLY A 145 -7.12 -14.09 -8.90
N SER A 146 -6.42 -15.21 -8.71
CA SER A 146 -5.62 -15.46 -7.53
C SER A 146 -4.14 -15.41 -7.90
N ALA A 147 -3.38 -14.59 -7.19
CA ALA A 147 -1.96 -14.43 -7.50
C ALA A 147 -1.08 -15.49 -6.85
N ILE A 148 -1.62 -16.28 -5.92
CA ILE A 148 -0.80 -17.26 -5.20
C ILE A 148 -1.43 -18.64 -5.32
N ALA A 149 -2.15 -18.89 -6.42
CA ALA A 149 -2.80 -20.18 -6.59
C ALA A 149 -1.79 -21.28 -6.88
N SER A 150 -0.79 -21.00 -7.73
CA SER A 150 0.20 -22.01 -8.05
C SER A 150 1.03 -22.39 -6.83
N GLY A 151 1.44 -21.40 -6.04
CA GLY A 151 2.19 -21.70 -4.83
C GLY A 151 1.38 -22.49 -3.82
N VAL A 152 0.09 -22.17 -3.69
CA VAL A 152 -0.76 -22.93 -2.78
C VAL A 152 -0.90 -24.37 -3.27
N ALA A 153 -1.03 -24.55 -4.58
CA ALA A 153 -1.15 -25.91 -5.13
C ALA A 153 0.12 -26.71 -4.88
N VAL A 154 1.29 -26.10 -5.12
CA VAL A 154 2.52 -26.84 -4.92
C VAL A 154 2.78 -27.09 -3.43
N CYS A 155 2.34 -26.19 -2.56
CA CYS A 155 2.44 -26.45 -1.12
C CYS A 155 1.53 -27.60 -0.71
N LYS A 156 0.32 -27.66 -1.27
CA LYS A 156 -0.55 -28.81 -1.02
C LYS A 156 0.10 -30.09 -1.49
N VAL A 157 0.81 -30.04 -2.62
CA VAL A 157 1.53 -31.20 -3.10
C VAL A 157 2.64 -31.59 -2.12
N LEU A 158 3.38 -30.59 -1.61
CA LEU A 158 4.45 -30.88 -0.67
C LEU A 158 3.93 -31.50 0.62
N HIS A 159 2.76 -31.05 1.09
CA HIS A 159 2.19 -31.61 2.31
C HIS A 159 1.88 -33.10 2.18
N LEU A 160 1.77 -33.61 0.94
CA LEU A 160 1.51 -35.03 0.76
C LEU A 160 2.68 -35.85 1.30
N GLU A 161 2.35 -36.98 1.91
CA GLU A 161 3.36 -37.82 2.55
C GLU A 161 4.29 -38.42 1.51
N GLY A 162 5.57 -38.56 1.88
CA GLY A 162 6.55 -39.12 0.98
C GLY A 162 7.13 -38.17 -0.03
N GLU A 163 6.87 -36.87 0.10
CA GLU A 163 7.38 -35.87 -0.83
C GLU A 163 8.55 -35.08 -0.26
N VAL A 164 8.52 -34.73 1.02
CA VAL A 164 9.62 -33.98 1.61
C VAL A 164 10.89 -34.82 1.62
N ASN A 165 10.75 -36.12 1.91
CA ASN A 165 11.91 -37.01 1.90
C ASN A 165 12.54 -37.10 0.51
N LYS A 166 11.71 -37.05 -0.55
CA LYS A 166 12.25 -37.09 -1.90
C LYS A 166 13.14 -35.88 -2.17
N ILE A 167 12.69 -34.70 -1.77
CA ILE A 167 13.52 -33.50 -1.92
C ILE A 167 14.79 -33.63 -1.08
N LYS A 168 14.64 -34.05 0.18
CA LYS A 168 15.78 -34.09 1.08
C LYS A 168 16.85 -35.06 0.58
N SER A 169 16.45 -36.20 0.02
CA SER A 169 17.39 -37.15 -0.54
C SER A 169 17.82 -36.79 -1.96
N ALA A 170 17.16 -35.83 -2.60
CA ALA A 170 17.52 -35.45 -3.95
C ALA A 170 18.80 -34.62 -3.97
N LEU A 171 18.79 -33.46 -3.31
CA LEU A 171 19.96 -32.57 -3.29
C LEU A 171 20.79 -32.81 -2.04
N LEU A 172 21.33 -34.02 -1.94
CA LEU A 172 22.21 -34.41 -0.84
C LEU A 172 23.68 -34.30 -1.21
N SER A 173 24.05 -34.59 -2.45
CA SER A 173 25.43 -34.47 -2.90
C SER A 173 25.77 -33.09 -3.43
N THR A 174 24.81 -32.39 -4.04
CA THR A 174 25.01 -31.03 -4.50
C THR A 174 23.75 -30.24 -4.24
N ASN A 175 23.90 -28.93 -4.10
CA ASN A 175 22.77 -28.07 -3.73
C ASN A 175 22.04 -27.53 -4.95
N LYS A 176 21.65 -28.44 -5.86
CA LYS A 176 20.88 -28.07 -7.04
C LYS A 176 20.24 -29.34 -7.59
N ALA A 177 18.91 -29.35 -7.70
CA ALA A 177 18.25 -30.55 -8.21
C ALA A 177 16.99 -30.16 -8.96
N VAL A 178 16.57 -31.08 -9.84
CA VAL A 178 15.29 -30.98 -10.53
C VAL A 178 14.48 -32.21 -10.15
N VAL A 179 13.34 -32.00 -9.49
CA VAL A 179 12.61 -33.12 -8.91
C VAL A 179 11.21 -33.16 -9.49
N SER A 180 10.65 -34.37 -9.52
CA SER A 180 9.30 -34.61 -9.98
C SER A 180 8.45 -35.05 -8.79
N LEU A 181 7.36 -34.32 -8.55
CA LEU A 181 6.53 -34.55 -7.38
C LEU A 181 5.40 -35.52 -7.74
N SER A 182 4.49 -35.75 -6.80
CA SER A 182 3.40 -36.69 -7.02
C SER A 182 2.47 -36.24 -8.13
N ASN A 183 2.19 -34.93 -8.19
CA ASN A 183 1.29 -34.41 -9.21
C ASN A 183 1.88 -34.45 -10.61
N GLY A 184 3.16 -34.76 -10.75
CA GLY A 184 3.81 -34.82 -12.04
C GLY A 184 4.50 -33.54 -12.47
N VAL A 185 4.30 -32.44 -11.75
CA VAL A 185 4.96 -31.19 -12.07
C VAL A 185 6.40 -31.24 -11.59
N SER A 186 7.33 -30.85 -12.46
CA SER A 186 8.75 -30.84 -12.13
C SER A 186 9.13 -29.46 -11.62
N VAL A 187 9.86 -29.42 -10.50
CA VAL A 187 10.25 -28.17 -9.87
C VAL A 187 11.74 -28.18 -9.57
N LEU A 188 12.32 -26.99 -9.52
CA LEU A 188 13.72 -26.81 -9.18
C LEU A 188 13.87 -26.64 -7.67
N THR A 189 14.91 -27.27 -7.11
CA THR A 189 15.19 -27.18 -5.69
C THR A 189 16.62 -26.73 -5.47
N PHE A 190 16.79 -25.73 -4.60
CA PHE A 190 18.09 -25.23 -4.18
C PHE A 190 18.23 -25.47 -2.68
N LYS A 191 19.44 -25.80 -2.23
CA LYS A 191 19.76 -25.78 -0.80
C LYS A 191 20.50 -24.48 -0.53
N VAL A 192 19.76 -23.44 -0.15
CA VAL A 192 20.35 -22.11 -0.05
C VAL A 192 21.14 -21.91 1.24
N LEU A 193 20.90 -22.72 2.26
CA LEU A 193 21.60 -22.58 3.52
C LEU A 193 22.04 -23.95 4.01
N ASP A 194 23.13 -23.97 4.77
CA ASP A 194 23.73 -25.19 5.30
C ASP A 194 23.92 -25.08 6.80
N LEU A 195 22.85 -24.65 7.48
CA LEU A 195 22.93 -24.41 8.92
C LEU A 195 23.08 -25.70 9.71
N LYS A 196 22.51 -26.81 9.20
CA LYS A 196 22.58 -28.08 9.92
C LYS A 196 24.02 -28.53 10.09
N ASN A 197 24.83 -28.43 9.03
CA ASN A 197 26.22 -28.87 9.11
C ASN A 197 26.99 -28.06 10.14
N TYR A 198 26.80 -26.72 10.13
CA TYR A 198 27.49 -25.89 11.11
C TYR A 198 27.06 -26.19 12.53
N ILE A 199 25.75 -26.38 12.76
CA ILE A 199 25.27 -26.61 14.12
C ILE A 199 25.69 -27.97 14.64
N ASP A 200 25.58 -29.02 13.81
CA ASP A 200 25.81 -30.38 14.29
C ASP A 200 27.23 -30.88 14.09
N LYS A 201 28.07 -30.15 13.35
CA LYS A 201 29.42 -30.61 13.07
C LYS A 201 30.50 -29.59 13.41
N GLN A 202 30.13 -28.36 13.75
CA GLN A 202 31.12 -27.34 14.13
C GLN A 202 30.79 -26.64 15.44
N LEU A 203 29.65 -26.95 16.06
CA LEU A 203 29.29 -26.38 17.35
C LEU A 203 29.28 -27.42 18.45
N LEU A 204 28.51 -28.50 18.28
CA LEU A 204 28.47 -29.55 19.29
C LEU A 204 29.82 -30.23 19.50
N PRO A 205 30.54 -30.68 18.45
CA PRO A 205 31.82 -31.34 18.73
C PRO A 205 32.90 -30.38 19.21
N ILE A 206 32.93 -29.15 18.69
CA ILE A 206 33.92 -28.18 19.15
C ILE A 206 33.66 -27.81 20.61
N LEU A 207 32.40 -27.60 20.98
CA LEU A 207 32.07 -27.29 22.36
C LEU A 207 32.37 -28.49 23.24
N ASN A 208 33.39 -28.39 24.09
CA ASN A 208 33.78 -29.46 24.99
C ASN A 208 32.91 -29.35 26.22
N LYS A 209 32.00 -30.32 26.41
CA LYS A 209 31.06 -30.26 27.51
C LYS A 209 31.72 -30.44 28.87
N GLN A 210 32.93 -31.00 28.91
CA GLN A 210 33.62 -31.17 30.18
C GLN A 210 33.98 -29.82 30.80
N SER A 211 34.47 -28.89 29.98
CA SER A 211 34.83 -27.56 30.47
C SER A 211 33.76 -26.51 30.21
N CYS A 212 32.87 -26.76 29.24
CA CYS A 212 31.80 -25.82 28.88
C CYS A 212 32.36 -24.44 28.54
N SER A 213 33.45 -24.42 27.78
CA SER A 213 34.08 -23.18 27.36
C SER A 213 34.59 -23.30 25.94
N ILE A 214 34.53 -22.21 25.20
CA ILE A 214 35.06 -22.13 23.84
C ILE A 214 36.27 -21.22 23.85
N SER A 215 37.39 -21.72 23.29
CA SER A 215 38.63 -20.97 23.36
C SER A 215 38.56 -19.66 22.56
N ASN A 216 37.93 -19.67 21.39
CA ASN A 216 37.93 -18.54 20.48
C ASN A 216 36.54 -17.94 20.38
N ILE A 217 36.46 -16.62 20.58
CA ILE A 217 35.20 -15.90 20.39
C ILE A 217 34.82 -15.86 18.92
N GLU A 218 35.77 -16.13 18.03
CA GLU A 218 35.49 -16.12 16.60
C GLU A 218 34.40 -17.11 16.24
N THR A 219 34.30 -18.23 16.94
CA THR A 219 33.24 -19.19 16.66
C THR A 219 31.88 -18.57 16.91
N VAL A 220 31.73 -17.83 18.03
CA VAL A 220 30.48 -17.16 18.33
C VAL A 220 30.19 -16.09 17.29
N ILE A 221 31.21 -15.32 16.91
CA ILE A 221 31.00 -14.27 15.89
C ILE A 221 30.58 -14.88 14.56
N GLU A 222 31.15 -16.03 14.21
CA GLU A 222 30.77 -16.71 12.97
C GLU A 222 29.34 -17.24 13.07
N PHE A 223 28.95 -17.75 14.24
CA PHE A 223 27.57 -18.20 14.41
C PHE A 223 26.60 -17.04 14.24
N GLN A 224 26.92 -15.87 14.81
CA GLN A 224 26.09 -14.70 14.61
C GLN A 224 26.06 -14.25 13.15
N GLN A 225 27.07 -14.60 12.37
CA GLN A 225 27.13 -14.25 10.95
C GLN A 225 26.49 -15.31 10.06
N LYS A 226 26.09 -16.45 10.61
CA LYS A 226 25.44 -17.50 9.84
C LYS A 226 24.00 -17.73 10.24
N ASN A 227 23.57 -17.28 11.43
CA ASN A 227 22.22 -17.45 11.90
C ASN A 227 21.33 -16.25 11.63
N ASN A 228 21.87 -15.18 11.04
CA ASN A 228 21.06 -14.01 10.76
C ASN A 228 20.00 -14.29 9.72
N ARG A 229 20.33 -15.11 8.71
CA ARG A 229 19.44 -15.32 7.58
C ARG A 229 18.13 -15.95 8.03
N LEU A 230 18.21 -16.97 8.88
CA LEU A 230 17.00 -17.62 9.38
C LEU A 230 16.17 -16.66 10.22
N LEU A 231 16.82 -15.84 11.04
CA LEU A 231 16.09 -14.87 11.84
C LEU A 231 15.34 -13.87 10.96
N GLU A 232 15.99 -13.38 9.90
CA GLU A 232 15.33 -12.42 9.01
C GLU A 232 14.19 -13.07 8.25
N ILE A 233 14.37 -14.32 7.80
CA ILE A 233 13.29 -15.01 7.11
C ILE A 233 12.10 -15.18 8.04
N THR A 234 12.36 -15.60 9.29
CA THR A 234 11.29 -15.76 10.26
C THR A 234 10.58 -14.43 10.53
N ARG A 235 11.35 -13.36 10.65
CA ARG A 235 10.76 -12.05 10.93
C ARG A 235 9.86 -11.60 9.79
N GLU A 236 10.33 -11.77 8.54
CA GLU A 236 9.52 -11.36 7.40
C GLU A 236 8.26 -12.20 7.30
N PHE A 237 8.37 -13.51 7.56
CA PHE A 237 7.19 -14.37 7.46
C PHE A 237 6.19 -14.07 8.57
N SER A 238 6.68 -13.72 9.76
CA SER A 238 5.76 -13.36 10.84
C SER A 238 5.09 -12.02 10.57
N VAL A 239 5.83 -11.07 10.01
CA VAL A 239 5.26 -9.76 9.74
C VAL A 239 4.21 -9.86 8.62
N ASN A 240 4.54 -10.55 7.54
CA ASN A 240 3.66 -10.61 6.38
C ASN A 240 2.65 -11.75 6.43
N ALA A 241 2.68 -12.58 7.48
CA ALA A 241 1.66 -13.60 7.73
C ALA A 241 1.65 -14.68 6.66
N GLY A 242 2.85 -15.18 6.32
CA GLY A 242 3.01 -16.35 5.49
C GLY A 242 3.32 -16.08 4.04
N VAL A 243 2.78 -15.00 3.47
CA VAL A 243 2.99 -14.65 2.07
C VAL A 243 3.61 -13.27 2.01
N THR A 244 4.71 -13.14 1.26
CA THR A 244 5.46 -11.90 1.21
C THR A 244 5.75 -11.54 -0.24
N THR A 245 5.85 -10.22 -0.48
CA THR A 245 6.25 -9.67 -1.76
C THR A 245 6.69 -8.24 -1.55
N PRO A 246 7.79 -7.79 -2.18
CA PRO A 246 8.70 -8.54 -3.04
C PRO A 246 9.61 -9.46 -2.25
N VAL A 247 10.22 -10.46 -2.87
CA VAL A 247 11.17 -11.32 -2.18
C VAL A 247 12.44 -10.51 -1.91
N SER A 248 12.86 -10.46 -0.65
CA SER A 248 13.97 -9.62 -0.26
C SER A 248 15.29 -10.38 -0.39
N THR A 249 16.39 -9.66 -0.12
CA THR A 249 17.72 -10.27 -0.25
C THR A 249 17.95 -11.32 0.82
N TYR A 250 17.32 -11.16 2.00
CA TYR A 250 17.38 -12.23 3.00
C TYR A 250 16.82 -13.53 2.45
N MET A 251 15.64 -13.48 1.84
CA MET A 251 14.96 -14.70 1.46
C MET A 251 15.54 -15.31 0.18
N LEU A 252 16.17 -14.49 -0.67
CA LEU A 252 16.77 -15.01 -1.90
C LEU A 252 17.89 -14.07 -2.31
N THR A 253 19.13 -14.53 -2.16
CA THR A 253 20.28 -13.70 -2.53
C THR A 253 20.34 -13.51 -4.03
N ASN A 254 21.07 -12.47 -4.46
CA ASN A 254 21.11 -12.14 -5.88
C ASN A 254 21.78 -13.25 -6.68
N SER A 255 22.87 -13.82 -6.17
CA SER A 255 23.55 -14.89 -6.90
C SER A 255 22.64 -16.08 -7.10
N GLU A 256 21.91 -16.48 -6.05
CA GLU A 256 20.96 -17.57 -6.18
C GLU A 256 19.80 -17.22 -7.11
N LEU A 257 19.29 -15.99 -7.02
CA LEU A 257 18.20 -15.62 -7.93
C LEU A 257 18.66 -15.70 -9.38
N LEU A 258 19.87 -15.23 -9.67
CA LEU A 258 20.39 -15.29 -11.03
C LEU A 258 20.64 -16.72 -11.47
N SER A 259 21.14 -17.57 -10.57
CA SER A 259 21.35 -18.97 -10.92
C SER A 259 20.03 -19.68 -11.21
N LEU A 260 19.02 -19.44 -10.38
CA LEU A 260 17.70 -20.02 -10.60
C LEU A 260 17.10 -19.51 -11.91
N ILE A 261 17.36 -18.24 -12.24
CA ILE A 261 16.89 -17.68 -13.50
C ILE A 261 17.58 -18.39 -14.67
N ASN A 262 18.89 -18.65 -14.54
CA ASN A 262 19.67 -19.27 -15.60
C ASN A 262 19.46 -20.77 -15.68
N ASP A 263 18.76 -21.35 -14.70
CA ASP A 263 18.40 -22.77 -14.79
C ASP A 263 16.90 -23.00 -14.86
N MET A 264 16.07 -21.97 -14.87
CA MET A 264 14.63 -22.14 -14.96
C MET A 264 14.26 -22.72 -16.33
N PRO A 265 13.19 -23.50 -16.41
CA PRO A 265 12.78 -24.06 -17.71
C PRO A 265 12.14 -23.04 -18.64
N ILE A 266 12.96 -22.22 -19.30
CA ILE A 266 12.50 -21.20 -20.23
C ILE A 266 13.52 -20.99 -21.33
N THR A 267 13.09 -20.30 -22.38
CA THR A 267 13.92 -20.04 -23.55
C THR A 267 15.08 -19.12 -23.19
N ASN A 268 16.15 -19.17 -24.00
CA ASN A 268 17.27 -18.27 -23.80
C ASN A 268 16.91 -16.83 -24.09
N ASP A 269 15.84 -16.57 -24.84
CA ASP A 269 15.40 -15.20 -25.06
C ASP A 269 14.86 -14.59 -23.77
N GLN A 270 14.03 -15.32 -23.04
CA GLN A 270 13.49 -14.83 -21.78
C GLN A 270 14.52 -14.85 -20.66
N LYS A 271 15.58 -15.64 -20.78
CA LYS A 271 16.62 -15.68 -19.77
C LYS A 271 17.63 -14.55 -19.92
N LYS A 272 17.61 -13.83 -21.05
CA LYS A 272 18.48 -12.68 -21.24
C LYS A 272 17.78 -11.36 -20.95
N LEU A 273 16.46 -11.33 -20.97
CA LEU A 273 15.70 -10.18 -20.53
C LEU A 273 15.48 -10.18 -19.02
N MET A 274 15.49 -11.35 -18.41
CA MET A 274 15.16 -11.47 -16.99
C MET A 274 16.38 -11.54 -16.10
N SER A 275 17.58 -11.77 -16.67
CA SER A 275 18.81 -11.67 -15.89
C SER A 275 19.18 -10.21 -15.64
N ASN A 276 19.01 -9.36 -16.65
CA ASN A 276 19.37 -7.95 -16.52
C ASN A 276 18.34 -7.13 -15.76
N ASN A 277 17.19 -7.70 -15.42
CA ASN A 277 16.11 -6.97 -14.77
C ASN A 277 15.66 -7.69 -13.51
N VAL A 278 16.63 -8.14 -12.70
CA VAL A 278 16.29 -8.74 -11.41
C VAL A 278 15.70 -7.71 -10.46
N GLN A 279 15.88 -6.42 -10.74
CA GLN A 279 15.26 -5.38 -9.94
C GLN A 279 13.74 -5.43 -9.99
N ILE A 280 13.17 -5.96 -11.07
CA ILE A 280 11.72 -6.04 -11.20
C ILE A 280 11.19 -7.46 -11.05
N VAL A 281 12.02 -8.49 -11.27
CA VAL A 281 11.57 -9.86 -11.02
C VAL A 281 11.20 -10.03 -9.55
N ARG A 282 11.96 -9.39 -8.67
CA ARG A 282 11.66 -9.46 -7.25
C ARG A 282 10.31 -8.82 -6.93
N GLN A 283 10.04 -7.66 -7.52
CA GLN A 283 8.79 -6.96 -7.22
C GLN A 283 7.57 -7.73 -7.70
N GLN A 284 7.70 -8.53 -8.74
CA GLN A 284 6.58 -9.29 -9.29
C GLN A 284 6.61 -10.75 -8.86
N SER A 285 7.41 -11.10 -7.88
CA SER A 285 7.48 -12.45 -7.35
C SER A 285 6.76 -12.53 -6.00
N TYR A 286 6.31 -13.74 -5.68
CA TYR A 286 5.67 -14.02 -4.40
C TYR A 286 6.43 -15.15 -3.72
N SER A 287 6.36 -15.19 -2.40
CA SER A 287 6.97 -16.26 -1.63
C SER A 287 6.01 -16.71 -0.54
N ILE A 288 5.82 -18.02 -0.41
CA ILE A 288 4.83 -18.60 0.48
C ILE A 288 5.51 -19.63 1.38
N MET A 289 5.22 -19.55 2.68
CA MET A 289 5.70 -20.55 3.62
C MET A 289 5.05 -21.88 3.32
N CYS A 290 5.85 -22.95 3.23
CA CYS A 290 5.31 -24.24 2.81
C CYS A 290 5.38 -25.30 3.89
N ILE A 291 6.57 -25.65 4.39
CA ILE A 291 6.73 -26.76 5.32
C ILE A 291 7.92 -26.51 6.24
N ILE A 292 7.80 -27.01 7.46
CA ILE A 292 8.88 -27.05 8.44
C ILE A 292 9.16 -28.48 8.90
N LYS A 293 8.25 -29.41 8.60
CA LYS A 293 8.32 -30.77 9.11
C LYS A 293 9.60 -31.48 8.67
N GLU A 294 10.14 -32.29 9.58
CA GLU A 294 11.28 -33.18 9.32
C GLU A 294 12.53 -32.39 8.94
N GLU A 295 12.92 -31.52 9.87
CA GLU A 295 14.17 -30.75 9.87
C GLU A 295 14.54 -30.17 8.50
N VAL A 296 13.53 -29.76 7.73
CA VAL A 296 13.75 -29.14 6.43
C VAL A 296 12.76 -27.99 6.30
N LEU A 297 13.26 -26.76 6.32
CA LEU A 297 12.41 -25.59 6.17
C LEU A 297 12.33 -25.27 4.70
N ALA A 298 11.22 -25.62 4.06
CA ALA A 298 11.06 -25.43 2.62
C ALA A 298 9.94 -24.44 2.37
N TYR A 299 10.22 -23.44 1.54
CA TYR A 299 9.22 -22.48 1.13
C TYR A 299 9.26 -22.31 -0.38
N VAL A 300 8.11 -21.99 -0.96
CA VAL A 300 7.95 -21.92 -2.40
C VAL A 300 8.12 -20.47 -2.84
N VAL A 301 9.04 -20.26 -3.78
CA VAL A 301 9.23 -18.97 -4.43
C VAL A 301 8.55 -19.03 -5.78
N GLN A 302 7.68 -18.05 -6.04
CA GLN A 302 6.85 -18.03 -7.23
C GLN A 302 7.39 -16.96 -8.17
N LEU A 303 8.23 -17.38 -9.10
CA LEU A 303 8.80 -16.47 -10.08
C LEU A 303 7.86 -16.31 -11.28
N PRO A 304 7.98 -15.20 -12.00
CA PRO A 304 7.15 -15.02 -13.20
C PRO A 304 7.85 -15.55 -14.45
N LEU A 305 7.02 -15.94 -15.42
CA LEU A 305 7.47 -16.37 -16.73
C LEU A 305 6.89 -15.42 -17.76
N TYR A 306 7.77 -14.71 -18.47
CA TYR A 306 7.36 -13.71 -19.44
C TYR A 306 7.12 -14.39 -20.77
N GLY A 307 5.85 -14.65 -21.07
CA GLY A 307 5.47 -15.31 -22.31
C GLY A 307 5.36 -14.41 -23.52
N VAL A 308 5.34 -13.09 -23.32
CA VAL A 308 5.25 -12.13 -24.40
C VAL A 308 6.39 -11.13 -24.23
N ILE A 309 7.29 -11.09 -25.21
CA ILE A 309 8.47 -10.24 -25.18
C ILE A 309 8.64 -9.58 -26.53
N ASP A 310 9.01 -8.29 -26.51
CA ASP A 310 9.41 -7.53 -27.70
C ASP A 310 8.23 -7.23 -28.63
N THR A 311 7.08 -6.94 -28.06
CA THR A 311 6.01 -6.46 -28.91
C THR A 311 5.73 -4.98 -28.63
N PRO A 312 5.37 -4.20 -29.64
CA PRO A 312 5.19 -2.76 -29.44
C PRO A 312 4.08 -2.45 -28.45
N CYS A 313 4.31 -1.43 -27.63
CA CYS A 313 3.32 -0.96 -26.66
C CYS A 313 3.26 0.56 -26.73
N TRP A 314 2.09 1.09 -26.36
CA TRP A 314 1.91 2.54 -26.33
C TRP A 314 1.05 2.92 -25.14
N LYS A 315 1.39 4.05 -24.51
CA LYS A 315 0.65 4.59 -23.39
C LYS A 315 -0.29 5.68 -23.87
N LEU A 316 -1.52 5.67 -23.36
CA LEU A 316 -2.55 6.63 -23.76
C LEU A 316 -2.94 7.45 -22.53
N HIS A 317 -2.74 8.76 -22.61
CA HIS A 317 -3.12 9.70 -21.55
C HIS A 317 -4.25 10.59 -22.06
N THR A 318 -5.19 10.88 -21.17
CA THR A 318 -6.32 11.73 -21.50
C THR A 318 -6.46 12.84 -20.47
N SER A 319 -7.01 13.97 -20.92
CA SER A 319 -7.24 15.13 -20.07
C SER A 319 -8.64 15.66 -20.33
N PRO A 320 -9.24 16.34 -19.36
CA PRO A 320 -10.56 16.91 -19.58
C PRO A 320 -10.57 17.92 -20.71
N LEU A 321 -11.66 17.92 -21.48
CA LEU A 321 -11.83 18.81 -22.63
C LEU A 321 -13.20 19.44 -22.52
N CYS A 322 -13.23 20.76 -22.39
CA CYS A 322 -14.46 21.48 -22.10
C CYS A 322 -14.59 22.71 -22.99
N THR A 323 -15.83 23.16 -23.18
CA THR A 323 -16.08 24.38 -23.91
C THR A 323 -15.83 25.60 -23.04
N THR A 324 -15.74 26.76 -23.68
CA THR A 324 -15.51 28.02 -22.98
C THR A 324 -16.71 28.95 -23.10
N ASN A 331 -20.99 24.98 -19.08
CA ASN A 331 -20.12 24.26 -20.00
C ASN A 331 -20.34 22.76 -19.92
N ILE A 332 -19.78 22.03 -20.87
CA ILE A 332 -19.89 20.58 -20.95
C ILE A 332 -18.49 20.01 -21.16
N CYS A 333 -18.19 18.90 -20.49
CA CYS A 333 -16.87 18.30 -20.52
C CYS A 333 -16.97 16.85 -20.94
N LEU A 334 -16.13 16.47 -21.91
CA LEU A 334 -16.07 15.10 -22.43
C LEU A 334 -14.63 14.64 -22.33
N THR A 335 -14.38 13.61 -21.52
CA THR A 335 -13.03 13.11 -21.27
C THR A 335 -12.93 11.68 -21.76
N ARG A 336 -11.92 11.38 -22.57
CA ARG A 336 -11.70 10.00 -22.95
C ARG A 336 -11.33 9.18 -21.72
N THR A 337 -11.96 8.02 -21.56
CA THR A 337 -11.89 7.26 -20.31
C THR A 337 -11.22 5.91 -20.52
N ASP A 338 -10.14 5.89 -21.27
CA ASP A 338 -9.36 4.67 -21.49
C ASP A 338 -7.87 4.94 -21.29
N ARG A 339 -7.54 5.64 -20.20
CA ARG A 339 -6.15 5.90 -19.88
C ARG A 339 -5.42 4.60 -19.54
N GLY A 340 -4.13 4.57 -19.86
CA GLY A 340 -3.33 3.44 -19.44
C GLY A 340 -2.52 2.87 -20.58
N TRP A 341 -2.05 1.64 -20.39
CA TRP A 341 -1.12 1.01 -21.32
C TRP A 341 -1.86 0.12 -22.30
N TYR A 342 -1.34 0.05 -23.52
CA TYR A 342 -1.80 -0.88 -24.53
C TYR A 342 -0.61 -1.66 -25.05
N CYS A 343 -0.76 -2.96 -25.22
CA CYS A 343 0.31 -3.78 -25.76
C CYS A 343 -0.25 -4.73 -26.80
N ASP A 344 0.52 -4.95 -27.86
CA ASP A 344 0.15 -5.92 -28.87
C ASP A 344 0.36 -7.32 -28.32
N ASN A 345 -0.58 -8.22 -28.58
CA ASN A 345 -0.54 -9.55 -27.99
C ASN A 345 -1.31 -10.50 -28.90
N ALA A 346 -0.58 -11.27 -29.71
CA ALA A 346 -1.14 -12.36 -30.50
C ALA A 346 -2.32 -11.90 -31.35
N GLY A 347 -2.19 -10.72 -31.95
CA GLY A 347 -3.21 -10.19 -32.82
C GLY A 347 -4.31 -9.40 -32.14
N SER A 348 -4.33 -9.37 -30.81
CA SER A 348 -5.26 -8.56 -30.04
C SER A 348 -4.48 -7.49 -29.28
N VAL A 349 -5.20 -6.70 -28.49
CA VAL A 349 -4.58 -5.64 -27.70
C VAL A 349 -4.88 -5.91 -26.24
N SER A 350 -3.82 -6.08 -25.44
CA SER A 350 -3.94 -6.20 -24.00
C SER A 350 -3.94 -4.80 -23.41
N PHE A 351 -4.98 -4.48 -22.65
CA PHE A 351 -5.22 -3.13 -22.14
C PHE A 351 -5.07 -3.15 -20.63
N PHE A 352 -4.18 -2.30 -20.12
CA PHE A 352 -3.97 -2.17 -18.68
C PHE A 352 -4.45 -0.79 -18.23
N PRO A 353 -5.58 -0.69 -17.55
CA PRO A 353 -6.05 0.62 -17.09
C PRO A 353 -5.29 1.12 -15.89
N GLN A 354 -4.90 0.20 -15.00
CA GLN A 354 -4.20 0.59 -13.78
C GLN A 354 -2.79 1.05 -14.11
N ALA A 355 -2.41 2.21 -13.57
CA ALA A 355 -1.05 2.71 -13.76
C ALA A 355 -0.04 1.98 -12.88
N GLU A 356 -0.46 1.54 -11.69
CA GLU A 356 0.42 0.79 -10.81
C GLU A 356 0.74 -0.59 -11.35
N THR A 357 -0.07 -1.10 -12.29
CA THR A 357 0.15 -2.43 -12.82
C THR A 357 1.47 -2.52 -13.58
N CYS A 358 1.78 -1.50 -14.38
CA CYS A 358 2.95 -1.52 -15.25
C CYS A 358 4.10 -0.73 -14.65
N LYS A 359 5.31 -1.15 -14.98
CA LYS A 359 6.54 -0.47 -14.57
C LYS A 359 7.43 -0.28 -15.79
N VAL A 360 8.16 0.82 -15.83
CA VAL A 360 9.00 1.17 -16.97
C VAL A 360 10.43 1.35 -16.49
N GLN A 361 11.32 0.47 -16.94
CA GLN A 361 12.74 0.57 -16.56
C GLN A 361 13.49 1.55 -17.46
N SER A 362 13.62 1.21 -18.74
CA SER A 362 14.17 2.14 -19.72
C SER A 362 13.18 2.43 -20.84
N ASN A 363 12.75 1.41 -21.57
CA ASN A 363 11.69 1.56 -22.56
C ASN A 363 10.76 0.35 -22.58
N ARG A 364 10.79 -0.48 -21.55
CA ARG A 364 9.95 -1.66 -21.46
C ARG A 364 8.81 -1.42 -20.48
N VAL A 365 7.76 -2.22 -20.62
CA VAL A 365 6.64 -2.23 -19.69
C VAL A 365 6.57 -3.62 -19.08
N PHE A 366 6.84 -3.71 -17.77
CA PHE A 366 6.80 -4.99 -17.07
C PHE A 366 5.44 -5.15 -16.40
N CYS A 367 4.43 -5.38 -17.24
CA CYS A 367 3.06 -5.53 -16.78
C CYS A 367 2.73 -6.99 -16.55
N ASP A 368 1.59 -7.23 -15.92
CA ASP A 368 1.06 -8.57 -15.72
C ASP A 368 -0.36 -8.64 -16.27
N THR A 369 -0.66 -9.73 -16.98
CA THR A 369 -1.96 -9.88 -17.63
C THR A 369 -3.09 -10.10 -16.64
N MET A 370 -2.79 -10.36 -15.37
CA MET A 370 -3.85 -10.61 -14.40
C MET A 370 -4.75 -9.39 -14.22
N ASN A 371 -4.22 -8.20 -14.46
CA ASN A 371 -4.97 -6.94 -14.34
C ASN A 371 -5.20 -6.30 -15.70
N SER A 372 -5.50 -7.11 -16.71
CA SER A 372 -5.61 -6.63 -18.08
C SER A 372 -6.89 -7.09 -18.72
N LEU A 373 -7.31 -6.36 -19.75
CA LEU A 373 -8.43 -6.73 -20.59
C LEU A 373 -7.93 -7.07 -21.98
N THR A 374 -8.73 -7.83 -22.73
CA THR A 374 -8.42 -8.19 -24.11
C THR A 374 -9.38 -7.45 -25.03
N LEU A 375 -8.83 -6.77 -26.03
CA LEU A 375 -9.62 -5.99 -26.96
C LEU A 375 -9.24 -6.34 -28.40
N PRO A 376 -10.17 -6.19 -29.34
CA PRO A 376 -9.83 -6.39 -30.74
C PRO A 376 -8.82 -5.35 -31.20
N SER A 377 -8.07 -5.69 -32.25
CA SER A 377 -7.02 -4.81 -32.73
C SER A 377 -7.59 -3.70 -33.59
N GLU A 378 -8.61 -3.01 -33.09
CA GLU A 378 -9.10 -1.79 -33.69
C GLU A 378 -9.14 -0.63 -32.71
N VAL A 379 -8.72 -0.85 -31.46
CA VAL A 379 -8.64 0.25 -30.50
C VAL A 379 -7.56 1.24 -30.91
N ASN A 380 -6.62 0.81 -31.75
CA ASN A 380 -5.64 1.74 -32.31
C ASN A 380 -6.31 2.80 -33.17
N LEU A 381 -7.46 2.46 -33.78
CA LEU A 381 -8.16 3.42 -34.62
C LEU A 381 -8.82 4.52 -33.80
N CYS A 382 -9.04 4.28 -32.51
CA CYS A 382 -9.59 5.33 -31.65
C CYS A 382 -8.64 6.51 -31.53
N ASN A 383 -7.33 6.26 -31.57
CA ASN A 383 -6.36 7.34 -31.35
C ASN A 383 -6.26 8.27 -32.55
N VAL A 384 -6.62 7.82 -33.75
CA VAL A 384 -6.48 8.64 -34.94
C VAL A 384 -7.82 9.10 -35.51
N ASP A 385 -8.94 8.53 -35.08
CA ASP A 385 -10.25 8.94 -35.58
C ASP A 385 -11.28 8.63 -34.50
N ILE A 386 -11.70 9.67 -33.78
CA ILE A 386 -12.63 9.48 -32.66
C ILE A 386 -13.98 9.00 -33.14
N PHE A 387 -14.35 9.30 -34.39
CA PHE A 387 -15.67 8.95 -34.92
C PHE A 387 -15.61 7.76 -35.87
N ASN A 388 -14.69 6.82 -35.64
CA ASN A 388 -14.60 5.66 -36.51
C ASN A 388 -15.82 4.76 -36.34
N PRO A 389 -16.18 3.99 -37.37
CA PRO A 389 -17.34 3.09 -37.27
C PRO A 389 -17.03 1.63 -36.93
N LYS A 390 -15.76 1.28 -36.71
CA LYS A 390 -15.39 -0.10 -36.46
C LYS A 390 -15.25 -0.43 -34.98
N TYR A 391 -14.83 0.53 -34.16
CA TYR A 391 -14.70 0.29 -32.72
C TYR A 391 -15.00 1.60 -32.02
N ASP A 392 -16.23 1.77 -31.56
CA ASP A 392 -16.62 2.99 -30.84
C ASP A 392 -15.80 3.13 -29.57
N CYS A 393 -15.28 4.33 -29.33
CA CYS A 393 -14.44 4.58 -28.18
C CYS A 393 -15.29 4.76 -26.93
N LYS A 394 -14.64 5.04 -25.81
CA LYS A 394 -15.32 5.25 -24.53
C LYS A 394 -15.04 6.66 -24.04
N ILE A 395 -16.10 7.35 -23.58
CA ILE A 395 -15.99 8.71 -23.10
C ILE A 395 -16.74 8.83 -21.78
N MET A 396 -16.44 9.91 -21.06
CA MET A 396 -17.13 10.30 -19.84
C MET A 396 -17.63 11.72 -20.03
N THR A 397 -18.93 11.91 -19.86
CA THR A 397 -19.58 13.21 -20.05
C THR A 397 -20.01 13.75 -18.70
N SER A 398 -19.52 14.94 -18.35
CA SER A 398 -19.86 15.56 -17.09
C SER A 398 -19.63 17.05 -17.18
N LYS A 399 -20.26 17.80 -16.28
CA LYS A 399 -20.10 19.24 -16.20
C LYS A 399 -19.07 19.65 -15.16
N THR A 400 -18.09 18.80 -14.90
CA THR A 400 -17.02 19.09 -13.95
C THR A 400 -16.02 20.02 -14.63
N ASP A 401 -16.16 21.32 -14.37
CA ASP A 401 -15.32 22.33 -14.99
C ASP A 401 -14.20 22.70 -14.03
N VAL A 402 -13.19 21.83 -13.94
CA VAL A 402 -12.04 22.03 -13.07
C VAL A 402 -10.77 21.90 -13.88
N SER A 403 -9.85 22.84 -13.71
CA SER A 403 -8.59 22.81 -14.43
C SER A 403 -7.68 21.73 -13.88
N SER A 404 -6.92 21.08 -14.76
CA SER A 404 -6.02 20.03 -14.32
C SER A 404 -4.98 19.76 -15.39
N SER A 405 -3.88 19.12 -14.99
CA SER A 405 -2.79 18.81 -15.90
C SER A 405 -2.41 17.35 -15.77
N VAL A 406 -1.90 16.79 -16.86
CA VAL A 406 -1.40 15.43 -16.92
C VAL A 406 0.05 15.48 -17.38
N ILE A 407 0.95 14.95 -16.56
CA ILE A 407 2.37 14.94 -16.88
C ILE A 407 2.65 13.60 -17.57
N THR A 408 2.52 13.61 -18.89
CA THR A 408 2.86 12.45 -19.70
C THR A 408 4.37 12.42 -19.92
N SER A 409 4.86 11.33 -20.50
CA SER A 409 6.26 11.27 -20.89
C SER A 409 6.51 12.21 -22.05
N LEU A 410 7.71 12.83 -22.05
CA LEU A 410 8.19 13.75 -23.07
C LEU A 410 7.37 15.02 -23.21
N GLY A 411 6.50 15.34 -22.26
CA GLY A 411 5.72 16.54 -22.36
C GLY A 411 4.66 16.62 -21.28
N ALA A 412 3.75 17.56 -21.46
CA ALA A 412 2.69 17.79 -20.49
C ALA A 412 1.45 18.30 -21.19
N ILE A 413 0.29 17.87 -20.70
CA ILE A 413 -1.01 18.35 -21.16
C ILE A 413 -1.61 19.21 -20.05
N VAL A 414 -2.15 20.37 -20.41
CA VAL A 414 -2.81 21.25 -19.46
C VAL A 414 -4.21 21.53 -19.98
N SER A 415 -5.20 21.49 -19.10
CA SER A 415 -6.56 21.92 -19.39
C SER A 415 -6.89 23.01 -18.40
N CYS A 416 -7.02 24.23 -18.89
CA CYS A 416 -7.15 25.42 -18.05
C CYS A 416 -8.48 26.10 -18.35
N TYR A 417 -9.32 26.22 -17.33
CA TYR A 417 -10.62 26.85 -17.48
C TYR A 417 -10.89 27.77 -16.30
N GLY A 418 -11.94 28.56 -16.42
CA GLY A 418 -12.28 29.50 -15.36
C GLY A 418 -11.25 30.61 -15.24
N LYS A 419 -11.08 31.09 -14.02
CA LYS A 419 -10.16 32.19 -13.75
C LYS A 419 -8.77 31.72 -13.34
N THR A 420 -8.55 30.40 -13.26
CA THR A 420 -7.25 29.89 -12.83
C THR A 420 -6.17 30.27 -13.83
N LYS A 421 -4.97 30.54 -13.32
CA LYS A 421 -3.83 30.92 -14.13
C LYS A 421 -2.93 29.71 -14.31
N CYS A 422 -2.66 29.36 -15.56
CA CYS A 422 -1.84 28.20 -15.90
C CYS A 422 -0.66 28.65 -16.76
N THR A 423 0.54 28.19 -16.40
CA THR A 423 1.77 28.61 -17.07
C THR A 423 2.74 27.46 -17.16
N ALA A 424 3.70 27.59 -18.06
CA ALA A 424 4.81 26.65 -18.20
C ALA A 424 6.11 27.43 -18.09
N SER A 425 6.99 27.00 -17.20
CA SER A 425 8.18 27.75 -16.84
C SER A 425 9.43 26.95 -17.09
N ASN A 426 10.42 27.58 -17.70
CA ASN A 426 11.77 27.06 -17.86
C ASN A 426 12.52 27.19 -16.53
N LYS A 427 13.62 26.45 -16.41
CA LYS A 427 14.44 26.51 -15.21
C LYS A 427 15.11 27.88 -15.04
N ASN A 428 15.58 28.49 -16.13
CA ASN A 428 16.28 29.77 -16.07
C ASN A 428 15.52 30.93 -16.66
N ARG A 429 14.73 30.71 -17.71
CA ARG A 429 13.98 31.78 -18.35
C ARG A 429 12.60 32.00 -17.75
N GLY A 430 12.29 31.32 -16.63
CA GLY A 430 11.04 31.57 -15.94
C GLY A 430 9.83 31.28 -16.81
N ILE A 431 8.78 32.05 -16.60
CA ILE A 431 7.54 31.86 -17.34
C ILE A 431 7.80 32.17 -18.81
N ILE A 432 7.45 31.21 -19.68
CA ILE A 432 7.58 31.36 -21.12
C ILE A 432 6.26 31.19 -21.84
N LYS A 433 5.18 30.89 -21.13
CA LYS A 433 3.89 30.70 -21.77
C LYS A 433 2.78 31.22 -20.86
N THR A 434 1.63 31.51 -21.46
CA THR A 434 0.51 32.16 -20.79
C THR A 434 -0.77 31.41 -21.15
N PHE A 435 -0.76 30.09 -20.89
CA PHE A 435 -1.80 29.15 -21.29
C PHE A 435 -3.20 29.74 -21.25
N SER A 436 -3.94 29.60 -22.35
CA SER A 436 -5.28 30.13 -22.45
C SER A 436 -6.30 29.06 -22.08
N ASN A 437 -7.58 29.43 -22.10
CA ASN A 437 -8.64 28.49 -21.76
C ASN A 437 -8.73 27.40 -22.81
N GLY A 438 -8.90 26.16 -22.35
CA GLY A 438 -8.96 25.02 -23.23
C GLY A 438 -7.89 23.99 -22.91
N CYS A 439 -7.60 23.13 -23.87
CA CYS A 439 -6.58 22.09 -23.73
C CYS A 439 -5.37 22.42 -24.60
N ASP A 440 -4.18 22.30 -24.02
CA ASP A 440 -2.95 22.60 -24.73
C ASP A 440 -1.88 21.65 -24.25
N TYR A 441 -0.78 21.58 -25.01
CA TYR A 441 0.27 20.61 -24.77
C TYR A 441 1.62 21.26 -25.02
N VAL A 442 2.58 20.97 -24.14
CA VAL A 442 3.94 21.51 -24.25
C VAL A 442 4.95 20.39 -24.14
N SER A 443 5.89 20.34 -25.08
CA SER A 443 6.92 19.31 -25.05
C SER A 443 7.92 19.61 -23.94
N ASN A 444 8.75 18.61 -23.62
CA ASN A 444 9.76 18.78 -22.59
C ASN A 444 11.02 19.47 -23.12
N LYS A 445 11.09 19.75 -24.41
CA LYS A 445 12.20 20.51 -24.98
C LYS A 445 12.03 21.96 -24.54
N GLY A 446 12.81 22.37 -23.56
CA GLY A 446 12.68 23.70 -22.96
C GLY A 446 11.78 23.77 -21.75
N VAL A 447 10.51 23.40 -21.90
CA VAL A 447 9.57 23.46 -20.79
C VAL A 447 9.97 22.44 -19.74
N ASP A 448 10.11 22.89 -18.50
CA ASP A 448 10.54 22.04 -17.39
C ASP A 448 9.54 21.94 -16.26
N THR A 449 8.84 23.03 -15.92
CA THR A 449 7.85 23.00 -14.86
C THR A 449 6.53 23.50 -15.39
N VAL A 450 5.43 23.02 -14.81
CA VAL A 450 4.08 23.44 -15.20
C VAL A 450 3.33 23.84 -13.95
N SER A 451 2.81 25.06 -13.92
CA SER A 451 2.06 25.57 -12.78
C SER A 451 0.60 25.68 -13.19
N VAL A 452 -0.28 25.05 -12.42
CA VAL A 452 -1.72 25.16 -12.61
C VAL A 452 -2.34 25.62 -11.30
N GLY A 453 -2.98 26.77 -11.32
CA GLY A 453 -3.38 27.38 -10.07
C GLY A 453 -2.13 27.73 -9.29
N ASN A 454 -1.85 26.95 -8.24
CA ASN A 454 -0.54 26.99 -7.60
C ASN A 454 0.16 25.64 -7.60
N THR A 455 -0.53 24.57 -7.99
CA THR A 455 0.10 23.26 -8.03
C THR A 455 1.23 23.25 -9.03
N LEU A 456 2.39 22.73 -8.61
CA LEU A 456 3.60 22.69 -9.41
C LEU A 456 3.89 21.25 -9.80
N TYR A 457 3.96 21.00 -11.10
CA TYR A 457 4.30 19.69 -11.63
C TYR A 457 5.62 19.78 -12.39
N TYR A 458 6.41 18.73 -12.31
CA TYR A 458 7.67 18.63 -13.04
C TYR A 458 7.49 17.64 -14.18
N VAL A 459 7.86 18.06 -15.38
CA VAL A 459 7.68 17.23 -16.57
C VAL A 459 8.87 16.29 -16.69
N ASN A 460 8.64 15.14 -17.31
CA ASN A 460 9.69 14.17 -17.51
C ASN A 460 10.71 14.70 -18.51
N LYS A 461 11.99 14.39 -18.26
CA LYS A 461 13.08 14.87 -19.10
C LYS A 461 13.64 13.78 -20.01
N GLN A 462 12.85 12.76 -20.31
CA GLN A 462 13.29 11.71 -21.21
C GLN A 462 13.42 12.26 -22.63
N GLU A 463 14.55 11.96 -23.26
CA GLU A 463 14.82 12.46 -24.61
C GLU A 463 13.95 11.72 -25.62
N GLY A 464 13.37 12.48 -26.54
CA GLY A 464 12.54 11.88 -27.57
C GLY A 464 11.95 12.94 -28.48
N LYS A 465 11.22 12.48 -29.48
CA LYS A 465 10.63 13.35 -30.50
C LYS A 465 9.15 13.53 -30.22
N SER A 466 8.69 14.78 -30.26
CA SER A 466 7.29 15.12 -30.04
C SER A 466 6.66 15.67 -31.31
N LEU A 467 5.39 15.34 -31.51
CA LEU A 467 4.63 15.80 -32.67
C LEU A 467 3.29 16.33 -32.20
N TYR A 468 2.84 17.43 -32.80
CA TYR A 468 1.63 18.13 -32.39
C TYR A 468 0.72 18.26 -33.61
N VAL A 469 -0.32 17.44 -33.67
CA VAL A 469 -1.25 17.45 -34.79
C VAL A 469 -2.42 18.38 -34.44
N LYS A 470 -2.65 19.37 -35.27
CA LYS A 470 -3.69 20.36 -35.01
C LYS A 470 -5.06 19.80 -35.36
N GLY A 471 -6.09 20.40 -34.79
CA GLY A 471 -7.44 19.96 -35.05
C GLY A 471 -8.45 20.86 -34.37
N GLU A 472 -9.69 20.39 -34.33
CA GLU A 472 -10.79 21.13 -33.73
C GLU A 472 -11.45 20.28 -32.66
N PRO A 473 -11.60 20.80 -31.44
CA PRO A 473 -12.04 19.96 -30.31
C PRO A 473 -13.41 19.33 -30.56
N ILE A 474 -13.54 18.06 -30.18
CA ILE A 474 -14.75 17.31 -30.46
C ILE A 474 -15.95 17.90 -29.71
N ILE A 475 -15.70 18.44 -28.50
CA ILE A 475 -16.81 18.92 -27.67
C ILE A 475 -17.53 20.07 -28.34
N ASN A 476 -16.84 20.80 -29.23
CA ASN A 476 -17.49 21.91 -29.93
C ASN A 476 -18.52 21.41 -30.94
N PHE A 477 -18.34 20.19 -31.45
CA PHE A 477 -19.29 19.66 -32.43
C PHE A 477 -20.66 19.42 -31.81
N TYR A 478 -20.71 19.08 -30.52
CA TYR A 478 -21.96 18.84 -29.83
C TYR A 478 -22.63 20.17 -29.48
N ASP A 479 -23.85 20.09 -28.96
CA ASP A 479 -24.60 21.27 -28.54
C ASP A 479 -24.95 21.12 -27.07
N PRO A 480 -24.63 22.11 -26.22
CA PRO A 480 -24.90 22.02 -24.77
C PRO A 480 -26.35 22.32 -24.40
N LEU A 481 -27.29 21.72 -25.11
CA LEU A 481 -28.71 21.90 -24.82
C LEU A 481 -29.43 20.57 -24.59
N VAL A 482 -29.09 19.53 -25.35
CA VAL A 482 -29.58 18.19 -25.12
C VAL A 482 -28.46 17.25 -24.69
N PHE A 483 -27.35 17.82 -24.23
CA PHE A 483 -26.20 17.03 -23.84
C PHE A 483 -26.52 16.18 -22.62
N PRO A 484 -26.31 14.87 -22.66
CA PRO A 484 -26.53 14.01 -21.48
C PRO A 484 -25.34 14.05 -20.54
N SER A 485 -25.29 15.08 -19.71
CA SER A 485 -24.18 15.27 -18.78
C SER A 485 -24.41 14.48 -17.48
N ASP A 486 -24.69 13.20 -17.62
CA ASP A 486 -24.90 12.32 -16.47
C ASP A 486 -24.16 11.00 -16.55
N GLU A 487 -23.81 10.54 -17.75
CA GLU A 487 -23.18 9.23 -17.92
C GLU A 487 -21.82 9.18 -17.20
N PHE A 488 -21.33 7.96 -17.01
CA PHE A 488 -20.00 7.74 -16.46
C PHE A 488 -19.03 7.23 -17.52
N ASP A 489 -19.35 6.12 -18.18
CA ASP A 489 -18.62 5.69 -19.36
C ASP A 489 -19.50 4.74 -20.17
N ALA A 490 -20.18 5.27 -21.18
CA ALA A 490 -20.95 4.38 -22.04
C ALA A 490 -20.22 4.04 -23.33
N SER A 491 -20.12 5.01 -24.23
CA SER A 491 -19.39 4.91 -25.49
C SER A 491 -19.63 6.21 -26.27
N ILE A 492 -18.96 6.33 -27.42
CA ILE A 492 -19.31 7.38 -28.36
C ILE A 492 -20.68 7.08 -29.00
N SER A 493 -20.88 5.84 -29.43
CA SER A 493 -22.12 5.48 -30.13
C SER A 493 -23.34 5.64 -29.23
N GLN A 494 -23.21 5.25 -27.96
CA GLN A 494 -24.33 5.41 -27.03
C GLN A 494 -24.68 6.87 -26.81
N VAL A 495 -23.67 7.73 -26.69
CA VAL A 495 -23.93 9.16 -26.55
C VAL A 495 -24.62 9.69 -27.80
N ASN A 496 -24.16 9.27 -28.98
CA ASN A 496 -24.78 9.72 -30.22
C ASN A 496 -26.23 9.26 -30.33
N GLU A 497 -26.51 8.02 -29.95
CA GLU A 497 -27.87 7.52 -30.06
C GLU A 497 -28.78 8.17 -29.01
N LYS A 498 -28.25 8.48 -27.83
CA LYS A 498 -29.03 9.23 -26.85
C LYS A 498 -29.34 10.63 -27.36
N ILE A 499 -28.37 11.28 -28.00
CA ILE A 499 -28.61 12.59 -28.59
C ILE A 499 -29.68 12.50 -29.68
N ASN A 500 -29.61 11.47 -30.52
CA ASN A 500 -30.61 11.30 -31.57
C ASN A 500 -32.00 11.06 -30.98
N GLN A 501 -32.08 10.25 -29.92
CA GLN A 501 -33.37 10.02 -29.27
C GLN A 501 -33.92 11.31 -28.68
N SER A 502 -33.06 12.11 -28.04
CA SER A 502 -33.51 13.38 -27.48
C SER A 502 -34.00 14.32 -28.59
N LEU A 503 -33.29 14.36 -29.71
CA LEU A 503 -33.73 15.19 -30.83
C LEU A 503 -35.06 14.72 -31.39
N ALA A 504 -35.25 13.40 -31.50
CA ALA A 504 -36.51 12.86 -32.00
C ALA A 504 -37.65 13.11 -31.03
N PHE A 505 -37.36 13.20 -29.73
CA PHE A 505 -38.41 13.46 -28.75
C PHE A 505 -39.05 14.82 -28.99
N ILE A 506 -38.24 15.83 -29.32
CA ILE A 506 -38.77 17.17 -29.60
C ILE A 506 -39.36 17.22 -31.00
N GLU B 1 -5.06 -16.19 -43.25
CA GLU B 1 -4.40 -15.71 -44.45
C GLU B 1 -2.95 -15.31 -44.17
N VAL B 2 -2.27 -16.12 -43.37
CA VAL B 2 -0.88 -15.86 -43.03
C VAL B 2 0.00 -16.40 -44.16
N GLN B 3 0.65 -15.50 -44.90
CA GLN B 3 1.47 -15.86 -46.04
C GLN B 3 2.93 -15.53 -45.73
N LEU B 4 3.78 -16.54 -45.83
CA LEU B 4 5.22 -16.41 -45.64
C LEU B 4 5.91 -16.89 -46.92
N VAL B 5 6.43 -15.96 -47.71
CA VAL B 5 7.05 -16.29 -48.98
C VAL B 5 8.53 -15.92 -48.91
N GLU B 6 9.39 -16.89 -49.18
CA GLU B 6 10.83 -16.71 -49.05
C GLU B 6 11.50 -16.91 -50.40
N SER B 7 12.57 -16.15 -50.63
CA SER B 7 13.26 -16.14 -51.91
C SER B 7 14.70 -15.70 -51.69
N GLY B 8 15.46 -15.67 -52.78
CA GLY B 8 16.85 -15.27 -52.74
C GLY B 8 17.85 -16.40 -52.77
N GLY B 9 17.39 -17.65 -52.91
CA GLY B 9 18.29 -18.78 -52.94
C GLY B 9 18.81 -19.09 -54.34
N GLY B 10 20.06 -19.54 -54.40
CA GLY B 10 20.65 -19.89 -55.67
C GLY B 10 22.02 -20.51 -55.45
N LEU B 11 22.58 -21.01 -56.55
CA LEU B 11 23.87 -21.69 -56.48
C LEU B 11 24.97 -20.70 -56.13
N VAL B 12 25.82 -21.07 -55.18
CA VAL B 12 26.94 -20.25 -54.75
C VAL B 12 28.14 -21.15 -54.52
N LYS B 13 29.31 -20.71 -54.98
CA LYS B 13 30.52 -21.46 -54.77
C LYS B 13 30.87 -21.52 -53.28
N PRO B 14 31.57 -22.57 -52.83
CA PRO B 14 31.98 -22.63 -51.42
C PRO B 14 32.83 -21.43 -51.06
N GLY B 15 32.62 -20.92 -49.84
CA GLY B 15 33.29 -19.72 -49.39
C GLY B 15 32.65 -18.43 -49.83
N GLY B 16 31.52 -18.49 -50.54
CA GLY B 16 30.86 -17.30 -51.00
C GLY B 16 29.89 -16.73 -49.97
N SER B 17 29.26 -15.62 -50.36
CA SER B 17 28.30 -14.93 -49.50
C SER B 17 26.93 -14.93 -50.17
N LEU B 18 25.89 -14.93 -49.36
CA LEU B 18 24.53 -15.03 -49.88
C LEU B 18 23.57 -14.29 -48.96
N ARG B 19 22.41 -13.92 -49.51
CA ARG B 19 21.36 -13.27 -48.76
C ARG B 19 20.03 -13.91 -49.10
N LEU B 20 19.19 -14.12 -48.08
CA LEU B 20 17.87 -14.70 -48.26
C LEU B 20 16.83 -13.78 -47.66
N SER B 21 15.74 -13.55 -48.39
CA SER B 21 14.69 -12.64 -47.98
C SER B 21 13.39 -13.42 -47.74
N CYS B 22 12.57 -12.89 -46.84
CA CYS B 22 11.30 -13.50 -46.47
C CYS B 22 10.28 -12.40 -46.25
N ALA B 23 9.17 -12.45 -46.99
CA ALA B 23 8.10 -11.48 -46.88
C ALA B 23 6.91 -12.13 -46.20
N ALA B 24 6.33 -11.42 -45.23
CA ALA B 24 5.22 -11.91 -44.45
C ALA B 24 4.01 -10.98 -44.63
N SER B 25 2.84 -11.56 -44.79
CA SER B 25 1.63 -10.78 -44.98
C SER B 25 0.45 -11.49 -44.34
N GLY B 26 -0.59 -10.73 -44.04
CA GLY B 26 -1.81 -11.26 -43.47
C GLY B 26 -1.84 -11.32 -41.95
N PHE B 27 -0.84 -10.80 -41.27
CA PHE B 27 -0.83 -10.81 -39.81
C PHE B 27 0.05 -9.66 -39.33
N SER B 28 -0.11 -9.33 -38.06
CA SER B 28 0.70 -8.28 -37.42
C SER B 28 2.12 -8.80 -37.24
N PHE B 29 3.02 -8.41 -38.14
CA PHE B 29 4.39 -8.90 -38.09
C PHE B 29 5.11 -8.41 -36.84
N SER B 30 4.85 -7.17 -36.42
CA SER B 30 5.67 -6.51 -35.42
C SER B 30 5.64 -7.18 -34.05
N SER B 31 4.75 -8.14 -33.82
CA SER B 31 4.62 -8.77 -32.51
C SER B 31 5.03 -10.25 -32.50
N TYR B 32 5.14 -10.90 -33.65
CA TYR B 32 5.46 -12.31 -33.73
C TYR B 32 6.95 -12.49 -34.00
N ASN B 33 7.54 -13.54 -33.42
CA ASN B 33 8.97 -13.72 -33.62
C ASN B 33 9.23 -14.44 -34.94
N MET B 34 10.47 -14.42 -35.39
CA MET B 34 10.83 -15.11 -36.62
C MET B 34 12.02 -16.04 -36.40
N ASN B 35 12.09 -17.07 -37.24
CA ASN B 35 13.18 -18.03 -37.18
C ASN B 35 13.50 -18.46 -38.61
N TRP B 36 14.74 -18.89 -38.80
CA TRP B 36 15.17 -19.55 -40.01
C TRP B 36 15.63 -20.95 -39.64
N VAL B 37 15.09 -21.95 -40.32
CA VAL B 37 15.39 -23.36 -40.01
C VAL B 37 15.81 -24.07 -41.29
N ARG B 38 16.79 -24.96 -41.16
CA ARG B 38 17.31 -25.70 -42.29
C ARG B 38 16.65 -27.07 -42.41
N GLN B 39 16.80 -27.65 -43.60
CA GLN B 39 16.47 -29.06 -43.83
C GLN B 39 17.35 -29.53 -44.98
N ALA B 40 18.40 -30.26 -44.66
CA ALA B 40 19.25 -30.83 -45.69
C ALA B 40 18.49 -31.90 -46.46
N PRO B 41 18.82 -32.11 -47.73
CA PRO B 41 18.08 -33.11 -48.52
C PRO B 41 18.22 -34.50 -47.94
N GLY B 42 17.08 -35.05 -47.50
CA GLY B 42 17.06 -36.39 -46.93
C GLY B 42 17.51 -36.48 -45.49
N LYS B 43 17.80 -35.35 -44.85
CA LYS B 43 18.25 -35.32 -43.47
C LYS B 43 17.20 -34.65 -42.59
N GLY B 44 17.43 -34.70 -41.28
CA GLY B 44 16.51 -34.11 -40.34
C GLY B 44 16.61 -32.60 -40.30
N LEU B 45 15.65 -32.00 -39.61
CA LEU B 45 15.63 -30.55 -39.47
C LEU B 45 16.69 -30.09 -38.48
N GLU B 46 16.99 -28.80 -38.54
CA GLU B 46 18.03 -28.22 -37.69
C GLU B 46 17.81 -26.72 -37.60
N TRP B 47 17.54 -26.22 -36.40
CA TRP B 47 17.30 -24.80 -36.22
C TRP B 47 18.56 -24.01 -36.53
N VAL B 48 18.38 -22.81 -37.08
CA VAL B 48 19.52 -22.03 -37.59
C VAL B 48 19.59 -20.65 -36.97
N SER B 49 18.49 -19.91 -36.96
CA SER B 49 18.54 -18.54 -36.45
C SER B 49 17.21 -18.13 -35.85
N SER B 50 17.27 -17.23 -34.88
CA SER B 50 16.05 -16.70 -34.26
C SER B 50 16.16 -15.19 -34.11
N ILE B 51 15.00 -14.53 -34.05
CA ILE B 51 14.95 -13.11 -33.73
C ILE B 51 13.56 -12.80 -33.19
N THR B 52 13.49 -11.83 -32.29
CA THR B 52 12.26 -11.42 -31.65
C THR B 52 11.68 -10.18 -32.35
N GLY B 53 10.56 -9.70 -31.83
CA GLY B 53 9.86 -8.60 -32.50
C GLY B 53 10.64 -7.30 -32.50
N GLY B 54 11.33 -7.01 -31.40
CA GLY B 54 12.04 -5.75 -31.26
C GLY B 54 13.42 -5.69 -31.87
N SER B 55 13.85 -6.76 -32.54
CA SER B 55 15.13 -6.84 -33.25
C SER B 55 16.34 -6.74 -32.32
N ASN B 56 16.14 -6.83 -31.01
CA ASN B 56 17.24 -6.71 -30.05
C ASN B 56 17.42 -7.94 -29.18
N PHE B 57 16.96 -9.11 -29.63
CA PHE B 57 17.26 -10.39 -29.00
C PHE B 57 17.62 -11.36 -30.12
N ILE B 58 18.89 -11.39 -30.50
CA ILE B 58 19.37 -12.28 -31.55
C ILE B 58 19.74 -13.61 -30.92
N ASP B 59 19.67 -14.68 -31.70
CA ASP B 59 19.98 -16.00 -31.18
C ASP B 59 20.44 -16.92 -32.30
N TYR B 60 21.56 -17.60 -32.07
CA TYR B 60 22.14 -18.56 -32.98
C TYR B 60 22.56 -19.79 -32.18
N PRO B 61 22.65 -20.95 -32.83
CA PRO B 61 23.23 -22.12 -32.17
C PRO B 61 24.76 -22.03 -32.14
N ASP B 62 25.36 -22.94 -31.39
CA ASP B 62 26.81 -22.90 -31.18
C ASP B 62 27.57 -23.14 -32.48
N SER B 63 27.10 -24.09 -33.30
CA SER B 63 27.86 -24.46 -34.49
C SER B 63 27.94 -23.33 -35.51
N LEU B 64 26.84 -22.60 -35.71
CA LEU B 64 26.77 -21.56 -36.72
C LEU B 64 26.94 -20.16 -36.14
N LYS B 65 27.46 -20.05 -34.93
CA LYS B 65 27.59 -18.75 -34.28
C LYS B 65 28.68 -17.92 -34.95
N GLY B 66 28.38 -16.65 -35.18
CA GLY B 66 29.33 -15.70 -35.72
C GLY B 66 29.40 -15.65 -37.24
N ARG B 67 28.67 -16.53 -37.94
CA ARG B 67 28.69 -16.57 -39.40
C ARG B 67 27.39 -16.06 -40.01
N PHE B 68 26.25 -16.54 -39.53
CA PHE B 68 24.95 -16.15 -40.07
C PHE B 68 24.46 -14.92 -39.31
N THR B 69 24.10 -13.87 -40.04
CA THR B 69 23.58 -12.65 -39.44
C THR B 69 22.14 -12.43 -39.88
N ILE B 70 21.25 -12.32 -38.92
CA ILE B 70 19.82 -12.21 -39.20
C ILE B 70 19.36 -10.80 -38.85
N SER B 71 18.48 -10.25 -39.69
CA SER B 71 17.99 -8.89 -39.46
C SER B 71 16.59 -8.77 -40.03
N ARG B 72 15.63 -8.33 -39.22
CA ARG B 72 14.27 -8.12 -39.67
C ARG B 72 14.00 -6.63 -39.80
N ASP B 73 13.49 -6.23 -40.96
CA ASP B 73 13.08 -4.86 -41.20
C ASP B 73 11.57 -4.80 -41.06
N ASN B 74 11.11 -4.07 -40.05
CA ASN B 74 9.70 -4.05 -39.69
C ASN B 74 8.87 -3.13 -40.57
N SER B 75 9.51 -2.24 -41.32
CA SER B 75 8.77 -1.22 -42.06
C SER B 75 7.94 -1.84 -43.19
N ARG B 76 8.55 -2.70 -44.01
CA ARG B 76 7.83 -3.36 -45.09
C ARG B 76 7.63 -4.84 -44.82
N ASN B 77 7.68 -5.25 -43.55
CA ASN B 77 7.42 -6.63 -43.15
C ASN B 77 8.36 -7.61 -43.86
N SER B 78 9.65 -7.48 -43.56
CA SER B 78 10.67 -8.28 -44.23
C SER B 78 11.64 -8.88 -43.23
N LEU B 79 12.18 -10.05 -43.59
CA LEU B 79 13.20 -10.74 -42.83
C LEU B 79 14.36 -11.07 -43.76
N TYR B 80 15.59 -10.92 -43.27
CA TYR B 80 16.77 -11.18 -44.09
C TYR B 80 17.76 -12.01 -43.31
N LEU B 81 18.40 -12.95 -44.00
CA LEU B 81 19.48 -13.75 -43.42
C LEU B 81 20.69 -13.66 -44.34
N GLN B 82 21.83 -13.26 -43.79
CA GLN B 82 23.07 -13.11 -44.52
C GLN B 82 24.01 -14.25 -44.13
N MET B 83 24.46 -15.00 -45.13
CA MET B 83 25.33 -16.15 -44.95
C MET B 83 26.72 -15.81 -45.48
N ASN B 84 27.72 -15.96 -44.62
CA ASN B 84 29.12 -15.73 -44.99
C ASN B 84 29.92 -17.01 -44.76
N SER B 85 30.89 -17.25 -45.64
CA SER B 85 31.82 -18.36 -45.50
C SER B 85 31.08 -19.70 -45.45
N LEU B 86 30.41 -20.01 -46.55
CA LEU B 86 29.70 -21.27 -46.68
C LEU B 86 30.65 -22.44 -46.62
N ARG B 87 30.13 -23.59 -46.18
CA ARG B 87 30.89 -24.84 -46.14
C ARG B 87 30.08 -25.90 -46.86
N ALA B 88 30.54 -27.15 -46.77
CA ALA B 88 29.86 -28.25 -47.48
C ALA B 88 28.44 -28.44 -46.98
N GLU B 89 28.16 -28.08 -45.72
CA GLU B 89 26.81 -28.15 -45.19
C GLU B 89 26.00 -26.94 -45.63
N ASP B 90 24.85 -26.73 -44.99
CA ASP B 90 23.97 -25.58 -45.22
C ASP B 90 23.23 -25.71 -46.54
N THR B 91 23.52 -26.75 -47.30
CA THR B 91 22.76 -27.02 -48.52
C THR B 91 21.44 -27.67 -48.17
N GLY B 92 20.39 -27.25 -48.86
CA GLY B 92 19.06 -27.79 -48.65
C GLY B 92 18.03 -26.70 -48.65
N LEU B 93 16.89 -26.98 -48.02
CA LEU B 93 15.81 -26.02 -47.94
C LEU B 93 15.95 -25.15 -46.70
N TYR B 94 15.66 -23.87 -46.86
CA TYR B 94 15.61 -22.91 -45.77
C TYR B 94 14.18 -22.44 -45.61
N TYR B 95 13.66 -22.52 -44.39
CA TYR B 95 12.30 -22.12 -44.09
C TYR B 95 12.31 -20.90 -43.19
N CYS B 96 11.54 -19.88 -43.56
CA CYS B 96 11.32 -18.69 -42.74
C CYS B 96 10.02 -18.92 -41.98
N VAL B 97 10.14 -19.19 -40.69
CA VAL B 97 9.03 -19.73 -39.89
C VAL B 97 8.70 -18.75 -38.78
N ARG B 98 7.40 -18.46 -38.63
CA ARG B 98 6.95 -17.52 -37.61
C ARG B 98 6.77 -18.21 -36.27
N GLU B 99 7.56 -17.78 -35.29
CA GLU B 99 7.40 -18.24 -33.90
C GLU B 99 6.22 -17.49 -33.30
N SER B 100 5.17 -18.23 -32.98
CA SER B 100 3.88 -17.69 -32.57
C SER B 100 3.55 -18.15 -31.17
N TYR B 101 3.41 -17.20 -30.25
CA TYR B 101 3.04 -17.48 -28.86
C TYR B 101 1.52 -17.68 -28.77
N PHE B 102 0.97 -17.48 -27.58
CA PHE B 102 -0.44 -17.56 -27.21
C PHE B 102 -0.86 -18.99 -26.88
N GLY B 103 0.02 -19.97 -27.02
CA GLY B 103 -0.20 -21.26 -26.41
C GLY B 103 0.24 -21.24 -24.96
N SER B 104 -0.44 -20.44 -24.14
CA SER B 104 -0.09 -20.18 -22.75
C SER B 104 1.34 -19.66 -22.65
N GLY B 105 1.93 -19.73 -21.45
CA GLY B 105 3.33 -19.40 -21.32
C GLY B 105 4.17 -20.42 -22.05
N GLY B 106 4.25 -21.62 -21.48
CA GLY B 106 4.73 -22.81 -22.18
C GLY B 106 6.04 -22.74 -22.93
N SER B 107 6.90 -21.79 -22.57
CA SER B 107 8.21 -21.63 -23.19
C SER B 107 8.14 -21.72 -24.73
N LEU B 108 8.73 -22.78 -25.29
CA LEU B 108 8.66 -23.03 -26.73
C LEU B 108 7.21 -23.06 -27.19
N ASN B 109 6.81 -22.15 -28.07
CA ASN B 109 5.37 -22.13 -28.26
C ASN B 109 4.85 -23.11 -29.29
N TRP B 110 4.79 -22.75 -30.58
CA TRP B 110 4.26 -23.71 -31.55
C TRP B 110 4.48 -23.43 -33.04
N PHE B 111 5.69 -23.11 -33.53
CA PHE B 111 5.78 -22.37 -34.80
C PHE B 111 4.84 -22.91 -35.87
N ASP B 112 3.80 -22.14 -36.20
CA ASP B 112 2.76 -22.62 -37.11
C ASP B 112 3.07 -22.45 -38.60
N PRO B 113 3.24 -21.21 -39.11
CA PRO B 113 3.09 -20.99 -40.56
C PRO B 113 4.39 -21.14 -41.34
N TRP B 114 4.80 -22.38 -41.55
CA TRP B 114 6.02 -22.65 -42.30
C TRP B 114 5.84 -22.25 -43.77
N GLY B 115 6.80 -21.53 -44.30
CA GLY B 115 6.78 -21.19 -45.70
C GLY B 115 7.18 -22.36 -46.57
N GLN B 116 7.02 -22.16 -47.89
CA GLN B 116 7.34 -23.23 -48.82
C GLN B 116 8.83 -23.53 -48.87
N GLY B 117 9.68 -22.56 -48.55
CA GLY B 117 11.10 -22.81 -48.45
C GLY B 117 11.87 -22.40 -49.69
N THR B 118 13.12 -22.02 -49.49
CA THR B 118 14.02 -21.65 -50.57
C THR B 118 15.16 -22.66 -50.63
N LEU B 119 15.47 -23.14 -51.82
CA LEU B 119 16.53 -24.13 -52.00
C LEU B 119 17.86 -23.43 -52.20
N VAL B 120 18.84 -23.77 -51.36
CA VAL B 120 20.19 -23.20 -51.44
C VAL B 120 21.15 -24.35 -51.65
N ILE B 121 21.96 -24.27 -52.72
CA ILE B 121 22.89 -25.30 -53.10
C ILE B 121 24.29 -24.72 -53.07
N VAL B 122 25.21 -25.43 -52.40
CA VAL B 122 26.63 -25.09 -52.41
C VAL B 122 27.38 -26.23 -53.05
N SER B 123 28.25 -25.90 -54.01
CA SER B 123 29.05 -26.87 -54.75
C SER B 123 29.95 -26.09 -55.70
N SER B 124 30.86 -26.81 -56.35
CA SER B 124 31.72 -26.21 -57.36
C SER B 124 31.22 -26.52 -58.76
N GLN C 1 23.77 -37.14 -35.65
CA GLN C 1 23.66 -37.11 -34.19
C GLN C 1 22.82 -35.92 -33.73
N SER C 2 21.62 -36.21 -33.22
CA SER C 2 20.72 -35.20 -32.70
C SER C 2 20.65 -35.28 -31.18
N VAL C 3 20.20 -34.18 -30.57
CA VAL C 3 20.06 -34.14 -29.12
C VAL C 3 19.03 -35.15 -28.65
N LEU C 4 17.90 -35.24 -29.35
CA LEU C 4 16.88 -36.21 -29.03
C LEU C 4 17.04 -37.47 -29.88
N THR C 5 16.44 -38.55 -29.42
CA THR C 5 16.46 -39.82 -30.12
C THR C 5 15.05 -40.18 -30.57
N GLN C 6 14.93 -40.68 -31.79
CA GLN C 6 13.66 -41.10 -32.36
C GLN C 6 13.87 -42.39 -33.15
N PRO C 7 12.88 -43.27 -33.18
CA PRO C 7 12.98 -44.49 -33.98
C PRO C 7 13.15 -44.15 -35.44
N PRO C 8 14.01 -44.88 -36.17
CA PRO C 8 14.21 -44.56 -37.59
C PRO C 8 12.95 -44.70 -38.42
N SER C 9 12.09 -45.66 -38.08
CA SER C 9 10.86 -45.86 -38.82
C SER C 9 9.91 -46.70 -37.99
N VAL C 10 8.62 -46.43 -38.14
CA VAL C 10 7.57 -47.23 -37.53
C VAL C 10 6.59 -47.63 -38.61
N SER C 11 5.88 -48.74 -38.37
CA SER C 11 4.99 -49.31 -39.37
C SER C 11 3.67 -49.69 -38.73
N GLY C 12 2.67 -49.90 -39.57
CA GLY C 12 1.35 -50.29 -39.10
C GLY C 12 0.44 -50.58 -40.26
N ALA C 13 -0.73 -51.11 -39.92
CA ALA C 13 -1.79 -51.42 -40.87
C ALA C 13 -2.92 -50.41 -40.73
N PRO C 14 -3.75 -50.25 -41.77
CA PRO C 14 -4.89 -49.34 -41.66
C PRO C 14 -5.80 -49.73 -40.51
N GLY C 15 -6.26 -48.73 -39.77
CA GLY C 15 -7.09 -48.95 -38.61
C GLY C 15 -6.34 -49.33 -37.34
N GLN C 16 -5.01 -49.25 -37.35
CA GLN C 16 -4.19 -49.63 -36.21
C GLN C 16 -3.50 -48.40 -35.63
N ARG C 17 -3.45 -48.32 -34.30
CA ARG C 17 -2.79 -47.21 -33.63
C ARG C 17 -1.28 -47.44 -33.59
N VAL C 18 -0.53 -46.36 -33.79
CA VAL C 18 0.93 -46.41 -33.75
C VAL C 18 1.42 -45.35 -32.78
N THR C 19 2.40 -45.69 -31.97
CA THR C 19 2.99 -44.79 -30.99
C THR C 19 4.42 -44.46 -31.38
N ILE C 20 4.76 -43.18 -31.36
CA ILE C 20 6.10 -42.69 -31.67
C ILE C 20 6.66 -42.02 -30.44
N SER C 21 7.87 -42.40 -30.06
CA SER C 21 8.49 -41.93 -28.83
C SER C 21 9.48 -40.81 -29.10
N CYS C 22 9.66 -39.95 -28.09
CA CYS C 22 10.59 -38.83 -28.14
C CYS C 22 11.28 -38.76 -26.78
N THR C 23 12.52 -39.22 -26.72
CA THR C 23 13.25 -39.35 -25.46
C THR C 23 14.42 -38.38 -25.43
N GLY C 24 14.67 -37.80 -24.25
CA GLY C 24 15.72 -36.81 -24.11
C GLY C 24 16.33 -36.82 -22.73
N SER C 25 17.35 -35.97 -22.57
CA SER C 25 18.14 -35.88 -21.35
C SER C 25 17.51 -34.92 -20.34
N SER C 26 18.29 -34.53 -19.32
CA SER C 26 17.80 -33.59 -18.33
C SER C 26 17.62 -32.19 -18.92
N SER C 27 18.64 -31.70 -19.64
CA SER C 27 18.56 -30.39 -20.30
C SER C 27 17.84 -30.54 -21.65
N SER C 28 16.60 -31.01 -21.53
CA SER C 28 15.85 -31.55 -22.67
C SER C 28 14.38 -31.54 -22.26
N ILE C 29 13.59 -32.48 -22.77
CA ILE C 29 12.23 -32.75 -22.31
C ILE C 29 12.14 -32.55 -20.80
N GLY C 30 13.13 -33.05 -20.06
CA GLY C 30 13.18 -32.86 -18.63
C GLY C 30 13.19 -31.39 -18.25
N ARG C 31 12.89 -31.14 -16.96
CA ARG C 31 12.60 -29.81 -16.44
C ARG C 31 11.26 -29.31 -17.00
N GLY C 32 10.65 -30.10 -17.87
CA GLY C 32 9.37 -29.76 -18.47
C GLY C 32 9.40 -28.55 -19.38
N TYR C 33 10.13 -28.61 -20.49
CA TYR C 33 10.04 -27.52 -21.47
C TYR C 33 8.73 -27.55 -22.25
N ASP C 34 8.60 -28.52 -23.16
CA ASP C 34 7.43 -29.06 -23.86
C ASP C 34 7.95 -29.97 -24.97
N VAL C 35 7.04 -30.63 -25.68
CA VAL C 35 7.36 -31.28 -26.94
C VAL C 35 6.33 -30.85 -27.98
N HIS C 36 6.79 -30.63 -29.20
CA HIS C 36 5.90 -30.31 -30.30
C HIS C 36 6.10 -31.33 -31.42
N TRP C 37 5.01 -31.79 -32.01
CA TRP C 37 5.06 -32.81 -33.05
C TRP C 37 4.69 -32.19 -34.38
N TYR C 38 5.62 -32.27 -35.34
CA TYR C 38 5.48 -31.70 -36.67
C TYR C 38 5.38 -32.82 -37.70
N GLN C 39 4.55 -32.59 -38.71
CA GLN C 39 4.35 -33.51 -39.82
C GLN C 39 4.99 -32.94 -41.08
N GLN C 40 5.54 -33.84 -41.90
CA GLN C 40 6.09 -33.43 -43.20
C GLN C 40 5.76 -34.51 -44.22
N VAL C 41 4.87 -34.18 -45.15
CA VAL C 41 4.62 -35.03 -46.31
C VAL C 41 5.60 -34.60 -47.39
N PRO C 42 6.32 -35.53 -48.04
CA PRO C 42 7.36 -35.14 -48.99
C PRO C 42 6.80 -34.25 -50.09
N GLY C 43 7.58 -33.22 -50.45
CA GLY C 43 7.15 -32.24 -51.41
C GLY C 43 6.27 -31.14 -50.85
N THR C 44 6.11 -31.09 -49.52
CA THR C 44 5.25 -30.10 -48.89
C THR C 44 5.96 -29.57 -47.64
N ALA C 45 5.72 -28.30 -47.32
CA ALA C 45 6.33 -27.69 -46.17
C ALA C 45 5.81 -28.32 -44.88
N PRO C 46 6.63 -28.37 -43.83
CA PRO C 46 6.18 -28.98 -42.57
C PRO C 46 4.97 -28.27 -42.00
N ARG C 47 4.15 -29.06 -41.30
CA ARG C 47 2.86 -28.63 -40.78
C ARG C 47 2.78 -28.98 -39.30
N LEU C 48 2.25 -28.07 -38.49
CA LEU C 48 2.14 -28.32 -37.07
C LEU C 48 1.05 -29.37 -36.81
N LEU C 49 1.38 -30.37 -35.99
CA LEU C 49 0.45 -31.43 -35.66
C LEU C 49 0.00 -31.38 -34.21
N ILE C 50 0.93 -31.37 -33.26
CA ILE C 50 0.60 -31.31 -31.85
C ILE C 50 1.44 -30.23 -31.20
N TYR C 51 0.79 -29.29 -30.51
CA TYR C 51 1.48 -28.24 -29.79
C TYR C 51 1.10 -28.28 -28.32
N ALA C 52 2.00 -27.76 -27.48
CA ALA C 52 1.87 -27.81 -26.03
C ALA C 52 1.77 -29.24 -25.51
N ASN C 53 2.25 -30.19 -26.31
CA ASN C 53 2.50 -31.60 -25.98
C ASN C 53 1.23 -32.42 -25.80
N THR C 54 0.07 -31.77 -25.74
CA THR C 54 -1.18 -32.54 -25.66
C THR C 54 -2.31 -31.98 -26.53
N ASN C 55 -2.33 -30.70 -26.84
CA ASN C 55 -3.49 -30.07 -27.48
C ASN C 55 -3.48 -30.39 -28.97
N ARG C 56 -4.34 -29.71 -29.72
CA ARG C 56 -4.45 -29.96 -31.15
C ARG C 56 -4.94 -28.72 -31.87
N PRO C 57 -4.26 -28.30 -32.93
CA PRO C 57 -4.73 -27.14 -33.69
C PRO C 57 -6.01 -27.45 -34.46
N SER C 58 -6.76 -26.40 -34.78
CA SER C 58 -7.96 -26.55 -35.58
C SER C 58 -7.60 -27.04 -36.98
N GLY C 59 -8.47 -27.88 -37.54
CA GLY C 59 -8.23 -28.45 -38.84
C GLY C 59 -7.44 -29.75 -38.84
N ILE C 60 -7.15 -30.31 -37.67
CA ILE C 60 -6.47 -31.58 -37.55
C ILE C 60 -7.47 -32.60 -37.01
N PRO C 61 -7.58 -33.78 -37.61
CA PRO C 61 -8.55 -34.77 -37.11
C PRO C 61 -8.25 -35.18 -35.68
N ASP C 62 -9.32 -35.50 -34.95
CA ASP C 62 -9.22 -35.79 -33.52
C ASP C 62 -8.54 -37.13 -33.23
N ARG C 63 -8.29 -37.95 -34.25
CA ARG C 63 -7.68 -39.26 -34.02
C ARG C 63 -6.24 -39.16 -33.51
N PHE C 64 -5.60 -38.01 -33.61
CA PHE C 64 -4.23 -37.83 -33.14
C PHE C 64 -4.25 -37.49 -31.65
N SER C 65 -3.18 -37.87 -30.96
CA SER C 65 -3.04 -37.51 -29.55
C SER C 65 -1.58 -37.41 -29.19
N GLY C 66 -1.29 -36.64 -28.15
CA GLY C 66 0.07 -36.50 -27.67
C GLY C 66 0.09 -36.40 -26.16
N SER C 67 1.19 -36.85 -25.57
CA SER C 67 1.33 -36.82 -24.12
C SER C 67 2.81 -36.83 -23.77
N LYS C 68 3.11 -36.54 -22.51
CA LYS C 68 4.47 -36.61 -22.00
C LYS C 68 4.42 -37.10 -20.55
N SER C 69 5.53 -37.67 -20.12
CA SER C 69 5.63 -38.18 -18.75
C SER C 69 7.11 -38.29 -18.39
N ALA C 70 7.46 -37.78 -17.22
CA ALA C 70 8.84 -37.82 -16.71
C ALA C 70 9.81 -37.19 -17.70
N THR C 71 10.50 -38.02 -18.48
CA THR C 71 11.49 -37.55 -19.44
C THR C 71 11.23 -38.06 -20.85
N SER C 72 10.05 -38.62 -21.11
CA SER C 72 9.72 -39.20 -22.41
C SER C 72 8.37 -38.71 -22.87
N ALA C 73 8.26 -38.39 -24.16
CA ALA C 73 7.02 -37.95 -24.77
C ALA C 73 6.56 -38.97 -25.79
N SER C 74 5.25 -39.02 -26.03
CA SER C 74 4.67 -39.97 -26.96
C SER C 74 3.64 -39.27 -27.84
N LEU C 75 3.57 -39.72 -29.09
CA LEU C 75 2.55 -39.29 -30.03
C LEU C 75 1.83 -40.53 -30.55
N ALA C 76 0.51 -40.57 -30.39
CA ALA C 76 -0.30 -41.73 -30.72
C ALA C 76 -1.23 -41.40 -31.86
N ILE C 77 -1.25 -42.26 -32.88
CA ILE C 77 -2.14 -42.13 -34.02
C ILE C 77 -3.12 -43.29 -33.98
N THR C 78 -4.41 -42.99 -33.94
CA THR C 78 -5.46 -43.98 -33.87
C THR C 78 -6.19 -44.03 -35.20
N GLY C 79 -6.41 -45.24 -35.71
CA GLY C 79 -7.06 -45.41 -36.99
C GLY C 79 -6.19 -44.93 -38.14
N LEU C 80 -5.09 -45.65 -38.38
CA LEU C 80 -4.14 -45.24 -39.40
C LEU C 80 -4.78 -45.30 -40.79
N GLN C 81 -4.44 -44.32 -41.63
CA GLN C 81 -4.92 -44.26 -43.01
C GLN C 81 -3.75 -43.96 -43.92
N ALA C 82 -4.01 -44.01 -45.23
CA ALA C 82 -2.95 -43.83 -46.22
C ALA C 82 -2.39 -42.41 -46.21
N GLU C 83 -3.17 -41.45 -45.72
CA GLU C 83 -2.74 -40.04 -45.76
C GLU C 83 -1.78 -39.67 -44.64
N ASP C 84 -1.59 -40.54 -43.64
CA ASP C 84 -0.73 -40.21 -42.51
C ASP C 84 0.71 -40.67 -42.70
N GLU C 85 1.04 -41.30 -43.81
CA GLU C 85 2.43 -41.69 -44.04
C GLU C 85 3.26 -40.44 -44.32
N ALA C 86 4.30 -40.24 -43.50
CA ALA C 86 5.06 -38.99 -43.53
C ALA C 86 6.28 -39.04 -42.62
N ASP C 87 7.01 -37.94 -42.54
CA ASP C 87 8.08 -37.77 -41.57
C ASP C 87 7.53 -37.01 -40.37
N TYR C 88 7.70 -37.58 -39.19
CA TYR C 88 7.23 -36.97 -37.94
C TYR C 88 8.44 -36.54 -37.13
N TYR C 89 8.42 -35.28 -36.68
CA TYR C 89 9.54 -34.69 -35.95
C TYR C 89 9.07 -34.22 -34.59
N CYS C 90 9.78 -34.65 -33.55
CA CYS C 90 9.54 -34.19 -32.19
C CYS C 90 10.52 -33.08 -31.83
N GLN C 91 10.01 -32.06 -31.14
CA GLN C 91 10.76 -30.84 -30.88
C GLN C 91 10.72 -30.47 -29.41
N SER C 92 11.82 -29.93 -28.92
CA SER C 92 11.93 -29.40 -27.57
C SER C 92 13.12 -28.44 -27.53
N TYR C 93 13.48 -27.98 -26.33
CA TYR C 93 14.54 -27.01 -26.14
C TYR C 93 15.69 -27.65 -25.37
N ASP C 94 16.78 -26.89 -25.27
CA ASP C 94 17.99 -27.36 -24.59
C ASP C 94 18.71 -26.14 -24.04
N SER C 95 19.11 -26.18 -22.77
CA SER C 95 19.80 -25.04 -22.17
C SER C 95 21.16 -24.78 -22.80
N SER C 96 21.77 -25.77 -23.46
CA SER C 96 23.07 -25.61 -24.08
C SER C 96 23.05 -25.80 -25.59
N MET C 97 21.90 -26.12 -26.17
CA MET C 97 21.80 -26.27 -27.63
C MET C 97 20.59 -25.59 -28.24
N LEU C 98 19.72 -24.98 -27.45
CA LEU C 98 18.54 -24.24 -27.93
C LEU C 98 17.61 -25.23 -28.62
N TRP C 99 16.86 -24.78 -29.63
CA TRP C 99 15.93 -25.62 -30.35
C TRP C 99 16.64 -26.84 -30.92
N VAL C 100 16.08 -28.03 -30.70
CA VAL C 100 16.78 -29.28 -30.99
C VAL C 100 16.24 -29.98 -32.23
N PHE C 101 14.92 -30.15 -32.33
CA PHE C 101 14.27 -30.93 -33.39
C PHE C 101 14.70 -32.40 -33.35
N GLY C 102 13.90 -33.29 -33.93
CA GLY C 102 14.15 -34.70 -33.87
C GLY C 102 14.93 -35.22 -35.06
N GLY C 103 15.17 -36.53 -35.04
CA GLY C 103 15.85 -37.20 -36.13
C GLY C 103 14.97 -37.66 -37.26
N GLY C 104 13.66 -37.57 -37.11
CA GLY C 104 12.75 -37.91 -38.18
C GLY C 104 12.27 -39.35 -38.15
N THR C 105 10.97 -39.55 -37.93
CA THR C 105 10.36 -40.87 -37.94
C THR C 105 9.59 -41.03 -39.25
N LYS C 106 9.93 -42.06 -40.02
CA LYS C 106 9.28 -42.31 -41.30
C LYS C 106 8.15 -43.31 -41.07
N LEU C 107 6.91 -42.82 -41.09
CA LEU C 107 5.74 -43.65 -40.87
C LEU C 107 5.10 -43.98 -42.21
N THR C 108 4.90 -45.27 -42.47
CA THR C 108 4.35 -45.74 -43.73
C THR C 108 3.25 -46.76 -43.46
N VAL C 109 2.35 -46.90 -44.43
CA VAL C 109 1.20 -47.78 -44.32
C VAL C 109 1.44 -49.03 -45.16
N LEU C 110 1.22 -50.20 -44.55
CA LEU C 110 1.36 -51.45 -45.27
C LEU C 110 0.04 -51.89 -45.89
N ASN D 27 -6.40 26.56 18.82
CA ASN D 27 -7.21 25.39 19.15
C ASN D 27 -8.06 24.94 17.97
N ILE D 28 -8.67 23.76 18.11
CA ILE D 28 -9.45 23.15 17.03
C ILE D 28 -10.93 23.28 17.39
N THR D 29 -11.72 23.78 16.44
CA THR D 29 -13.14 24.02 16.66
C THR D 29 -13.96 23.29 15.61
N GLU D 30 -14.99 22.57 16.05
CA GLU D 30 -15.84 21.81 15.14
C GLU D 30 -17.25 22.37 15.14
N GLU D 31 -17.86 22.42 13.95
CA GLU D 31 -19.26 22.79 13.80
C GLU D 31 -19.96 21.70 13.00
N PHE D 32 -21.25 21.53 13.26
CA PHE D 32 -22.06 20.52 12.59
C PHE D 32 -23.31 21.17 12.03
N TYR D 33 -23.42 21.21 10.70
CA TYR D 33 -24.62 21.71 10.04
C TYR D 33 -25.56 20.53 9.81
N GLN D 34 -26.73 20.59 10.43
CA GLN D 34 -27.76 19.57 10.23
C GLN D 34 -28.53 19.79 8.94
N SER D 35 -28.43 20.98 8.33
CA SER D 35 -29.15 21.24 7.10
C SER D 35 -28.71 20.30 6.00
N THR D 36 -27.40 20.03 5.91
CA THR D 36 -26.87 19.08 4.93
C THR D 36 -26.20 17.88 5.58
N CYS D 37 -26.27 17.77 6.90
CA CYS D 37 -25.60 16.70 7.66
C CYS D 37 -24.12 16.65 7.30
N SER D 38 -23.42 17.73 7.64
CA SER D 38 -21.99 17.83 7.33
C SER D 38 -21.28 18.55 8.46
N ALA D 39 -20.06 18.10 8.77
CA ALA D 39 -19.26 18.68 9.83
C ALA D 39 -18.04 19.38 9.26
N VAL D 40 -17.66 20.50 9.86
CA VAL D 40 -16.46 21.23 9.50
C VAL D 40 -15.59 21.34 10.73
N SER D 41 -14.30 21.04 10.56
CA SER D 41 -13.32 21.13 11.63
C SER D 41 -12.29 22.18 11.21
N LYS D 42 -12.28 23.31 11.91
CA LYS D 42 -11.42 24.44 11.61
C LYS D 42 -10.42 24.66 12.73
N GLY D 43 -9.50 25.59 12.50
CA GLY D 43 -8.43 25.87 13.43
C GLY D 43 -7.10 25.28 13.05
N TYR D 44 -7.07 24.40 12.05
CA TYR D 44 -5.81 23.82 11.61
C TYR D 44 -4.95 24.86 10.90
N LEU D 45 -3.66 24.55 10.81
CA LEU D 45 -2.71 25.34 10.04
C LEU D 45 -2.21 24.50 8.88
N SER D 46 -1.46 25.13 7.98
CA SER D 46 -1.10 24.53 6.72
C SER D 46 0.41 24.31 6.61
N ALA D 47 0.78 23.29 5.83
CA ALA D 47 2.15 23.11 5.38
C ALA D 47 2.07 22.33 4.07
N LEU D 48 2.13 23.05 2.95
CA LEU D 48 1.90 22.46 1.64
C LEU D 48 3.23 22.15 0.96
N ARG D 49 3.37 20.91 0.48
CA ARG D 49 4.53 20.51 -0.31
C ARG D 49 4.38 21.08 -1.71
N THR D 50 5.04 22.20 -1.97
CA THR D 50 4.88 22.89 -3.25
C THR D 50 6.05 22.66 -4.20
N GLY D 51 7.26 22.41 -3.70
CA GLY D 51 8.41 22.23 -4.55
C GLY D 51 9.19 20.99 -4.18
N TRP D 52 10.13 20.64 -5.06
CA TRP D 52 11.07 19.55 -4.84
C TRP D 52 12.48 20.10 -4.83
N TYR D 53 13.30 19.65 -3.88
CA TYR D 53 14.72 19.94 -3.88
C TYR D 53 15.50 18.64 -3.98
N THR D 54 16.54 18.64 -4.79
CA THR D 54 17.34 17.45 -5.05
C THR D 54 18.72 17.64 -4.42
N SER D 55 19.10 16.72 -3.54
CA SER D 55 20.44 16.68 -2.99
C SER D 55 21.13 15.40 -3.42
N VAL D 56 22.45 15.44 -3.53
CA VAL D 56 23.22 14.29 -3.99
C VAL D 56 24.00 13.75 -2.80
N ILE D 57 23.61 12.58 -2.32
CA ILE D 57 24.33 11.90 -1.25
C ILE D 57 25.34 10.95 -1.89
N THR D 58 26.60 11.11 -1.52
CA THR D 58 27.69 10.35 -2.13
C THR D 58 28.38 9.52 -1.06
N ILE D 59 28.71 8.28 -1.42
CA ILE D 59 29.47 7.36 -0.58
C ILE D 59 30.74 7.02 -1.34
N GLU D 60 31.89 7.23 -0.69
CA GLU D 60 33.19 6.99 -1.30
C GLU D 60 33.55 5.53 -1.09
N LEU D 61 33.38 4.72 -2.13
CA LEU D 61 33.75 3.31 -2.06
C LEU D 61 35.22 3.15 -2.43
N SER D 62 35.71 1.91 -2.37
CA SER D 62 37.09 1.59 -2.71
C SER D 62 37.11 0.40 -3.66
N ASN D 63 38.11 0.39 -4.54
CA ASN D 63 38.28 -0.68 -5.51
C ASN D 63 39.35 -1.64 -5.03
N ILE D 64 38.97 -2.90 -4.84
CA ILE D 64 39.87 -3.95 -4.40
C ILE D 64 39.62 -5.18 -5.27
N LYS D 65 40.72 -5.84 -5.68
CA LYS D 65 40.61 -6.98 -6.58
C LYS D 65 40.40 -8.28 -5.83
N GLU D 66 41.31 -8.62 -4.92
CA GLU D 66 41.20 -9.83 -4.11
C GLU D 66 42.26 -9.76 -3.01
N ASN D 67 42.12 -10.64 -2.02
CA ASN D 67 43.11 -10.74 -0.95
C ASN D 67 44.29 -11.57 -1.43
N LYS D 68 45.48 -10.96 -1.41
CA LYS D 68 46.67 -11.67 -1.89
C LYS D 68 47.00 -12.86 -1.03
N CYS D 69 46.90 -12.72 0.29
CA CYS D 69 47.26 -13.78 1.20
C CYS D 69 46.10 -14.77 1.37
N ASN D 70 46.45 -15.99 1.76
CA ASN D 70 45.47 -17.04 2.03
C ASN D 70 45.99 -17.90 3.16
N GLY D 71 45.08 -18.35 4.02
CA GLY D 71 45.48 -19.16 5.15
C GLY D 71 44.27 -19.80 5.80
N THR D 72 44.54 -20.65 6.79
CA THR D 72 43.51 -21.37 7.52
C THR D 72 43.06 -20.62 8.77
N ASP D 73 43.58 -19.43 9.01
CA ASP D 73 43.15 -18.64 10.17
C ASP D 73 41.68 -18.27 10.04
N ALA D 74 40.98 -18.30 11.16
CA ALA D 74 39.54 -18.03 11.15
C ALA D 74 39.27 -16.52 11.04
N LYS D 75 40.13 -15.70 11.62
CA LYS D 75 39.94 -14.25 11.54
C LYS D 75 40.03 -13.76 10.10
N VAL D 76 41.02 -14.27 9.35
CA VAL D 76 41.12 -13.90 7.95
C VAL D 76 39.93 -14.45 7.17
N LYS D 77 39.35 -15.56 7.62
CA LYS D 77 38.14 -16.06 6.99
C LYS D 77 36.97 -15.11 7.20
N LEU D 78 36.82 -14.58 8.42
CA LEU D 78 35.78 -13.59 8.68
C LEU D 78 35.99 -12.34 7.84
N ILE D 79 37.25 -11.89 7.75
CA ILE D 79 37.54 -10.70 6.94
C ILE D 79 37.22 -10.95 5.48
N LYS D 80 37.58 -12.14 4.97
CA LYS D 80 37.28 -12.48 3.59
C LYS D 80 35.79 -12.53 3.34
N GLN D 81 35.03 -13.12 4.26
CA GLN D 81 33.58 -13.16 4.10
C GLN D 81 32.98 -11.76 4.09
N GLU D 82 33.43 -10.89 4.99
CA GLU D 82 32.89 -9.53 5.04
C GLU D 82 33.25 -8.76 3.78
N LEU D 83 34.49 -8.88 3.30
CA LEU D 83 34.89 -8.19 2.08
C LEU D 83 34.17 -8.76 0.86
N ASP D 84 33.87 -10.06 0.87
CA ASP D 84 33.10 -10.65 -0.22
C ASP D 84 31.67 -10.13 -0.22
N LYS D 85 31.07 -9.97 0.97
CA LYS D 85 29.74 -9.37 1.05
C LYS D 85 29.78 -7.93 0.56
N TYR D 86 30.85 -7.20 0.88
CA TYR D 86 31.00 -5.85 0.37
C TYR D 86 31.10 -5.83 -1.15
N LYS D 87 31.86 -6.77 -1.72
CA LYS D 87 31.98 -6.86 -3.18
C LYS D 87 30.64 -7.22 -3.82
N ASN D 88 29.88 -8.13 -3.21
CA ASN D 88 28.57 -8.47 -3.73
C ASN D 88 27.63 -7.27 -3.66
N ALA D 89 27.71 -6.50 -2.57
CA ALA D 89 26.88 -5.30 -2.45
C ALA D 89 27.23 -4.28 -3.52
N VAL D 90 28.53 -4.07 -3.78
CA VAL D 90 28.91 -3.09 -4.79
C VAL D 90 28.61 -3.60 -6.19
N THR D 91 28.56 -4.92 -6.37
CA THR D 91 28.16 -5.48 -7.66
C THR D 91 26.66 -5.32 -7.88
N GLU D 92 25.87 -5.46 -6.82
CA GLU D 92 24.43 -5.29 -6.91
C GLU D 92 24.04 -3.91 -7.42
N LEU D 93 24.69 -2.86 -6.93
CA LEU D 93 24.37 -1.50 -7.33
C LEU D 93 24.79 -1.20 -8.77
N GLN D 94 25.61 -2.05 -9.38
CA GLN D 94 25.90 -1.92 -10.80
C GLN D 94 24.81 -2.50 -11.68
N LEU D 95 23.85 -3.21 -11.09
CA LEU D 95 22.73 -3.78 -11.83
C LEU D 95 21.52 -2.86 -11.87
N LEU D 96 21.62 -1.66 -11.29
CA LEU D 96 20.50 -0.73 -11.28
C LEU D 96 20.80 0.51 -12.13
N VAL D 144 -2.56 14.10 -12.42
CA VAL D 144 -1.63 12.97 -12.40
C VAL D 144 -0.28 13.42 -11.85
N GLY D 145 0.61 13.82 -12.75
CA GLY D 145 1.91 14.30 -12.36
C GLY D 145 2.90 13.18 -12.04
N SER D 146 4.18 13.52 -12.13
CA SER D 146 5.26 12.61 -11.82
C SER D 146 5.94 13.05 -10.53
N ALA D 147 6.04 12.14 -9.57
CA ALA D 147 6.63 12.46 -8.28
C ALA D 147 8.14 12.37 -8.26
N ILE D 148 8.76 11.80 -9.29
CA ILE D 148 10.21 11.60 -9.30
C ILE D 148 10.82 12.23 -10.55
N ALA D 149 10.17 13.26 -11.09
CA ALA D 149 10.68 13.89 -12.30
C ALA D 149 11.97 14.66 -12.03
N SER D 150 12.01 15.39 -10.91
CA SER D 150 13.21 16.17 -10.59
C SER D 150 14.40 15.27 -10.32
N GLY D 151 14.20 14.18 -9.59
CA GLY D 151 15.28 13.24 -9.34
C GLY D 151 15.78 12.60 -10.62
N VAL D 152 14.87 12.25 -11.53
CA VAL D 152 15.28 11.66 -12.80
C VAL D 152 16.07 12.68 -13.61
N ALA D 153 15.64 13.95 -13.61
CA ALA D 153 16.36 14.98 -14.34
C ALA D 153 17.77 15.18 -13.79
N VAL D 154 17.90 15.25 -12.46
CA VAL D 154 19.23 15.46 -11.89
C VAL D 154 20.10 14.22 -12.07
N CYS D 155 19.52 13.03 -12.10
CA CYS D 155 20.30 11.83 -12.41
C CYS D 155 20.78 11.85 -13.85
N LYS D 156 19.92 12.29 -14.78
CA LYS D 156 20.36 12.45 -16.16
C LYS D 156 21.49 13.45 -16.26
N VAL D 157 21.43 14.51 -15.46
CA VAL D 157 22.53 15.48 -15.43
C VAL D 157 23.80 14.84 -14.90
N LEU D 158 23.69 14.04 -13.84
CA LEU D 158 24.86 13.38 -13.27
C LEU D 158 25.50 12.41 -14.26
N HIS D 159 24.68 11.68 -15.01
CA HIS D 159 25.21 10.72 -15.97
C HIS D 159 26.06 11.39 -17.05
N LEU D 160 25.91 12.70 -17.24
CA LEU D 160 26.71 13.40 -18.22
C LEU D 160 28.19 13.34 -17.84
N GLU D 161 29.05 13.22 -18.85
CA GLU D 161 30.47 13.07 -18.60
C GLU D 161 31.05 14.34 -17.99
N GLY D 162 32.03 14.15 -17.11
CA GLY D 162 32.68 15.28 -16.47
C GLY D 162 31.95 15.87 -15.29
N GLU D 163 30.90 15.21 -14.80
CA GLU D 163 30.13 15.70 -13.67
C GLU D 163 30.44 14.99 -12.36
N VAL D 164 30.64 13.67 -12.41
CA VAL D 164 30.93 12.92 -11.19
C VAL D 164 32.28 13.36 -10.62
N ASN D 165 33.26 13.61 -11.49
CA ASN D 165 34.56 14.07 -11.03
C ASN D 165 34.47 15.41 -10.31
N LYS D 166 33.58 16.30 -10.78
CA LYS D 166 33.41 17.58 -10.12
C LYS D 166 32.93 17.40 -8.69
N ILE D 167 31.94 16.53 -8.49
CA ILE D 167 31.47 16.25 -7.14
C ILE D 167 32.58 15.63 -6.30
N LYS D 168 33.28 14.64 -6.86
CA LYS D 168 34.30 13.94 -6.09
C LYS D 168 35.43 14.86 -5.66
N SER D 169 35.85 15.78 -6.53
CA SER D 169 36.88 16.74 -6.20
C SER D 169 36.35 17.91 -5.39
N ALA D 170 35.03 18.08 -5.31
CA ALA D 170 34.47 19.18 -4.54
C ALA D 170 34.56 18.91 -3.04
N LEU D 171 33.96 17.81 -2.57
CA LEU D 171 33.93 17.50 -1.15
C LEU D 171 35.08 16.56 -0.78
N LEU D 172 36.29 17.03 -1.09
CA LEU D 172 37.52 16.30 -0.77
C LEU D 172 38.14 16.70 0.55
N SER D 173 38.07 17.97 0.91
CA SER D 173 38.60 18.45 2.19
C SER D 173 37.58 18.39 3.31
N THR D 174 36.30 18.58 3.01
CA THR D 174 35.24 18.48 4.00
C THR D 174 34.04 17.81 3.37
N ASN D 175 33.23 17.18 4.21
CA ASN D 175 32.07 16.42 3.72
C ASN D 175 30.81 17.27 3.64
N LYS D 176 30.93 18.45 3.00
CA LYS D 176 29.79 19.32 2.76
C LYS D 176 30.18 20.29 1.65
N ALA D 177 29.40 20.30 0.57
CA ALA D 177 29.72 21.21 -0.53
C ALA D 177 28.45 21.62 -1.25
N VAL D 178 28.53 22.76 -1.93
CA VAL D 178 27.48 23.25 -2.81
C VAL D 178 28.07 23.33 -4.21
N VAL D 179 27.52 22.57 -5.14
CA VAL D 179 28.13 22.43 -6.45
C VAL D 179 27.15 22.86 -7.53
N SER D 180 27.70 23.32 -8.65
CA SER D 180 26.93 23.73 -9.81
C SER D 180 27.19 22.75 -10.94
N LEU D 181 26.14 22.17 -11.49
CA LEU D 181 26.26 21.13 -12.50
C LEU D 181 26.19 21.75 -13.90
N SER D 182 26.18 20.90 -14.93
CA SER D 182 26.16 21.40 -16.30
C SER D 182 24.88 22.15 -16.62
N ASN D 183 23.74 21.66 -16.12
CA ASN D 183 22.47 22.31 -16.38
C ASN D 183 22.32 23.65 -15.67
N GLY D 184 23.22 23.99 -14.78
CA GLY D 184 23.16 25.24 -14.06
C GLY D 184 22.46 25.18 -12.72
N VAL D 185 21.81 24.07 -12.40
CA VAL D 185 21.15 23.91 -11.11
C VAL D 185 22.19 23.58 -10.05
N SER D 186 22.12 24.29 -8.93
CA SER D 186 23.04 24.10 -7.82
C SER D 186 22.45 23.10 -6.83
N VAL D 187 23.26 22.12 -6.42
CA VAL D 187 22.82 21.07 -5.52
C VAL D 187 23.79 20.93 -4.37
N LEU D 188 23.28 20.44 -3.24
CA LEU D 188 24.08 20.16 -2.06
C LEU D 188 24.60 18.73 -2.12
N THR D 189 25.88 18.57 -1.79
CA THR D 189 26.52 17.25 -1.77
C THR D 189 27.11 17.00 -0.39
N PHE D 190 26.77 15.87 0.20
CA PHE D 190 27.30 15.44 1.49
C PHE D 190 27.95 14.08 1.31
N LYS D 191 29.14 13.91 1.87
CA LYS D 191 29.80 12.60 1.88
C LYS D 191 29.43 11.90 3.17
N VAL D 192 28.38 11.08 3.12
CA VAL D 192 27.81 10.52 4.34
C VAL D 192 28.62 9.36 4.88
N LEU D 193 29.43 8.70 4.06
CA LEU D 193 30.20 7.55 4.50
C LEU D 193 31.64 7.68 4.00
N ASP D 194 32.56 7.09 4.75
CA ASP D 194 33.99 7.14 4.46
C ASP D 194 34.57 5.73 4.42
N LEU D 195 33.89 4.85 3.69
CA LEU D 195 34.31 3.45 3.65
C LEU D 195 35.62 3.25 2.92
N LYS D 196 35.92 4.12 1.93
CA LYS D 196 37.16 3.97 1.17
C LYS D 196 38.37 4.12 2.08
N ASN D 197 38.36 5.12 2.97
CA ASN D 197 39.49 5.33 3.86
C ASN D 197 39.73 4.12 4.75
N TYR D 198 38.65 3.57 5.33
CA TYR D 198 38.80 2.40 6.19
C TYR D 198 39.29 1.18 5.42
N ILE D 199 38.77 0.96 4.21
CA ILE D 199 39.17 -0.23 3.46
C ILE D 199 40.60 -0.12 2.97
N ASP D 200 40.99 1.03 2.43
CA ASP D 200 42.29 1.17 1.78
C ASP D 200 43.40 1.68 2.69
N LYS D 201 43.07 2.10 3.92
CA LYS D 201 44.07 2.66 4.82
C LYS D 201 44.08 2.02 6.21
N GLN D 202 43.08 1.18 6.54
CA GLN D 202 43.05 0.51 7.82
C GLN D 202 42.83 -0.98 7.72
N LEU D 203 42.64 -1.52 6.51
CA LEU D 203 42.50 -2.95 6.32
C LEU D 203 43.65 -3.54 5.53
N LEU D 204 43.94 -3.02 4.34
CA LEU D 204 45.05 -3.53 3.55
C LEU D 204 46.40 -3.33 4.24
N PRO D 205 46.76 -2.14 4.76
CA PRO D 205 48.08 -2.03 5.39
C PRO D 205 48.18 -2.76 6.71
N ILE D 206 47.10 -2.78 7.51
CA ILE D 206 47.13 -3.51 8.77
C ILE D 206 47.26 -5.01 8.53
N LEU D 207 46.51 -5.53 7.54
CA LEU D 207 46.61 -6.95 7.20
C LEU D 207 47.99 -7.23 6.63
N ASN D 208 48.80 -7.97 7.38
CA ASN D 208 50.15 -8.34 6.94
C ASN D 208 50.04 -9.58 6.08
N LYS D 209 50.29 -9.43 4.77
CA LYS D 209 50.11 -10.53 3.84
C LYS D 209 51.12 -11.65 4.05
N GLN D 210 52.25 -11.36 4.72
CA GLN D 210 53.24 -12.41 4.98
C GLN D 210 52.69 -13.48 5.90
N SER D 211 51.98 -13.06 6.96
CA SER D 211 51.40 -14.01 7.91
C SER D 211 49.92 -14.27 7.67
N CYS D 212 49.23 -13.37 6.97
CA CYS D 212 47.80 -13.51 6.68
C CYS D 212 46.98 -13.70 7.95
N SER D 213 47.30 -12.91 8.98
CA SER D 213 46.61 -13.00 10.26
C SER D 213 46.48 -11.60 10.85
N ILE D 214 45.36 -11.37 11.55
CA ILE D 214 45.11 -10.11 12.25
C ILE D 214 45.15 -10.40 13.74
N SER D 215 45.94 -9.60 14.47
CA SER D 215 46.13 -9.85 15.90
C SER D 215 44.84 -9.67 16.69
N ASN D 216 44.06 -8.64 16.37
CA ASN D 216 42.89 -8.27 17.15
C ASN D 216 41.61 -8.53 16.37
N ILE D 217 40.67 -9.24 17.01
CA ILE D 217 39.35 -9.46 16.41
C ILE D 217 38.56 -8.16 16.38
N GLU D 218 38.98 -7.16 17.16
CA GLU D 218 38.29 -5.87 17.17
C GLU D 218 38.24 -5.24 15.80
N THR D 219 39.28 -5.45 14.98
CA THR D 219 39.25 -4.89 13.62
C THR D 219 38.11 -5.49 12.82
N VAL D 220 37.91 -6.81 12.92
CA VAL D 220 36.81 -7.45 12.21
C VAL D 220 35.47 -6.95 12.75
N ILE D 221 35.36 -6.82 14.07
CA ILE D 221 34.10 -6.33 14.65
C ILE D 221 33.81 -4.90 14.21
N GLU D 222 34.85 -4.07 14.09
CA GLU D 222 34.67 -2.71 13.60
C GLU D 222 34.27 -2.69 12.14
N PHE D 223 34.85 -3.59 11.33
CA PHE D 223 34.45 -3.70 9.94
C PHE D 223 32.98 -4.07 9.81
N GLN D 224 32.53 -5.03 10.62
CA GLN D 224 31.12 -5.38 10.62
C GLN D 224 30.23 -4.23 11.10
N GLN D 225 30.78 -3.30 11.87
CA GLN D 225 30.03 -2.15 12.36
C GLN D 225 30.11 -0.96 11.42
N LYS D 226 30.92 -1.04 10.36
CA LYS D 226 31.01 0.04 9.38
C LYS D 226 30.51 -0.34 8.01
N ASN D 227 30.39 -1.63 7.71
CA ASN D 227 29.92 -2.11 6.42
C ASN D 227 28.42 -2.41 6.40
N ASN D 228 27.73 -2.27 7.53
CA ASN D 228 26.30 -2.55 7.57
C ASN D 228 25.52 -1.56 6.72
N ARG D 229 25.92 -0.30 6.73
CA ARG D 229 25.13 0.74 6.08
C ARG D 229 25.02 0.50 4.58
N LEU D 230 26.13 0.13 3.93
CA LEU D 230 26.10 -0.15 2.50
C LEU D 230 25.22 -1.37 2.21
N LEU D 231 25.30 -2.40 3.05
CA LEU D 231 24.47 -3.58 2.85
C LEU D 231 22.99 -3.24 2.95
N GLU D 232 22.62 -2.41 3.93
CA GLU D 232 21.21 -2.05 4.09
C GLU D 232 20.74 -1.17 2.93
N ILE D 233 21.58 -0.24 2.47
CA ILE D 233 21.22 0.58 1.32
C ILE D 233 21.01 -0.30 0.09
N THR D 234 21.93 -1.24 -0.14
CA THR D 234 21.79 -2.15 -1.27
C THR D 234 20.52 -2.98 -1.16
N ARG D 235 20.21 -3.46 0.03
CA ARG D 235 19.02 -4.29 0.21
C ARG D 235 17.75 -3.51 -0.05
N GLU D 236 17.68 -2.28 0.47
CA GLU D 236 16.50 -1.46 0.24
C GLU D 236 16.33 -1.12 -1.24
N PHE D 237 17.44 -0.80 -1.92
CA PHE D 237 17.34 -0.44 -3.33
C PHE D 237 17.00 -1.65 -4.19
N SER D 238 17.48 -2.84 -3.82
CA SER D 238 17.10 -4.05 -4.56
C SER D 238 15.63 -4.40 -4.33
N VAL D 239 15.15 -4.23 -3.10
CA VAL D 239 13.74 -4.54 -2.81
C VAL D 239 12.82 -3.58 -3.53
N ASN D 240 13.11 -2.28 -3.45
CA ASN D 240 12.22 -1.26 -4.00
C ASN D 240 12.50 -0.92 -5.46
N ALA D 241 13.50 -1.55 -6.07
CA ALA D 241 13.76 -1.44 -7.51
C ALA D 241 14.14 -0.01 -7.92
N GLY D 242 15.09 0.57 -7.18
CA GLY D 242 15.72 1.82 -7.57
C GLY D 242 15.16 3.06 -6.90
N VAL D 243 13.85 3.10 -6.66
CA VAL D 243 13.20 4.25 -6.03
C VAL D 243 12.54 3.78 -4.75
N THR D 244 12.81 4.49 -3.65
CA THR D 244 12.33 4.09 -2.34
C THR D 244 11.69 5.27 -1.64
N THR D 245 10.72 4.95 -0.77
CA THR D 245 10.06 5.92 0.09
C THR D 245 9.36 5.17 1.18
N PRO D 246 9.39 5.64 2.43
CA PRO D 246 10.09 6.84 2.93
C PRO D 246 11.60 6.62 3.05
N VAL D 247 12.37 7.70 3.14
CA VAL D 247 13.82 7.59 3.29
C VAL D 247 14.11 7.08 4.70
N SER D 248 14.61 5.86 4.79
CA SER D 248 14.82 5.21 6.08
C SER D 248 16.08 5.75 6.75
N THR D 249 16.30 5.29 7.99
CA THR D 249 17.44 5.76 8.77
C THR D 249 18.75 5.25 8.19
N TYR D 250 18.74 4.07 7.57
CA TYR D 250 19.94 3.58 6.90
C TYR D 250 20.39 4.54 5.80
N MET D 251 19.46 5.00 4.98
CA MET D 251 19.83 5.77 3.80
C MET D 251 20.11 7.23 4.14
N LEU D 252 19.61 7.71 5.27
CA LEU D 252 19.87 9.08 5.68
C LEU D 252 19.69 9.17 7.19
N THR D 253 20.78 9.32 7.93
CA THR D 253 20.71 9.41 9.37
C THR D 253 20.04 10.73 9.80
N ASN D 254 19.56 10.74 11.04
CA ASN D 254 18.83 11.92 11.52
C ASN D 254 19.72 13.15 11.58
N SER D 255 20.95 13.00 12.09
CA SER D 255 21.86 14.14 12.16
C SER D 255 22.16 14.68 10.77
N GLU D 256 22.41 13.78 9.81
CA GLU D 256 22.65 14.21 8.45
C GLU D 256 21.43 14.89 7.84
N LEU D 257 20.25 14.33 8.05
CA LEU D 257 19.04 14.94 7.49
C LEU D 257 18.81 16.32 8.09
N LEU D 258 19.05 16.47 9.39
CA LEU D 258 18.85 17.77 10.03
C LEU D 258 19.88 18.78 9.55
N SER D 259 21.14 18.35 9.36
CA SER D 259 22.14 19.26 8.80
C SER D 259 21.78 19.69 7.39
N LEU D 260 21.32 18.74 6.56
CA LEU D 260 20.92 19.07 5.20
C LEU D 260 19.73 20.02 5.21
N ILE D 261 18.81 19.84 6.15
CA ILE D 261 17.66 20.73 6.27
C ILE D 261 18.11 22.13 6.68
N ASN D 262 19.07 22.21 7.60
CA ASN D 262 19.58 23.49 8.09
C ASN D 262 20.53 24.16 7.11
N ASP D 263 20.91 23.46 6.05
CA ASP D 263 21.71 24.08 4.99
C ASP D 263 21.00 24.13 3.65
N MET D 264 19.76 23.68 3.55
CA MET D 264 19.04 23.72 2.29
C MET D 264 18.74 25.17 1.91
N PRO D 265 18.63 25.46 0.61
CA PRO D 265 18.34 26.84 0.19
C PRO D 265 16.90 27.26 0.40
N ILE D 266 16.54 27.62 1.64
CA ILE D 266 15.18 28.04 1.97
C ILE D 266 15.23 29.04 3.12
N THR D 267 14.09 29.70 3.34
CA THR D 267 13.95 30.72 4.37
C THR D 267 14.04 30.08 5.75
N ASN D 268 14.41 30.91 6.74
CA ASN D 268 14.45 30.43 8.12
C ASN D 268 13.07 30.09 8.66
N ASP D 269 12.00 30.59 8.05
CA ASP D 269 10.66 30.22 8.48
C ASP D 269 10.37 28.76 8.17
N GLN D 270 10.70 28.30 6.96
CA GLN D 270 10.49 26.92 6.60
C GLN D 270 11.49 25.96 7.23
N LYS D 271 12.65 26.47 7.65
CA LYS D 271 13.64 25.64 8.31
C LYS D 271 13.34 25.40 9.78
N LYS D 272 12.38 26.13 10.35
CA LYS D 272 11.97 25.93 11.72
C LYS D 272 10.74 25.06 11.84
N LEU D 273 9.91 25.00 10.81
CA LEU D 273 8.79 24.07 10.76
C LEU D 273 9.20 22.68 10.34
N MET D 274 10.30 22.57 9.59
CA MET D 274 10.70 21.29 9.02
C MET D 274 11.81 20.61 9.82
N SER D 275 12.46 21.33 10.73
CA SER D 275 13.41 20.67 11.64
C SER D 275 12.66 19.91 12.73
N ASN D 276 11.56 20.45 13.22
CA ASN D 276 10.78 19.79 14.26
C ASN D 276 9.87 18.69 13.74
N ASN D 277 9.77 18.52 12.42
CA ASN D 277 8.87 17.55 11.82
C ASN D 277 9.62 16.67 10.83
N VAL D 278 10.80 16.19 11.24
CA VAL D 278 11.52 15.23 10.41
C VAL D 278 10.79 13.90 10.34
N GLN D 279 9.84 13.66 11.22
CA GLN D 279 9.04 12.44 11.16
C GLN D 279 8.17 12.37 9.92
N ILE D 280 7.82 13.51 9.34
CA ILE D 280 6.99 13.53 8.14
C ILE D 280 7.75 13.92 6.88
N VAL D 281 8.90 14.59 7.00
CA VAL D 281 9.72 14.87 5.82
C VAL D 281 10.20 13.57 5.20
N ARG D 282 10.51 12.58 6.03
CA ARG D 282 10.92 11.28 5.49
C ARG D 282 9.80 10.64 4.71
N GLN D 283 8.57 10.72 5.21
CA GLN D 283 7.45 10.06 4.53
C GLN D 283 7.14 10.71 3.18
N GLN D 284 7.43 12.00 3.04
CA GLN D 284 7.12 12.72 1.81
C GLN D 284 8.36 12.95 0.94
N SER D 285 9.44 12.22 1.21
CA SER D 285 10.65 12.31 0.41
C SER D 285 10.84 11.04 -0.42
N TYR D 286 11.56 11.18 -1.53
CA TYR D 286 11.89 10.06 -2.40
C TYR D 286 13.40 9.97 -2.51
N SER D 287 13.89 8.77 -2.83
CA SER D 287 15.32 8.57 -3.03
C SER D 287 15.52 7.62 -4.20
N ILE D 288 16.42 7.99 -5.12
CA ILE D 288 16.63 7.27 -6.36
C ILE D 288 18.12 6.96 -6.51
N MET D 289 18.43 5.73 -6.89
CA MET D 289 19.78 5.38 -7.32
C MET D 289 20.18 6.21 -8.53
N CYS D 290 21.39 6.76 -8.49
CA CYS D 290 21.85 7.63 -9.57
C CYS D 290 23.05 7.06 -10.31
N ILE D 291 24.17 6.80 -9.63
CA ILE D 291 25.40 6.40 -10.29
C ILE D 291 26.25 5.55 -9.36
N ILE D 292 26.96 4.60 -9.94
CA ILE D 292 28.00 3.82 -9.27
C ILE D 292 29.35 3.99 -9.94
N LYS D 293 29.43 4.77 -11.02
CA LYS D 293 30.64 4.87 -11.81
C LYS D 293 31.75 5.60 -11.07
N GLU D 294 32.98 5.11 -11.25
CA GLU D 294 34.20 5.76 -10.78
C GLU D 294 34.21 5.84 -9.24
N GLU D 295 34.15 4.66 -8.63
CA GLU D 295 34.28 4.43 -7.19
C GLU D 295 33.55 5.46 -6.33
N VAL D 296 32.37 5.90 -6.78
CA VAL D 296 31.54 6.82 -6.03
C VAL D 296 30.09 6.38 -6.17
N LEU D 297 29.47 5.96 -5.08
CA LEU D 297 28.06 5.57 -5.09
C LEU D 297 27.26 6.82 -4.75
N ALA D 298 26.64 7.43 -5.75
CA ALA D 298 25.89 8.66 -5.54
C ALA D 298 24.42 8.39 -5.84
N TYR D 299 23.56 8.79 -4.90
CA TYR D 299 22.11 8.69 -5.10
C TYR D 299 21.47 10.01 -4.71
N VAL D 300 20.34 10.31 -5.35
CA VAL D 300 19.67 11.59 -5.19
C VAL D 300 18.56 11.44 -4.17
N VAL D 301 18.57 12.29 -3.15
CA VAL D 301 17.50 12.41 -2.18
C VAL D 301 16.64 13.60 -2.55
N GLN D 302 15.34 13.37 -2.69
CA GLN D 302 14.40 14.36 -3.17
C GLN D 302 13.57 14.85 -1.98
N LEU D 303 14.02 15.90 -1.34
CA LEU D 303 13.34 16.46 -0.20
C LEU D 303 12.22 17.40 -0.64
N PRO D 304 11.20 17.59 0.18
CA PRO D 304 10.12 18.52 -0.18
C PRO D 304 10.41 19.93 0.28
N LEU D 305 9.88 20.88 -0.48
CA LEU D 305 9.99 22.30 -0.19
C LEU D 305 8.60 22.84 0.08
N TYR D 306 8.37 23.29 1.31
CA TYR D 306 7.06 23.78 1.74
C TYR D 306 6.96 25.25 1.37
N GLY D 307 6.24 25.53 0.28
CA GLY D 307 6.04 26.89 -0.18
C GLY D 307 4.88 27.63 0.44
N VAL D 308 3.97 26.93 1.09
CA VAL D 308 2.83 27.54 1.76
C VAL D 308 2.82 27.08 3.21
N ILE D 309 2.93 28.03 4.13
CA ILE D 309 3.03 27.74 5.56
C ILE D 309 2.14 28.73 6.32
N ASP D 310 1.42 28.21 7.32
CA ASP D 310 0.67 29.02 8.28
C ASP D 310 -0.57 29.67 7.66
N THR D 311 -1.24 28.95 6.78
CA THR D 311 -2.53 29.46 6.33
C THR D 311 -3.66 28.59 6.87
N PRO D 312 -4.82 29.18 7.16
CA PRO D 312 -5.91 28.40 7.77
C PRO D 312 -6.39 27.28 6.86
N CYS D 313 -6.72 26.15 7.48
CA CYS D 313 -7.27 24.99 6.78
C CYS D 313 -8.46 24.45 7.56
N TRP D 314 -9.36 23.79 6.84
CA TRP D 314 -10.51 23.17 7.48
C TRP D 314 -10.85 21.86 6.78
N LYS D 315 -11.25 20.87 7.58
CA LYS D 315 -11.65 19.58 7.07
C LYS D 315 -13.17 19.50 6.99
N LEU D 316 -13.67 18.89 5.93
CA LEU D 316 -15.11 18.79 5.69
C LEU D 316 -15.48 17.31 5.60
N HIS D 317 -16.38 16.88 6.49
CA HIS D 317 -16.89 15.51 6.52
C HIS D 317 -18.38 15.52 6.19
N THR D 318 -18.82 14.50 5.46
CA THR D 318 -20.21 14.38 5.06
C THR D 318 -20.73 13.00 5.39
N SER D 319 -22.04 12.92 5.65
CA SER D 319 -22.72 11.68 5.97
C SER D 319 -24.02 11.60 5.18
N PRO D 320 -24.51 10.40 4.89
CA PRO D 320 -25.76 10.27 4.14
C PRO D 320 -26.94 10.92 4.88
N LEU D 321 -27.82 11.54 4.11
CA LEU D 321 -29.00 12.22 4.65
C LEU D 321 -30.21 11.72 3.85
N CYS D 322 -31.15 11.10 4.54
CA CYS D 322 -32.25 10.40 3.88
C CYS D 322 -33.56 10.68 4.59
N THR D 323 -34.67 10.51 3.87
CA THR D 323 -35.99 10.63 4.44
C THR D 323 -36.32 9.42 5.30
N THR D 324 -37.39 9.54 6.07
CA THR D 324 -37.87 8.45 6.91
C THR D 324 -39.28 8.04 6.52
N ASN D 331 -37.33 5.79 -0.08
CA ASN D 331 -36.63 6.97 0.42
C ASN D 331 -35.62 7.50 -0.60
N ILE D 332 -35.14 8.72 -0.37
CA ILE D 332 -34.16 9.37 -1.23
C ILE D 332 -33.02 9.87 -0.36
N CYS D 333 -31.80 9.73 -0.86
CA CYS D 333 -30.60 10.08 -0.09
C CYS D 333 -29.73 11.05 -0.87
N LEU D 334 -29.33 12.13 -0.22
CA LEU D 334 -28.50 13.18 -0.81
C LEU D 334 -27.29 13.37 0.08
N THR D 335 -26.11 13.02 -0.43
CA THR D 335 -24.86 13.09 0.33
C THR D 335 -23.95 14.11 -0.31
N ARG D 336 -23.45 15.06 0.47
CA ARG D 336 -22.49 16.01 -0.05
C ARG D 336 -21.21 15.25 -0.43
N THR D 337 -20.68 15.52 -1.62
CA THR D 337 -19.63 14.70 -2.20
C THR D 337 -18.34 15.49 -2.38
N ASP D 338 -17.97 16.27 -1.36
CA ASP D 338 -16.72 17.00 -1.37
C ASP D 338 -16.01 16.83 -0.03
N ARG D 339 -15.93 15.59 0.44
CA ARG D 339 -15.21 15.29 1.67
C ARG D 339 -13.72 15.56 1.49
N GLY D 340 -13.08 15.97 2.58
CA GLY D 340 -11.64 16.10 2.52
C GLY D 340 -11.17 17.42 3.07
N TRP D 341 -9.93 17.78 2.74
CA TRP D 341 -9.28 18.95 3.31
C TRP D 341 -9.41 20.15 2.39
N TYR D 342 -9.48 21.34 2.98
CA TYR D 342 -9.45 22.59 2.26
C TYR D 342 -8.39 23.47 2.91
N CYS D 343 -7.61 24.17 2.09
CA CYS D 343 -6.60 25.08 2.61
C CYS D 343 -6.62 26.36 1.79
N ASP D 344 -6.31 27.48 2.47
CA ASP D 344 -6.16 28.74 1.77
C ASP D 344 -4.83 28.76 1.03
N ASN D 345 -4.84 29.31 -0.18
CA ASN D 345 -3.63 29.31 -1.00
C ASN D 345 -3.74 30.46 -1.99
N ALA D 346 -3.06 31.57 -1.68
CA ALA D 346 -2.91 32.70 -2.60
C ALA D 346 -4.27 33.20 -3.11
N GLY D 347 -5.25 33.26 -2.21
CA GLY D 347 -6.56 33.76 -2.55
C GLY D 347 -7.51 32.74 -3.14
N SER D 348 -7.04 31.53 -3.42
CA SER D 348 -7.88 30.43 -3.86
C SER D 348 -7.91 29.37 -2.77
N VAL D 349 -8.63 28.27 -3.03
CA VAL D 349 -8.75 27.19 -2.08
C VAL D 349 -8.19 25.93 -2.71
N SER D 350 -7.17 25.36 -2.08
CA SER D 350 -6.63 24.08 -2.49
C SER D 350 -7.44 22.98 -1.81
N PHE D 351 -8.00 22.09 -2.61
CA PHE D 351 -8.92 21.06 -2.15
C PHE D 351 -8.27 19.70 -2.31
N PHE D 352 -8.16 18.96 -1.22
CA PHE D 352 -7.60 17.62 -1.23
C PHE D 352 -8.72 16.62 -0.95
N PRO D 353 -9.18 15.86 -1.95
CA PRO D 353 -10.24 14.88 -1.70
C PRO D 353 -9.73 13.63 -1.00
N GLN D 354 -8.49 13.24 -1.31
CA GLN D 354 -7.94 12.02 -0.74
C GLN D 354 -7.58 12.25 0.72
N ALA D 355 -8.02 11.33 1.59
CA ALA D 355 -7.68 11.41 3.01
C ALA D 355 -6.24 10.96 3.27
N GLU D 356 -5.73 10.01 2.48
CA GLU D 356 -4.35 9.57 2.64
C GLU D 356 -3.35 10.64 2.22
N THR D 357 -3.79 11.63 1.45
CA THR D 357 -2.88 12.68 0.98
C THR D 357 -2.35 13.51 2.14
N CYS D 358 -3.21 13.85 3.10
CA CYS D 358 -2.84 14.75 4.18
C CYS D 358 -2.55 13.97 5.46
N LYS D 359 -1.66 14.54 6.28
CA LYS D 359 -1.31 13.99 7.58
C LYS D 359 -1.38 15.09 8.61
N VAL D 360 -1.78 14.74 9.83
CA VAL D 360 -1.98 15.71 10.90
C VAL D 360 -1.10 15.31 12.08
N GLN D 361 -0.13 16.15 12.42
CA GLN D 361 0.75 15.88 13.56
C GLN D 361 0.12 16.34 14.87
N SER D 362 -0.05 17.65 15.03
CA SER D 362 -0.79 18.21 16.15
C SER D 362 -1.97 19.04 15.68
N ASN D 363 -1.73 20.10 14.90
CA ASN D 363 -2.80 20.87 14.29
C ASN D 363 -2.45 21.30 12.88
N ARG D 364 -1.45 20.69 12.26
CA ARG D 364 -1.04 21.02 10.91
C ARG D 364 -1.49 19.94 9.93
N VAL D 365 -1.56 20.30 8.66
CA VAL D 365 -1.84 19.37 7.58
C VAL D 365 -0.64 19.37 6.65
N PHE D 366 0.05 18.23 6.58
CA PHE D 366 1.23 18.11 5.72
C PHE D 366 0.81 17.47 4.40
N CYS D 367 0.09 18.25 3.61
CA CYS D 367 -0.43 17.79 2.33
C CYS D 367 0.54 18.14 1.21
N ASP D 368 0.28 17.58 0.02
CA ASP D 368 1.03 17.90 -1.17
C ASP D 368 0.08 18.30 -2.28
N THR D 369 0.45 19.33 -3.02
CA THR D 369 -0.44 19.89 -4.04
C THR D 369 -0.56 19.00 -5.27
N MET D 370 0.26 17.98 -5.40
CA MET D 370 0.18 17.10 -6.57
C MET D 370 -1.17 16.39 -6.64
N ASN D 371 -1.79 16.14 -5.49
CA ASN D 371 -3.07 15.46 -5.41
C ASN D 371 -4.19 16.41 -5.00
N SER D 372 -4.17 17.63 -5.53
CA SER D 372 -5.09 18.68 -5.11
C SER D 372 -5.72 19.35 -6.31
N LEU D 373 -6.86 19.99 -6.06
CA LEU D 373 -7.55 20.82 -7.03
C LEU D 373 -7.53 22.26 -6.57
N THR D 374 -7.71 23.18 -7.52
CA THR D 374 -7.79 24.60 -7.23
C THR D 374 -9.22 25.08 -7.44
N LEU D 375 -9.78 25.77 -6.44
CA LEU D 375 -11.14 26.25 -6.50
C LEU D 375 -11.19 27.73 -6.14
N PRO D 376 -12.19 28.44 -6.64
CA PRO D 376 -12.36 29.84 -6.23
C PRO D 376 -12.71 29.92 -4.75
N SER D 377 -12.43 31.07 -4.15
CA SER D 377 -12.64 31.24 -2.72
C SER D 377 -14.11 31.55 -2.42
N GLU D 378 -15.00 30.72 -2.96
CA GLU D 378 -16.41 30.75 -2.60
C GLU D 378 -16.90 29.39 -2.14
N VAL D 379 -16.05 28.36 -2.14
CA VAL D 379 -16.45 27.05 -1.64
C VAL D 379 -16.70 27.11 -0.15
N ASN D 380 -16.16 28.14 0.53
CA ASN D 380 -16.48 28.34 1.94
C ASN D 380 -17.96 28.63 2.15
N LEU D 381 -18.60 29.26 1.16
CA LEU D 381 -20.02 29.58 1.28
C LEU D 381 -20.89 28.34 1.18
N CYS D 382 -20.36 27.25 0.62
CA CYS D 382 -21.11 25.99 0.60
C CYS D 382 -21.41 25.48 2.00
N ASN D 383 -20.49 25.71 2.94
CA ASN D 383 -20.65 25.16 4.28
C ASN D 383 -21.72 25.88 5.09
N VAL D 384 -22.04 27.13 4.75
CA VAL D 384 -23.01 27.89 5.52
C VAL D 384 -24.32 28.11 4.79
N ASP D 385 -24.39 27.86 3.48
CA ASP D 385 -25.62 28.05 2.72
C ASP D 385 -25.58 27.10 1.52
N ILE D 386 -26.31 25.99 1.62
CA ILE D 386 -26.28 24.98 0.57
C ILE D 386 -26.88 25.51 -0.72
N PHE D 387 -27.79 26.48 -0.64
CA PHE D 387 -28.47 27.01 -1.81
C PHE D 387 -27.94 28.37 -2.25
N ASN D 388 -26.63 28.59 -2.09
CA ASN D 388 -26.05 29.86 -2.49
C ASN D 388 -26.06 30.00 -4.02
N PRO D 389 -26.05 31.23 -4.54
CA PRO D 389 -26.04 31.44 -5.99
C PRO D 389 -24.67 31.73 -6.59
N LYS D 390 -23.60 31.76 -5.80
CA LYS D 390 -22.28 32.11 -6.31
C LYS D 390 -21.41 30.91 -6.63
N TYR D 391 -21.56 29.81 -5.89
CA TYR D 391 -20.79 28.60 -6.18
C TYR D 391 -21.66 27.40 -5.80
N ASP D 392 -22.32 26.82 -6.80
CA ASP D 392 -23.16 25.65 -6.57
C ASP D 392 -22.31 24.48 -6.05
N CYS D 393 -22.80 23.83 -5.01
CA CYS D 393 -22.07 22.75 -4.38
C CYS D 393 -22.22 21.46 -5.20
N LYS D 394 -21.64 20.38 -4.70
CA LYS D 394 -21.70 19.08 -5.35
C LYS D 394 -22.38 18.08 -4.43
N ILE D 395 -23.32 17.30 -4.99
CA ILE D 395 -24.06 16.31 -4.21
C ILE D 395 -24.09 15.00 -4.98
N MET D 396 -24.45 13.94 -4.25
CA MET D 396 -24.69 12.62 -4.81
C MET D 396 -26.09 12.20 -4.40
N THR D 397 -26.92 11.86 -5.38
CA THR D 397 -28.30 11.47 -5.15
C THR D 397 -28.46 9.98 -5.46
N SER D 398 -28.93 9.23 -4.46
CA SER D 398 -29.11 7.80 -4.63
C SER D 398 -30.10 7.30 -3.59
N LYS D 399 -30.68 6.13 -3.87
CA LYS D 399 -31.61 5.48 -2.96
C LYS D 399 -30.93 4.44 -2.08
N THR D 400 -29.65 4.63 -1.80
CA THR D 400 -28.89 3.73 -0.92
C THR D 400 -29.26 4.05 0.52
N ASP D 401 -30.18 3.28 1.08
CA ASP D 401 -30.66 3.50 2.44
C ASP D 401 -29.92 2.56 3.38
N VAL D 402 -28.69 2.94 3.72
CA VAL D 402 -27.83 2.15 4.60
C VAL D 402 -27.32 3.05 5.70
N SER D 403 -27.41 2.56 6.95
CA SER D 403 -26.94 3.33 8.10
C SER D 403 -25.42 3.35 8.14
N SER D 404 -24.86 4.48 8.58
CA SER D 404 -23.41 4.59 8.66
C SER D 404 -23.03 5.75 9.57
N SER D 405 -21.78 5.74 10.01
CA SER D 405 -21.25 6.77 10.89
C SER D 405 -19.91 7.27 10.36
N VAL D 406 -19.62 8.53 10.65
CA VAL D 406 -18.35 9.16 10.31
C VAL D 406 -17.73 9.68 11.58
N ILE D 407 -16.53 9.19 11.90
CA ILE D 407 -15.81 9.61 13.10
C ILE D 407 -14.94 10.80 12.71
N THR D 408 -15.52 11.98 12.77
CA THR D 408 -14.77 13.21 12.56
C THR D 408 -13.97 13.55 13.82
N SER D 409 -13.08 14.52 13.70
CA SER D 409 -12.38 15.01 14.87
C SER D 409 -13.36 15.72 15.81
N LEU D 410 -13.11 15.56 17.12
CA LEU D 410 -13.88 16.16 18.22
C LEU D 410 -15.32 15.66 18.32
N GLY D 411 -15.71 14.65 17.58
CA GLY D 411 -17.07 14.17 17.67
C GLY D 411 -17.36 13.10 16.62
N ALA D 412 -18.65 12.84 16.44
CA ALA D 412 -19.06 11.79 15.52
C ALA D 412 -20.41 12.14 14.91
N ILE D 413 -20.57 11.79 13.64
CA ILE D 413 -21.84 11.92 12.93
C ILE D 413 -22.40 10.52 12.74
N VAL D 414 -23.68 10.34 13.06
CA VAL D 414 -24.34 9.04 12.95
C VAL D 414 -25.61 9.23 12.13
N SER D 415 -25.71 8.51 11.01
CA SER D 415 -26.92 8.49 10.21
C SER D 415 -27.52 7.09 10.36
N CYS D 416 -28.66 7.03 11.05
CA CYS D 416 -29.29 5.76 11.41
C CYS D 416 -30.61 5.64 10.67
N TYR D 417 -30.77 4.54 9.93
CA TYR D 417 -31.96 4.35 9.11
C TYR D 417 -32.43 2.91 9.22
N GLY D 418 -33.68 2.68 8.87
CA GLY D 418 -34.23 1.34 8.93
C GLY D 418 -34.41 0.86 10.37
N LYS D 419 -34.27 -0.45 10.54
CA LYS D 419 -34.45 -1.08 11.84
C LYS D 419 -33.16 -1.17 12.65
N THR D 420 -32.03 -0.72 12.10
CA THR D 420 -30.77 -0.83 12.81
C THR D 420 -30.78 0.02 14.07
N LYS D 421 -30.10 -0.47 15.10
CA LYS D 421 -30.03 0.21 16.39
C LYS D 421 -28.69 0.92 16.49
N CYS D 422 -28.73 2.24 16.74
CA CYS D 422 -27.55 3.07 16.83
C CYS D 422 -27.52 3.76 18.18
N THR D 423 -26.37 3.70 18.86
CA THR D 423 -26.23 4.24 20.20
C THR D 423 -24.85 4.84 20.38
N ALA D 424 -24.73 5.69 21.40
CA ALA D 424 -23.45 6.27 21.80
C ALA D 424 -23.22 5.95 23.27
N SER D 425 -22.08 5.36 23.59
CA SER D 425 -21.82 4.81 24.91
C SER D 425 -20.60 5.47 25.54
N ASN D 426 -20.73 5.81 26.81
CA ASN D 426 -19.64 6.29 27.65
C ASN D 426 -18.82 5.10 28.15
N LYS D 427 -17.59 5.39 28.60
CA LYS D 427 -16.73 4.35 29.16
C LYS D 427 -17.34 3.74 30.42
N ASN D 428 -17.85 4.57 31.34
CA ASN D 428 -18.39 4.09 32.60
C ASN D 428 -19.90 4.19 32.73
N ARG D 429 -20.53 5.16 32.06
CA ARG D 429 -21.97 5.33 32.14
C ARG D 429 -22.73 4.54 31.08
N GLY D 430 -22.04 3.70 30.31
CA GLY D 430 -22.71 2.84 29.36
C GLY D 430 -23.47 3.62 28.30
N ILE D 431 -24.57 3.03 27.84
CA ILE D 431 -25.39 3.67 26.82
C ILE D 431 -26.02 4.92 27.41
N ILE D 432 -25.82 6.05 26.73
CA ILE D 432 -26.39 7.33 27.15
C ILE D 432 -27.27 7.96 26.08
N LYS D 433 -27.39 7.34 24.91
CA LYS D 433 -28.23 7.88 23.85
C LYS D 433 -28.88 6.75 23.08
N THR D 434 -29.98 7.08 22.42
CA THR D 434 -30.83 6.10 21.75
C THR D 434 -31.20 6.64 20.35
N PHE D 435 -30.16 6.96 19.58
CA PHE D 435 -30.26 7.64 18.28
C PHE D 435 -31.50 7.25 17.49
N SER D 436 -32.24 8.24 17.03
CA SER D 436 -33.44 8.02 16.23
C SER D 436 -33.09 8.02 14.75
N ASN D 437 -34.09 7.80 13.91
CA ASN D 437 -33.87 7.77 12.48
C ASN D 437 -33.50 9.15 11.96
N GLY D 438 -32.51 9.21 11.08
CA GLY D 438 -32.03 10.46 10.55
C GLY D 438 -30.55 10.66 10.81
N CYS D 439 -30.09 11.91 10.70
CA CYS D 439 -28.71 12.27 10.93
C CYS D 439 -28.59 13.03 12.26
N ASP D 440 -27.60 12.65 13.06
CA ASP D 440 -27.39 13.27 14.36
C ASP D 440 -25.89 13.33 14.62
N TYR D 441 -25.50 14.13 15.61
CA TYR D 441 -24.10 14.40 15.89
C TYR D 441 -23.87 14.45 17.39
N VAL D 442 -22.79 13.82 17.85
CA VAL D 442 -22.45 13.79 19.26
C VAL D 442 -21.00 14.23 19.44
N SER D 443 -20.77 15.20 20.32
CA SER D 443 -19.43 15.66 20.59
C SER D 443 -18.65 14.61 21.38
N ASN D 444 -17.34 14.79 21.46
CA ASN D 444 -16.51 13.86 22.21
C ASN D 444 -16.48 14.16 23.70
N LYS D 445 -17.12 15.24 24.15
CA LYS D 445 -17.24 15.53 25.57
C LYS D 445 -18.25 14.55 26.16
N GLY D 446 -17.74 13.54 26.85
CA GLY D 446 -18.57 12.47 27.37
C GLY D 446 -18.67 11.25 26.47
N VAL D 447 -19.19 11.43 25.27
CA VAL D 447 -19.36 10.31 24.34
C VAL D 447 -17.99 9.79 23.93
N ASP D 448 -17.78 8.48 24.11
CA ASP D 448 -16.50 7.86 23.79
C ASP D 448 -16.58 6.78 22.72
N THR D 449 -17.62 5.96 22.72
CA THR D 449 -17.78 4.93 21.70
C THR D 449 -19.11 5.12 20.99
N VAL D 450 -19.18 4.68 19.74
CA VAL D 450 -20.39 4.77 18.95
C VAL D 450 -20.65 3.39 18.33
N SER D 451 -21.84 2.85 18.57
CA SER D 451 -22.24 1.56 18.04
C SER D 451 -23.30 1.77 16.97
N VAL D 452 -23.06 1.26 15.77
CA VAL D 452 -24.04 1.30 14.69
C VAL D 452 -24.25 -0.14 14.21
N GLY D 453 -25.47 -0.63 14.33
CA GLY D 453 -25.68 -2.05 14.12
C GLY D 453 -24.92 -2.81 15.20
N ASN D 454 -23.81 -3.43 14.81
CA ASN D 454 -22.85 -3.92 15.78
C ASN D 454 -21.46 -3.33 15.60
N THR D 455 -21.22 -2.60 14.52
CA THR D 455 -19.91 -1.99 14.31
C THR D 455 -19.63 -0.99 15.41
N LEU D 456 -18.43 -1.07 15.98
CA LEU D 456 -18.00 -0.23 17.09
C LEU D 456 -16.93 0.72 16.59
N TYR D 457 -17.17 2.02 16.75
CA TYR D 457 -16.23 3.06 16.39
C TYR D 457 -15.82 3.82 17.65
N TYR D 458 -14.57 4.26 17.67
CA TYR D 458 -14.05 5.05 18.78
C TYR D 458 -13.84 6.48 18.29
N VAL D 459 -14.39 7.43 19.03
CA VAL D 459 -14.31 8.84 18.63
C VAL D 459 -13.00 9.42 19.12
N ASN D 460 -12.49 10.41 18.39
CA ASN D 460 -11.25 11.06 18.77
C ASN D 460 -11.43 11.84 20.06
N LYS D 461 -10.39 11.83 20.89
CA LYS D 461 -10.43 12.50 22.19
C LYS D 461 -9.65 13.81 22.19
N GLN D 462 -9.46 14.42 21.04
CA GLN D 462 -8.79 15.71 20.97
C GLN D 462 -9.64 16.79 21.63
N GLU D 463 -9.01 17.58 22.49
CA GLU D 463 -9.72 18.64 23.20
C GLU D 463 -10.08 19.77 22.25
N GLY D 464 -11.32 20.23 22.32
CA GLY D 464 -11.75 21.32 21.46
C GLY D 464 -13.19 21.69 21.76
N LYS D 465 -13.64 22.74 21.09
CA LYS D 465 -14.98 23.29 21.28
C LYS D 465 -15.88 22.85 20.12
N SER D 466 -17.07 22.36 20.47
CA SER D 466 -18.04 21.88 19.49
C SER D 466 -19.25 22.80 19.48
N LEU D 467 -19.82 23.00 18.29
CA LEU D 467 -21.01 23.82 18.11
C LEU D 467 -22.00 23.08 17.22
N TYR D 468 -23.28 23.15 17.59
CA TYR D 468 -24.33 22.40 16.92
C TYR D 468 -25.40 23.39 16.46
N VAL D 469 -25.42 23.70 15.17
CA VAL D 469 -26.37 24.66 14.62
C VAL D 469 -27.58 23.89 14.09
N LYS D 470 -28.75 24.23 14.61
CA LYS D 470 -29.97 23.52 14.24
C LYS D 470 -30.48 24.00 12.89
N GLY D 471 -31.31 23.16 12.27
CA GLY D 471 -31.86 23.49 10.97
C GLY D 471 -32.82 22.41 10.51
N GLU D 472 -33.07 22.41 9.21
CA GLU D 472 -33.95 21.42 8.61
C GLU D 472 -33.24 20.68 7.50
N PRO D 473 -33.39 19.36 7.41
CA PRO D 473 -32.69 18.61 6.35
C PRO D 473 -33.11 19.07 4.96
N ILE D 474 -32.13 19.12 4.06
CA ILE D 474 -32.40 19.60 2.71
C ILE D 474 -33.32 18.64 1.95
N ILE D 475 -33.18 17.33 2.20
CA ILE D 475 -33.96 16.34 1.46
C ILE D 475 -35.45 16.48 1.74
N ASN D 476 -35.82 17.06 2.88
CA ASN D 476 -37.24 17.27 3.15
C ASN D 476 -37.84 18.32 2.21
N PHE D 477 -37.01 19.23 1.68
CA PHE D 477 -37.50 20.23 0.76
C PHE D 477 -37.88 19.62 -0.59
N TYR D 478 -37.16 18.60 -1.03
CA TYR D 478 -37.42 17.95 -2.30
C TYR D 478 -38.64 17.04 -2.17
N ASP D 479 -39.12 16.54 -3.32
CA ASP D 479 -40.24 15.61 -3.35
C ASP D 479 -39.77 14.32 -3.99
N PRO D 480 -39.97 13.16 -3.34
CA PRO D 480 -39.50 11.88 -3.87
C PRO D 480 -40.43 11.27 -4.93
N LEU D 481 -40.82 12.08 -5.90
CA LEU D 481 -41.65 11.62 -7.00
C LEU D 481 -41.02 11.88 -8.36
N VAL D 482 -40.35 13.01 -8.54
CA VAL D 482 -39.58 13.30 -9.74
C VAL D 482 -38.08 13.37 -9.41
N PHE D 483 -37.70 12.81 -8.28
CA PHE D 483 -36.30 12.87 -7.84
C PHE D 483 -35.42 12.05 -8.78
N PRO D 484 -34.36 12.64 -9.34
CA PRO D 484 -33.41 11.89 -10.18
C PRO D 484 -32.39 11.12 -9.35
N SER D 485 -32.81 9.94 -8.87
CA SER D 485 -31.97 9.12 -8.04
C SER D 485 -31.04 8.24 -8.86
N ASP D 486 -30.31 8.85 -9.79
CA ASP D 486 -29.37 8.13 -10.65
C ASP D 486 -28.01 8.80 -10.77
N GLU D 487 -27.90 10.11 -10.52
CA GLU D 487 -26.66 10.83 -10.71
C GLU D 487 -25.58 10.32 -9.76
N PHE D 488 -24.33 10.68 -10.07
CA PHE D 488 -23.20 10.36 -9.21
C PHE D 488 -22.67 11.62 -8.52
N ASP D 489 -22.29 12.64 -9.28
CA ASP D 489 -22.00 13.96 -8.70
C ASP D 489 -22.12 15.00 -9.81
N ALA D 490 -23.28 15.65 -9.90
CA ALA D 490 -23.37 16.73 -10.87
C ALA D 490 -23.19 18.11 -10.23
N SER D 491 -24.18 18.54 -9.45
CA SER D 491 -24.17 19.79 -8.69
C SER D 491 -25.53 19.94 -8.04
N ILE D 492 -25.67 20.99 -7.22
CA ILE D 492 -26.99 21.41 -6.77
C ILE D 492 -27.79 21.99 -7.93
N SER D 493 -27.17 22.87 -8.72
CA SER D 493 -27.87 23.55 -9.79
C SER D 493 -28.34 22.58 -10.86
N GLN D 494 -27.52 21.57 -11.19
CA GLN D 494 -27.92 20.59 -12.18
C GLN D 494 -29.11 19.77 -11.70
N VAL D 495 -29.11 19.39 -10.43
CA VAL D 495 -30.26 18.66 -9.88
C VAL D 495 -31.51 19.53 -9.93
N ASN D 496 -31.37 20.81 -9.57
CA ASN D 496 -32.52 21.72 -9.61
C ASN D 496 -33.05 21.89 -11.03
N GLU D 497 -32.17 22.04 -12.02
CA GLU D 497 -32.63 22.22 -13.39
C GLU D 497 -33.23 20.94 -13.95
N LYS D 498 -32.71 19.77 -13.54
CA LYS D 498 -33.35 18.51 -13.93
C LYS D 498 -34.74 18.39 -13.33
N ILE D 499 -34.90 18.80 -12.06
CA ILE D 499 -36.22 18.78 -11.44
C ILE D 499 -37.16 19.73 -12.16
N ASN D 500 -36.68 20.92 -12.53
CA ASN D 500 -37.51 21.87 -13.26
C ASN D 500 -37.92 21.32 -14.63
N GLN D 501 -36.98 20.67 -15.33
CA GLN D 501 -37.31 20.06 -16.61
C GLN D 501 -38.36 18.96 -16.45
N SER D 502 -38.21 18.13 -15.42
CA SER D 502 -39.19 17.08 -15.18
C SER D 502 -40.56 17.67 -14.87
N LEU D 503 -40.60 18.73 -14.08
CA LEU D 503 -41.87 19.38 -13.78
C LEU D 503 -42.50 19.98 -15.03
N ALA D 504 -41.68 20.60 -15.89
CA ALA D 504 -42.21 21.17 -17.13
C ALA D 504 -42.69 20.10 -18.09
N PHE D 505 -42.09 18.91 -18.03
CA PHE D 505 -42.52 17.83 -18.91
C PHE D 505 -43.98 17.45 -18.66
N ILE D 506 -44.37 17.38 -17.39
CA ILE D 506 -45.75 17.05 -17.05
C ILE D 506 -46.66 18.25 -17.25
N GLU E 1 -7.10 45.56 -5.61
CA GLU E 1 -7.52 46.52 -4.59
C GLU E 1 -6.88 46.22 -3.25
N VAL E 2 -5.61 45.86 -3.27
CA VAL E 2 -4.87 45.56 -2.05
C VAL E 2 -4.38 46.87 -1.45
N GLN E 3 -4.95 47.24 -0.30
CA GLN E 3 -4.64 48.49 0.36
C GLN E 3 -3.93 48.20 1.68
N LEU E 4 -2.76 48.80 1.85
CA LEU E 4 -1.95 48.67 3.06
C LEU E 4 -1.71 50.07 3.60
N VAL E 5 -2.49 50.50 4.59
CA VAL E 5 -2.38 51.84 5.14
C VAL E 5 -1.89 51.73 6.58
N GLU E 6 -0.80 52.42 6.88
CA GLU E 6 -0.14 52.28 8.17
C GLU E 6 0.14 53.64 8.77
N SER E 7 0.09 53.70 10.10
CA SER E 7 0.21 54.95 10.84
C SER E 7 0.75 54.65 12.23
N GLY E 8 0.77 55.68 13.07
CA GLY E 8 1.30 55.57 14.41
C GLY E 8 2.69 56.14 14.61
N GLY E 9 3.28 56.71 13.57
CA GLY E 9 4.62 57.27 13.69
C GLY E 9 4.61 58.71 14.17
N GLY E 10 5.62 59.06 14.94
CA GLY E 10 5.74 60.40 15.47
C GLY E 10 7.06 60.57 16.19
N LEU E 11 7.33 61.81 16.57
CA LEU E 11 8.59 62.13 17.24
C LEU E 11 8.63 61.50 18.63
N VAL E 12 9.75 60.84 18.94
CA VAL E 12 9.95 60.21 20.23
C VAL E 12 11.39 60.45 20.66
N LYS E 13 11.58 60.80 21.93
CA LYS E 13 12.91 61.01 22.45
C LYS E 13 13.69 59.69 22.47
N PRO E 14 15.03 59.76 22.37
CA PRO E 14 15.82 58.52 22.44
C PRO E 14 15.58 57.78 23.75
N GLY E 15 15.55 56.46 23.66
CA GLY E 15 15.23 55.63 24.81
C GLY E 15 13.75 55.46 25.08
N GLY E 16 12.87 56.03 24.24
CA GLY E 16 11.45 55.90 24.44
C GLY E 16 10.88 54.65 23.78
N SER E 17 9.56 54.51 23.91
CA SER E 17 8.83 53.39 23.36
C SER E 17 7.79 53.88 22.36
N LEU E 18 7.55 53.08 21.33
CA LEU E 18 6.64 53.49 20.27
C LEU E 18 5.90 52.27 19.73
N ARG E 19 4.74 52.52 19.13
CA ARG E 19 3.93 51.48 18.50
C ARG E 19 3.46 51.98 17.14
N LEU E 20 3.50 51.08 16.15
CA LEU E 20 3.07 51.40 14.80
C LEU E 20 2.03 50.38 14.35
N SER E 21 0.96 50.85 13.73
CA SER E 21 -0.14 50.02 13.30
C SER E 21 -0.26 50.03 11.79
N CYS E 22 -0.77 48.93 11.25
CA CYS E 22 -0.92 48.76 9.80
C CYS E 22 -2.21 48.00 9.54
N ALA E 23 -3.08 48.58 8.72
CA ALA E 23 -4.36 47.97 8.37
C ALA E 23 -4.32 47.55 6.91
N ALA E 24 -4.79 46.34 6.63
CA ALA E 24 -4.79 45.76 5.30
C ALA E 24 -6.21 45.45 4.88
N SER E 25 -6.53 45.73 3.61
CA SER E 25 -7.86 45.46 3.10
C SER E 25 -7.77 45.08 1.63
N GLY E 26 -8.82 44.42 1.15
CA GLY E 26 -8.91 44.01 -0.24
C GLY E 26 -8.33 42.66 -0.57
N PHE E 27 -7.91 41.89 0.42
CA PHE E 27 -7.35 40.56 0.17
C PHE E 27 -7.53 39.71 1.43
N SER E 28 -7.38 38.40 1.25
CA SER E 28 -7.46 37.47 2.37
C SER E 28 -6.22 37.64 3.24
N PHE E 29 -6.38 38.37 4.35
CA PHE E 29 -5.22 38.73 5.17
C PHE E 29 -4.67 37.53 5.93
N SER E 30 -5.49 36.51 6.18
CA SER E 30 -5.10 35.42 7.06
C SER E 30 -4.11 34.45 6.41
N SER E 31 -3.85 34.57 5.12
CA SER E 31 -3.02 33.60 4.42
C SER E 31 -1.70 34.17 3.91
N TYR E 32 -1.52 35.48 3.94
CA TYR E 32 -0.31 36.13 3.44
C TYR E 32 0.57 36.55 4.61
N ASN E 33 1.88 36.49 4.40
CA ASN E 33 2.76 36.85 5.50
C ASN E 33 2.93 38.37 5.56
N MET E 34 3.45 38.87 6.67
CA MET E 34 3.67 40.31 6.81
C MET E 34 5.11 40.58 7.22
N ASN E 35 5.58 41.76 6.86
CA ASN E 35 6.92 42.19 7.19
C ASN E 35 6.91 43.68 7.47
N TRP E 36 7.88 44.12 8.27
CA TRP E 36 8.15 45.53 8.49
C TRP E 36 9.57 45.80 8.02
N VAL E 37 9.74 46.79 7.15
CA VAL E 37 11.04 47.10 6.57
C VAL E 37 11.34 48.58 6.73
N ARG E 38 12.60 48.89 7.00
CA ARG E 38 13.03 50.26 7.21
C ARG E 38 13.60 50.86 5.93
N GLN E 39 13.68 52.19 5.93
CA GLN E 39 14.43 52.93 4.93
C GLN E 39 14.86 54.24 5.58
N ALA E 40 16.13 54.31 5.98
CA ALA E 40 16.65 55.54 6.55
C ALA E 40 16.70 56.62 5.47
N PRO E 41 16.57 57.89 5.84
CA PRO E 41 16.59 58.96 4.84
C PRO E 41 17.92 59.00 4.10
N GLY E 42 17.86 58.78 2.79
CA GLY E 42 19.06 58.79 1.98
C GLY E 42 19.90 57.55 2.06
N LYS E 43 19.41 56.49 2.70
CA LYS E 43 20.15 55.25 2.85
C LYS E 43 19.36 54.11 2.22
N GLY E 44 20.00 52.95 2.14
CA GLY E 44 19.37 51.79 1.55
C GLY E 44 18.35 51.14 2.46
N LEU E 45 17.62 50.20 1.89
CA LEU E 45 16.60 49.48 2.65
C LEU E 45 17.25 48.48 3.60
N GLU E 46 16.47 48.04 4.59
CA GLU E 46 16.98 47.13 5.61
C GLU E 46 15.80 46.43 6.25
N TRP E 47 15.71 45.11 6.10
CA TRP E 47 14.60 44.35 6.65
C TRP E 47 14.64 44.41 8.18
N VAL E 48 13.45 44.42 8.79
CA VAL E 48 13.35 44.67 10.23
C VAL E 48 12.60 43.55 10.95
N SER E 49 11.44 43.16 10.45
CA SER E 49 10.67 42.15 11.16
C SER E 49 9.83 41.33 10.18
N SER E 50 9.55 40.08 10.57
CA SER E 50 8.70 39.21 9.77
C SER E 50 7.72 38.48 10.67
N ILE E 51 6.59 38.07 10.08
CA ILE E 51 5.64 37.21 10.76
C ILE E 51 4.82 36.47 9.72
N THR E 52 4.40 35.25 10.06
CA THR E 52 3.62 34.41 9.18
C THR E 52 2.13 34.54 9.49
N GLY E 53 1.31 33.78 8.77
CA GLY E 53 -0.13 33.93 8.90
C GLY E 53 -0.66 33.49 10.25
N GLY E 54 -0.09 32.42 10.80
CA GLY E 54 -0.57 31.86 12.06
C GLY E 54 0.00 32.49 13.31
N SER E 55 0.81 33.54 13.19
CA SER E 55 1.36 34.31 14.29
C SER E 55 2.32 33.52 15.17
N ASN E 56 2.74 32.32 14.74
CA ASN E 56 3.63 31.48 15.53
C ASN E 56 4.96 31.20 14.85
N PHE E 57 5.39 32.04 13.92
CA PHE E 57 6.74 32.01 13.36
C PHE E 57 7.24 33.45 13.30
N ILE E 58 7.84 33.90 14.38
CA ILE E 58 8.38 35.26 14.46
C ILE E 58 9.80 35.23 13.92
N ASP E 59 10.26 36.37 13.42
CA ASP E 59 11.60 36.46 12.85
C ASP E 59 12.11 37.88 12.89
N TYR E 60 13.34 38.04 13.39
CA TYR E 60 14.04 39.31 13.48
C TYR E 60 15.47 39.10 13.02
N PRO E 61 16.13 40.16 12.55
CA PRO E 61 17.56 40.08 12.26
C PRO E 61 18.37 40.13 13.55
N ASP E 62 19.66 39.83 13.42
CA ASP E 62 20.53 39.75 14.59
C ASP E 62 20.68 41.10 15.28
N SER E 63 20.81 42.18 14.51
CA SER E 63 21.09 43.49 15.10
C SER E 63 19.94 43.98 15.98
N LEU E 64 18.70 43.79 15.53
CA LEU E 64 17.53 44.30 16.23
C LEU E 64 16.82 43.22 17.05
N LYS E 65 17.48 42.09 17.30
CA LYS E 65 16.84 41.00 18.01
C LYS E 65 16.59 41.38 19.48
N GLY E 66 15.41 41.04 19.98
CA GLY E 66 15.07 41.24 21.36
C GLY E 66 14.52 42.61 21.71
N ARG E 67 14.49 43.54 20.76
CA ARG E 67 13.99 44.89 21.00
C ARG E 67 12.66 45.16 20.33
N PHE E 68 12.51 44.76 19.07
CA PHE E 68 11.28 44.98 18.31
C PHE E 68 10.39 43.76 18.47
N THR E 69 9.14 43.97 18.88
CA THR E 69 8.18 42.90 19.02
C THR E 69 7.04 43.12 18.03
N ILE E 70 6.77 42.12 17.21
CA ILE E 70 5.76 42.23 16.16
C ILE E 70 4.59 41.32 16.51
N SER E 71 3.38 41.81 16.28
CA SER E 71 2.18 41.04 16.61
C SER E 71 1.08 41.40 15.65
N ARG E 72 0.48 40.41 15.00
CA ARG E 72 -0.60 40.63 14.07
C ARG E 72 -1.91 40.14 14.68
N ASP E 73 -2.92 40.98 14.63
CA ASP E 73 -4.27 40.63 15.06
C ASP E 73 -5.07 40.26 13.82
N ASN E 74 -5.40 38.98 13.69
CA ASN E 74 -6.07 38.48 12.50
C ASN E 74 -7.55 38.84 12.47
N SER E 75 -8.12 39.23 13.60
CA SER E 75 -9.56 39.47 13.67
C SER E 75 -9.97 40.65 12.81
N ARG E 76 -9.30 41.78 12.96
CA ARG E 76 -9.60 42.99 12.19
C ARG E 76 -8.53 43.30 11.16
N ASN E 77 -7.73 42.30 10.77
CA ASN E 77 -6.73 42.45 9.72
C ASN E 77 -5.74 43.57 10.05
N SER E 78 -5.02 43.40 11.15
CA SER E 78 -4.15 44.45 11.65
C SER E 78 -2.77 43.88 12.00
N LEU E 79 -1.76 44.75 11.88
CA LEU E 79 -0.38 44.43 12.21
C LEU E 79 0.16 45.51 13.13
N TYR E 80 0.93 45.11 14.14
CA TYR E 80 1.49 46.06 15.10
C TYR E 80 2.96 45.77 15.29
N LEU E 81 3.76 46.83 15.38
CA LEU E 81 5.18 46.74 15.69
C LEU E 81 5.47 47.62 16.88
N GLN E 82 6.04 47.02 17.93
CA GLN E 82 6.34 47.71 19.18
C GLN E 82 7.85 47.83 19.31
N MET E 83 8.33 49.07 19.39
CA MET E 83 9.75 49.35 19.49
C MET E 83 10.06 49.89 20.89
N ASN E 84 11.04 49.28 21.55
CA ASN E 84 11.50 49.70 22.86
C ASN E 84 12.98 50.05 22.78
N SER E 85 13.39 51.04 23.59
CA SER E 85 14.79 51.44 23.70
C SER E 85 15.36 51.85 22.35
N LEU E 86 14.80 52.94 21.82
CA LEU E 86 15.25 53.47 20.55
C LEU E 86 16.69 53.96 20.64
N ARG E 87 17.35 54.02 19.49
CA ARG E 87 18.72 54.50 19.40
C ARG E 87 18.79 55.53 18.28
N ALA E 88 20.02 55.96 17.95
CA ALA E 88 20.19 56.98 16.91
C ALA E 88 19.70 56.49 15.55
N GLU E 89 19.73 55.17 15.33
CA GLU E 89 19.19 54.59 14.10
C GLU E 89 17.67 54.47 14.21
N ASP E 90 17.07 53.69 13.31
CA ASP E 90 15.64 53.39 13.29
C ASP E 90 14.82 54.58 12.82
N THR E 91 15.48 55.72 12.59
CA THR E 91 14.80 56.87 12.02
C THR E 91 14.66 56.71 10.52
N GLY E 92 13.49 57.11 10.01
CA GLY E 92 13.23 57.03 8.59
C GLY E 92 11.83 56.51 8.34
N LEU E 93 11.62 55.98 7.14
CA LEU E 93 10.33 55.45 6.76
C LEU E 93 10.23 53.98 7.15
N TYR E 94 9.06 53.60 7.65
CA TYR E 94 8.73 52.22 7.96
C TYR E 94 7.62 51.77 7.01
N TYR E 95 7.83 50.64 6.36
CA TYR E 95 6.86 50.09 5.41
C TYR E 95 6.31 48.78 5.97
N CYS E 96 4.99 48.65 5.95
CA CYS E 96 4.29 47.42 6.29
C CYS E 96 3.97 46.70 4.99
N VAL E 97 4.73 45.63 4.71
CA VAL E 97 4.77 45.05 3.39
C VAL E 97 4.28 43.61 3.45
N ARG E 98 3.37 43.26 2.56
CA ARG E 98 2.81 41.92 2.51
C ARG E 98 3.73 40.98 1.75
N GLU E 99 4.26 39.98 2.46
CA GLU E 99 5.03 38.91 1.82
C GLU E 99 4.04 37.98 1.16
N SER E 100 4.10 37.92 -0.18
CA SER E 100 3.12 37.24 -1.01
C SER E 100 3.80 36.12 -1.77
N TYR E 101 3.41 34.88 -1.47
CA TYR E 101 3.87 33.68 -2.17
C TYR E 101 3.11 33.51 -3.48
N PHE E 102 3.09 32.29 -4.01
CA PHE E 102 2.48 31.85 -5.26
C PHE E 102 3.40 32.06 -6.45
N GLY E 103 4.58 32.67 -6.25
CA GLY E 103 5.61 32.63 -7.26
C GLY E 103 6.39 31.33 -7.16
N SER E 104 5.71 30.21 -7.41
CA SER E 104 6.25 28.86 -7.23
C SER E 104 6.76 28.66 -5.81
N GLY E 105 7.59 27.64 -5.59
CA GLY E 105 8.23 27.50 -4.30
C GLY E 105 9.18 28.65 -4.07
N GLY E 106 10.30 28.64 -4.78
CA GLY E 106 11.17 29.79 -4.94
C GLY E 106 11.60 30.55 -3.70
N SER E 107 11.55 29.90 -2.53
CA SER E 107 11.94 30.51 -1.26
C SER E 107 11.38 31.92 -1.10
N LEU E 108 12.26 32.92 -1.13
CA LEU E 108 11.87 34.32 -1.04
C LEU E 108 10.90 34.65 -2.16
N ASN E 109 9.67 35.05 -1.85
CA ASN E 109 8.77 35.10 -2.98
C ASN E 109 8.81 36.42 -3.76
N TRP E 110 8.01 37.43 -3.37
CA TRP E 110 8.04 38.66 -4.16
C TRP E 110 7.41 39.93 -3.57
N PHE E 111 7.68 40.35 -2.32
CA PHE E 111 6.71 41.22 -1.63
C PHE E 111 6.17 42.35 -2.52
N ASP E 112 4.89 42.26 -2.88
CA ASP E 112 4.31 43.20 -3.83
C ASP E 112 3.83 44.52 -3.22
N PRO E 113 2.84 44.50 -2.30
CA PRO E 113 2.08 45.74 -2.02
C PRO E 113 2.66 46.61 -0.90
N TRP E 114 3.74 47.32 -1.22
CA TRP E 114 4.34 48.22 -0.24
C TRP E 114 3.38 49.36 0.08
N GLY E 115 3.25 49.67 1.36
CA GLY E 115 2.49 50.83 1.77
C GLY E 115 3.26 52.11 1.56
N GLN E 116 2.56 53.23 1.72
CA GLN E 116 3.20 54.53 1.51
C GLN E 116 4.25 54.84 2.57
N GLY E 117 4.16 54.24 3.74
CA GLY E 117 5.21 54.38 4.73
C GLY E 117 4.85 55.37 5.82
N THR E 118 5.36 55.12 7.02
CA THR E 118 5.20 56.00 8.16
C THR E 118 6.56 56.55 8.56
N LEU E 119 6.64 57.86 8.77
CA LEU E 119 7.90 58.51 9.09
C LEU E 119 8.09 58.54 10.60
N VAL E 120 9.17 57.94 11.07
CA VAL E 120 9.50 57.87 12.49
C VAL E 120 10.82 58.60 12.71
N ILE E 121 10.80 59.59 13.59
CA ILE E 121 11.96 60.44 13.85
C ILE E 121 12.35 60.28 15.31
N VAL E 122 13.63 60.04 15.57
CA VAL E 122 14.18 60.01 16.91
C VAL E 122 15.23 61.12 17.01
N SER E 123 15.12 61.94 18.06
CA SER E 123 16.02 63.07 18.30
C SER E 123 15.62 63.69 19.63
N SER E 124 16.42 64.65 20.08
CA SER E 124 16.12 65.40 21.30
C SER E 124 15.52 66.75 20.94
N GLN F 1 27.54 49.33 5.00
CA GLN F 1 28.00 47.98 4.68
C GLN F 1 26.83 47.00 4.56
N SER F 2 26.58 46.53 3.35
CA SER F 2 25.52 45.58 3.08
C SER F 2 26.11 44.23 2.70
N VAL F 3 25.28 43.18 2.85
CA VAL F 3 25.72 41.84 2.48
C VAL F 3 25.98 41.76 0.99
N LEU F 4 25.10 42.35 0.19
CA LEU F 4 25.26 42.37 -1.26
C LEU F 4 25.95 43.66 -1.69
N THR F 5 26.58 43.61 -2.86
CA THR F 5 27.27 44.76 -3.43
C THR F 5 26.57 45.21 -4.70
N GLN F 6 26.41 46.51 -4.85
CA GLN F 6 25.80 47.10 -6.04
C GLN F 6 26.59 48.34 -6.43
N PRO F 7 26.67 48.63 -7.73
CA PRO F 7 27.33 49.86 -8.16
C PRO F 7 26.63 51.08 -7.61
N PRO F 8 27.37 52.09 -7.16
CA PRO F 8 26.72 53.27 -6.57
C PRO F 8 25.82 54.01 -7.53
N SER F 9 26.15 54.04 -8.81
CA SER F 9 25.34 54.72 -9.81
C SER F 9 25.72 54.23 -11.19
N VAL F 10 24.72 54.16 -12.07
CA VAL F 10 24.92 53.85 -13.48
C VAL F 10 24.22 54.93 -14.30
N SER F 11 24.70 55.10 -15.53
CA SER F 11 24.21 56.16 -16.39
C SER F 11 24.01 55.62 -17.80
N GLY F 12 23.28 56.38 -18.61
CA GLY F 12 23.05 56.02 -19.99
C GLY F 12 22.29 57.12 -20.71
N ALA F 13 22.14 56.91 -22.01
CA ALA F 13 21.39 57.80 -22.88
C ALA F 13 20.05 57.18 -23.24
N PRO F 14 19.07 57.99 -23.65
CA PRO F 14 17.79 57.42 -24.07
C PRO F 14 17.98 56.44 -25.23
N GLY F 15 17.25 55.33 -25.18
CA GLY F 15 17.37 54.28 -26.16
C GLY F 15 18.55 53.35 -25.98
N GLN F 16 19.25 53.43 -24.86
CA GLN F 16 20.44 52.61 -24.60
C GLN F 16 20.15 51.65 -23.44
N ARG F 17 20.61 50.41 -23.60
CA ARG F 17 20.43 49.41 -22.56
C ARG F 17 21.49 49.57 -21.48
N VAL F 18 21.07 49.39 -20.22
CA VAL F 18 21.95 49.49 -19.06
C VAL F 18 21.81 48.23 -18.23
N THR F 19 22.94 47.69 -17.78
CA THR F 19 22.97 46.48 -16.97
C THR F 19 23.40 46.82 -15.56
N ILE F 20 22.66 46.31 -14.58
CA ILE F 20 22.95 46.50 -13.16
C ILE F 20 23.24 45.14 -12.55
N SER F 21 24.34 45.04 -11.82
CA SER F 21 24.81 43.77 -11.27
C SER F 21 24.46 43.66 -9.80
N CYS F 22 24.32 42.41 -9.35
CA CYS F 22 24.03 42.08 -7.96
C CYS F 22 24.89 40.88 -7.61
N THR F 23 25.96 41.10 -6.85
CA THR F 23 26.95 40.08 -6.56
C THR F 23 26.92 39.74 -5.07
N GLY F 24 27.06 38.45 -4.76
CA GLY F 24 26.98 38.01 -3.39
C GLY F 24 27.84 36.78 -3.14
N SER F 25 27.88 36.39 -1.87
CA SER F 25 28.72 35.28 -1.39
C SER F 25 28.02 33.93 -1.55
N SER F 26 28.54 32.90 -0.88
CA SER F 26 27.92 31.58 -0.94
C SER F 26 26.59 31.55 -0.20
N SER F 27 26.56 32.08 1.03
CA SER F 27 25.33 32.16 1.82
C SER F 27 24.52 33.39 1.39
N SER F 28 24.19 33.39 0.10
CA SER F 28 23.76 34.60 -0.60
C SER F 28 23.05 34.12 -1.87
N ILE F 29 23.13 34.91 -2.95
CA ILE F 29 22.70 34.50 -4.29
C ILE F 29 23.05 33.03 -4.51
N GLY F 30 24.25 32.62 -4.11
CA GLY F 30 24.65 31.23 -4.20
C GLY F 30 23.72 30.31 -3.44
N ARG F 31 23.86 29.02 -3.74
CA ARG F 31 22.92 27.97 -3.34
C ARG F 31 21.57 28.17 -4.05
N GLY F 32 21.48 29.22 -4.86
CA GLY F 32 20.28 29.52 -5.62
C GLY F 32 19.06 29.86 -4.78
N TYR F 33 19.11 30.94 -4.02
CA TYR F 33 17.87 31.39 -3.35
C TYR F 33 16.90 32.02 -4.35
N ASP F 34 17.21 33.25 -4.78
CA ASP F 34 16.64 34.04 -5.87
C ASP F 34 17.22 35.45 -5.79
N VAL F 35 16.91 36.29 -6.76
CA VAL F 35 17.10 37.73 -6.65
C VAL F 35 15.82 38.42 -7.07
N HIS F 36 15.45 39.47 -6.37
CA HIS F 36 14.30 40.28 -6.72
C HIS F 36 14.74 41.72 -6.91
N TRP F 37 14.23 42.36 -7.96
CA TRP F 37 14.62 43.71 -8.31
C TRP F 37 13.46 44.65 -8.02
N TYR F 38 13.71 45.63 -7.16
CA TYR F 38 12.72 46.61 -6.73
C TYR F 38 13.09 47.99 -7.25
N GLN F 39 12.07 48.78 -7.60
CA GLN F 39 12.23 50.13 -8.08
C GLN F 39 11.71 51.12 -7.05
N GLN F 40 12.38 52.26 -6.93
CA GLN F 40 11.91 53.32 -6.04
C GLN F 40 12.13 54.65 -6.74
N VAL F 41 11.04 55.31 -7.11
CA VAL F 41 11.09 56.69 -7.58
C VAL F 41 10.94 57.58 -6.35
N PRO F 42 11.79 58.60 -6.18
CA PRO F 42 11.73 59.39 -4.95
C PRO F 42 10.35 60.00 -4.72
N GLY F 43 9.92 59.99 -3.46
CA GLY F 43 8.59 60.43 -3.12
C GLY F 43 7.50 59.41 -3.33
N THR F 44 7.85 58.18 -3.67
CA THR F 44 6.87 57.13 -3.94
C THR F 44 7.34 55.85 -3.26
N ALA F 45 6.38 55.03 -2.82
CA ALA F 45 6.70 53.78 -2.17
C ALA F 45 7.37 52.81 -3.16
N PRO F 46 8.26 51.95 -2.68
CA PRO F 46 8.92 51.01 -3.58
C PRO F 46 7.93 50.08 -4.28
N ARG F 47 8.29 49.70 -5.50
CA ARG F 47 7.44 48.95 -6.41
C ARG F 47 8.20 47.73 -6.91
N LEU F 48 7.52 46.59 -6.98
CA LEU F 48 8.17 45.39 -7.48
C LEU F 48 8.41 45.50 -8.98
N LEU F 49 9.62 45.18 -9.41
CA LEU F 49 9.99 45.22 -10.82
C LEU F 49 10.21 43.84 -11.42
N ILE F 50 11.04 43.01 -10.80
CA ILE F 50 11.31 41.68 -11.30
C ILE F 50 11.32 40.71 -10.14
N TYR F 51 10.55 39.63 -10.26
CA TYR F 51 10.48 38.61 -9.23
C TYR F 51 10.85 37.25 -9.82
N ALA F 52 11.30 36.34 -8.95
CA ALA F 52 11.80 35.03 -9.35
C ALA F 52 12.97 35.14 -10.33
N ASN F 53 13.65 36.28 -10.33
CA ASN F 53 14.93 36.56 -10.97
C ASN F 53 14.85 36.64 -12.49
N THR F 54 13.74 36.24 -13.09
CA THR F 54 13.59 36.40 -14.53
C THR F 54 12.22 36.88 -14.99
N ASN F 55 11.15 36.62 -14.23
CA ASN F 55 9.80 36.86 -14.71
C ASN F 55 9.48 38.35 -14.61
N ARG F 56 8.21 38.69 -14.81
CA ARG F 56 7.80 40.09 -14.79
C ARG F 56 6.34 40.21 -14.38
N PRO F 57 6.02 41.08 -13.42
CA PRO F 57 4.62 41.26 -13.04
C PRO F 57 3.85 41.98 -14.12
N SER F 58 2.53 41.78 -14.10
CA SER F 58 1.65 42.48 -15.03
C SER F 58 1.69 43.97 -14.77
N GLY F 59 1.59 44.76 -15.84
CA GLY F 59 1.66 46.20 -15.74
C GLY F 59 3.06 46.78 -15.82
N ILE F 60 4.08 45.97 -16.08
CA ILE F 60 5.45 46.43 -16.25
C ILE F 60 5.82 46.26 -17.72
N PRO F 61 6.39 47.27 -18.36
CA PRO F 61 6.74 47.14 -19.78
C PRO F 61 7.75 46.02 -20.01
N ASP F 62 7.65 45.39 -21.18
CA ASP F 62 8.47 44.22 -21.50
C ASP F 62 9.92 44.54 -21.75
N ARG F 63 10.30 45.82 -21.81
CA ARG F 63 11.67 46.18 -22.09
C ARG F 63 12.64 45.78 -20.99
N PHE F 64 12.15 45.46 -19.80
CA PHE F 64 13.00 45.04 -18.69
C PHE F 64 13.30 43.55 -18.80
N SER F 65 14.45 43.14 -18.29
CA SER F 65 14.81 41.73 -18.25
C SER F 65 15.70 41.47 -17.05
N GLY F 66 15.68 40.24 -16.58
CA GLY F 66 16.49 39.84 -15.44
C GLY F 66 17.00 38.43 -15.63
N SER F 67 18.17 38.18 -15.04
CA SER F 67 18.79 36.86 -15.14
C SER F 67 19.75 36.67 -13.99
N LYS F 68 20.14 35.41 -13.76
CA LYS F 68 21.15 35.09 -12.78
C LYS F 68 22.02 33.96 -13.32
N SER F 69 23.25 33.89 -12.81
CA SER F 69 24.19 32.88 -13.23
C SER F 69 25.26 32.72 -12.16
N ALA F 70 25.50 31.48 -11.75
CA ALA F 70 26.50 31.15 -10.73
C ALA F 70 26.25 31.92 -9.44
N THR F 71 27.00 33.00 -9.22
CA THR F 71 26.89 33.79 -8.00
C THR F 71 26.56 35.25 -8.28
N SER F 72 26.19 35.59 -9.51
CA SER F 72 25.93 36.97 -9.89
C SER F 72 24.61 37.08 -10.63
N ALA F 73 23.84 38.12 -10.31
CA ALA F 73 22.58 38.39 -10.98
C ALA F 73 22.68 39.70 -11.75
N SER F 74 21.88 39.81 -12.80
CA SER F 74 21.91 40.99 -13.67
C SER F 74 20.49 41.42 -13.99
N LEU F 75 20.29 42.74 -14.06
CA LEU F 75 19.04 43.34 -14.51
C LEU F 75 19.35 44.27 -15.67
N ALA F 76 18.72 44.04 -16.80
CA ALA F 76 18.99 44.78 -18.03
C ALA F 76 17.78 45.60 -18.42
N ILE F 77 18.01 46.88 -18.71
CA ILE F 77 16.96 47.79 -19.16
C ILE F 77 17.26 48.16 -20.61
N THR F 78 16.32 47.88 -21.50
CA THR F 78 16.46 48.13 -22.93
C THR F 78 15.58 49.31 -23.32
N GLY F 79 16.15 50.24 -24.07
CA GLY F 79 15.41 51.42 -24.46
C GLY F 79 15.14 52.35 -23.29
N LEU F 80 16.20 52.95 -22.76
CA LEU F 80 16.07 53.79 -21.58
C LEU F 80 15.23 55.03 -21.89
N GLN F 81 14.40 55.42 -20.92
CA GLN F 81 13.56 56.60 -21.04
C GLN F 81 13.67 57.42 -19.76
N ALA F 82 13.09 58.62 -19.79
CA ALA F 82 13.21 59.53 -18.65
C ALA F 82 12.49 59.01 -17.41
N GLU F 83 11.52 58.11 -17.60
CA GLU F 83 10.73 57.62 -16.47
C GLU F 83 11.42 56.52 -15.67
N ASP F 84 12.52 55.96 -16.17
CA ASP F 84 13.19 54.87 -15.48
C ASP F 84 14.27 55.33 -14.52
N GLU F 85 14.54 56.62 -14.41
CA GLU F 85 15.53 57.09 -13.47
C GLU F 85 15.00 56.90 -12.05
N ALA F 86 15.74 56.16 -11.23
CA ALA F 86 15.25 55.75 -9.92
C ALA F 86 16.33 55.04 -9.11
N ASP F 87 15.97 54.58 -7.91
CA ASP F 87 16.83 53.71 -7.13
C ASP F 87 16.40 52.26 -7.36
N TYR F 88 17.34 51.43 -7.76
CA TYR F 88 17.10 50.02 -8.02
C TYR F 88 17.77 49.19 -6.94
N TYR F 89 17.02 48.27 -6.34
CA TYR F 89 17.51 47.46 -5.24
C TYR F 89 17.42 45.98 -5.60
N CYS F 90 18.52 45.26 -5.40
CA CYS F 90 18.54 43.81 -5.57
C CYS F 90 18.41 43.12 -4.21
N GLN F 91 17.65 42.04 -4.20
CA GLN F 91 17.28 41.37 -2.96
C GLN F 91 17.52 39.87 -3.05
N SER F 92 17.94 39.28 -1.93
CA SER F 92 18.10 37.84 -1.78
C SER F 92 18.03 37.52 -0.29
N TYR F 93 18.40 36.30 0.06
CA TYR F 93 18.37 35.83 1.44
C TYR F 93 19.78 35.49 1.90
N ASP F 94 19.90 35.16 3.19
CA ASP F 94 21.17 34.84 3.80
C ASP F 94 20.91 33.92 4.98
N SER F 95 21.65 32.81 5.06
CA SER F 95 21.42 31.86 6.14
C SER F 95 21.79 32.43 7.51
N SER F 96 22.62 33.47 7.56
CA SER F 96 23.02 34.08 8.82
C SER F 96 22.59 35.53 8.95
N MET F 97 21.96 36.12 7.94
CA MET F 97 21.49 37.50 8.03
C MET F 97 20.07 37.69 7.52
N LEU F 98 19.42 36.66 7.00
CA LEU F 98 18.04 36.71 6.50
C LEU F 98 17.97 37.68 5.32
N TRP F 99 16.83 38.35 5.13
CA TRP F 99 16.66 39.24 4.00
C TRP F 99 17.72 40.34 4.03
N VAL F 100 18.37 40.56 2.89
CA VAL F 100 19.56 41.38 2.84
C VAL F 100 19.30 42.75 2.23
N PHE F 101 18.68 42.79 1.05
CA PHE F 101 18.48 44.01 0.26
C PHE F 101 19.80 44.62 -0.18
N GLY F 102 19.77 45.42 -1.24
CA GLY F 102 20.98 45.96 -1.82
C GLY F 102 21.36 47.30 -1.24
N GLY F 103 22.46 47.84 -1.75
CA GLY F 103 22.93 49.15 -1.37
C GLY F 103 22.33 50.30 -2.12
N GLY F 104 21.55 50.02 -3.16
CA GLY F 104 20.88 51.06 -3.91
C GLY F 104 21.66 51.55 -5.10
N THR F 105 21.13 51.33 -6.30
CA THR F 105 21.76 51.81 -7.53
C THR F 105 20.95 52.98 -8.06
N LYS F 106 21.61 54.13 -8.19
CA LYS F 106 20.95 55.35 -8.66
C LYS F 106 21.11 55.44 -10.17
N LEU F 107 20.03 55.21 -10.90
CA LEU F 107 20.06 55.26 -12.35
C LEU F 107 19.42 56.56 -12.83
N THR F 108 20.15 57.30 -13.65
CA THR F 108 19.71 58.60 -14.15
C THR F 108 19.91 58.67 -15.66
N VAL F 109 19.12 59.52 -16.29
CA VAL F 109 19.11 59.67 -17.75
C VAL F 109 19.92 60.91 -18.11
N LEU F 110 20.89 60.74 -19.00
CA LEU F 110 21.70 61.85 -19.46
C LEU F 110 21.04 62.58 -20.63
N ASN G 27 -16.11 -28.35 6.21
CA ASN G 27 -15.59 -28.25 4.85
C ASN G 27 -16.19 -27.05 4.11
N ILE G 28 -15.64 -26.75 2.94
CA ILE G 28 -16.04 -25.58 2.15
C ILE G 28 -16.85 -26.07 0.96
N THR G 29 -18.02 -25.47 0.75
CA THR G 29 -18.93 -25.88 -0.30
C THR G 29 -19.25 -24.70 -1.20
N GLU G 30 -19.16 -24.89 -2.51
CA GLU G 30 -19.42 -23.84 -3.47
C GLU G 30 -20.64 -24.17 -4.32
N GLU G 31 -21.45 -23.14 -4.59
CA GLU G 31 -22.59 -23.25 -5.51
C GLU G 31 -22.47 -22.15 -6.55
N PHE G 32 -22.99 -22.41 -7.74
CA PHE G 32 -22.96 -21.45 -8.83
C PHE G 32 -24.36 -21.30 -9.40
N TYR G 33 -24.95 -20.12 -9.22
CA TYR G 33 -26.24 -19.82 -9.82
C TYR G 33 -26.02 -19.21 -11.20
N GLN G 34 -26.48 -19.91 -12.23
CA GLN G 34 -26.42 -19.40 -13.59
C GLN G 34 -27.49 -18.36 -13.87
N SER G 35 -28.52 -18.28 -13.03
CA SER G 35 -29.59 -17.31 -13.26
C SER G 35 -29.05 -15.89 -13.22
N THR G 36 -28.13 -15.60 -12.30
CA THR G 36 -27.51 -14.29 -12.20
C THR G 36 -26.01 -14.35 -12.44
N CYS G 37 -25.47 -15.52 -12.80
CA CYS G 37 -24.03 -15.72 -12.98
C CYS G 37 -23.27 -15.26 -11.74
N SER G 38 -23.53 -15.95 -10.63
CA SER G 38 -22.89 -15.61 -9.37
C SER G 38 -22.60 -16.87 -8.57
N ALA G 39 -21.45 -16.87 -7.88
CA ALA G 39 -21.03 -18.01 -7.09
C ALA G 39 -21.06 -17.65 -5.60
N VAL G 40 -21.45 -18.63 -4.79
CA VAL G 40 -21.43 -18.49 -3.34
C VAL G 40 -20.54 -19.59 -2.76
N SER G 41 -19.63 -19.20 -1.87
CA SER G 41 -18.75 -20.14 -1.20
C SER G 41 -19.09 -20.10 0.29
N LYS G 42 -19.65 -21.19 0.80
CA LYS G 42 -20.10 -21.28 2.18
C LYS G 42 -19.28 -22.32 2.92
N GLY G 43 -19.51 -22.40 4.22
CA GLY G 43 -18.78 -23.29 5.10
C GLY G 43 -17.72 -22.60 5.93
N TYR G 44 -17.41 -21.34 5.64
CA TYR G 44 -16.43 -20.60 6.41
C TYR G 44 -16.95 -20.31 7.82
N LEU G 45 -16.02 -20.02 8.72
CA LEU G 45 -16.34 -19.57 10.06
C LEU G 45 -15.86 -18.12 10.22
N SER G 46 -16.25 -17.49 11.33
CA SER G 46 -16.05 -16.07 11.50
C SER G 46 -15.09 -15.77 12.64
N ALA G 47 -14.41 -14.63 12.52
CA ALA G 47 -13.66 -14.04 13.62
C ALA G 47 -13.61 -12.54 13.34
N LEU G 48 -14.52 -11.79 13.97
CA LEU G 48 -14.70 -10.38 13.68
C LEU G 48 -13.97 -9.53 14.70
N ARG G 49 -13.15 -8.59 14.21
CA ARG G 49 -12.49 -7.62 15.08
C ARG G 49 -13.51 -6.59 15.51
N THR G 50 -14.06 -6.76 16.71
CA THR G 50 -15.13 -5.88 17.20
C THR G 50 -14.65 -4.84 18.19
N GLY G 51 -13.59 -5.12 18.97
CA GLY G 51 -13.12 -4.20 19.96
C GLY G 51 -11.62 -3.96 19.86
N TRP G 52 -11.17 -2.91 20.54
CA TRP G 52 -9.76 -2.59 20.67
C TRP G 52 -9.34 -2.68 22.12
N TYR G 53 -8.17 -3.26 22.37
CA TYR G 53 -7.57 -3.28 23.70
C TYR G 53 -6.21 -2.60 23.64
N THR G 54 -5.91 -1.78 24.64
CA THR G 54 -4.68 -1.01 24.68
C THR G 54 -3.79 -1.55 25.79
N SER G 55 -2.59 -1.96 25.43
CA SER G 55 -1.58 -2.37 26.40
C SER G 55 -0.40 -1.40 26.32
N VAL G 56 0.28 -1.21 27.44
CA VAL G 56 1.39 -0.27 27.52
C VAL G 56 2.67 -1.09 27.65
N ILE G 57 3.49 -1.10 26.60
CA ILE G 57 4.79 -1.75 26.63
C ILE G 57 5.83 -0.72 27.03
N THR G 58 6.57 -1.00 28.10
CA THR G 58 7.53 -0.06 28.66
C THR G 58 8.93 -0.64 28.57
N ILE G 59 9.89 0.20 28.23
CA ILE G 59 11.31 -0.13 28.20
C ILE G 59 12.01 0.79 29.19
N GLU G 60 12.75 0.20 30.12
CA GLU G 60 13.44 0.97 31.15
C GLU G 60 14.80 1.39 30.60
N LEU G 61 14.92 2.67 30.23
CA LEU G 61 16.18 3.20 29.73
C LEU G 61 17.01 3.71 30.91
N SER G 62 18.21 4.21 30.59
CA SER G 62 19.11 4.76 31.60
C SER G 62 19.64 6.11 31.12
N ASN G 63 19.89 6.98 32.08
CA ASN G 63 20.39 8.32 31.81
C ASN G 63 21.89 8.34 32.07
N ILE G 64 22.66 8.67 31.03
CA ILE G 64 24.11 8.75 31.11
C ILE G 64 24.56 10.01 30.38
N LYS G 65 25.50 10.73 30.97
CA LYS G 65 25.95 12.01 30.41
C LYS G 65 27.06 11.83 29.38
N GLU G 66 28.17 11.22 29.79
CA GLU G 66 29.28 10.95 28.89
C GLU G 66 30.25 10.01 29.60
N ASN G 67 31.18 9.45 28.83
CA ASN G 67 32.22 8.59 29.38
C ASN G 67 33.32 9.46 29.98
N LYS G 68 33.57 9.29 31.28
CA LYS G 68 34.58 10.10 31.95
C LYS G 68 35.98 9.81 31.40
N CYS G 69 36.29 8.54 31.18
CA CYS G 69 37.62 8.17 30.73
C CYS G 69 37.74 8.32 29.22
N ASN G 70 38.98 8.48 28.75
CA ASN G 70 39.27 8.56 27.33
C ASN G 70 40.62 7.92 27.07
N GLY G 71 40.75 7.24 25.95
CA GLY G 71 41.99 6.56 25.62
C GLY G 71 42.00 6.14 24.17
N THR G 72 43.15 5.59 23.76
CA THR G 72 43.35 5.14 22.40
C THR G 72 43.00 3.66 22.22
N ASP G 73 42.52 2.99 23.26
CA ASP G 73 42.13 1.60 23.14
C ASP G 73 40.96 1.46 22.17
N ALA G 74 41.00 0.39 21.38
CA ALA G 74 39.98 0.18 20.37
C ALA G 74 38.69 -0.36 20.99
N LYS G 75 38.80 -1.15 22.05
CA LYS G 75 37.60 -1.68 22.70
C LYS G 75 36.76 -0.55 23.30
N VAL G 76 37.42 0.41 23.97
CA VAL G 76 36.68 1.54 24.50
C VAL G 76 36.11 2.38 23.36
N LYS G 77 36.77 2.39 22.19
CA LYS G 77 36.20 3.07 21.04
C LYS G 77 34.91 2.40 20.57
N LEU G 78 34.90 1.07 20.53
CA LEU G 78 33.67 0.36 20.18
C LEU G 78 32.57 0.64 21.19
N ILE G 79 32.92 0.63 22.48
CA ILE G 79 31.92 0.91 23.51
C ILE G 79 31.38 2.33 23.36
N LYS G 80 32.27 3.29 23.08
CA LYS G 80 31.84 4.67 22.90
C LYS G 80 30.92 4.81 21.69
N GLN G 81 31.25 4.13 20.59
CA GLN G 81 30.39 4.20 19.41
C GLN G 81 29.02 3.59 19.69
N GLU G 82 28.99 2.45 20.38
CA GLU G 82 27.70 1.82 20.70
C GLU G 82 26.88 2.69 21.62
N LEU G 83 27.50 3.26 22.66
CA LEU G 83 26.77 4.13 23.57
C LEU G 83 26.32 5.42 22.89
N ASP G 84 27.10 5.91 21.92
CA ASP G 84 26.68 7.08 21.16
C ASP G 84 25.49 6.75 20.26
N LYS G 85 25.47 5.56 19.67
CA LYS G 85 24.30 5.15 18.91
C LYS G 85 23.09 5.01 19.81
N TYR G 86 23.29 4.51 21.03
CA TYR G 86 22.19 4.45 22.00
C TYR G 86 21.68 5.84 22.34
N LYS G 87 22.59 6.79 22.54
CA LYS G 87 22.18 8.17 22.83
C LYS G 87 21.44 8.79 21.66
N ASN G 88 21.90 8.54 20.44
CA ASN G 88 21.19 9.05 19.26
C ASN G 88 19.81 8.43 19.15
N ALA G 89 19.68 7.13 19.45
CA ALA G 89 18.39 6.48 19.42
C ALA G 89 17.44 7.08 20.46
N VAL G 90 17.94 7.34 21.67
CA VAL G 90 17.06 7.89 22.69
C VAL G 90 16.75 9.35 22.40
N THR G 91 17.63 10.05 21.67
CA THR G 91 17.34 11.42 21.26
C THR G 91 16.28 11.44 20.16
N GLU G 92 16.32 10.46 19.26
CA GLU G 92 15.34 10.37 18.19
C GLU G 92 13.91 10.26 18.72
N LEU G 93 13.70 9.42 19.74
CA LEU G 93 12.36 9.21 20.27
C LEU G 93 11.83 10.40 21.04
N GLN G 94 12.68 11.37 21.37
CA GLN G 94 12.21 12.63 21.93
C GLN G 94 11.69 13.59 20.87
N LEU G 95 11.89 13.28 19.60
CA LEU G 95 11.40 14.09 18.49
C LEU G 95 10.03 13.67 18.02
N LEU G 96 9.42 12.67 18.65
CA LEU G 96 8.10 12.19 18.24
C LEU G 96 7.06 12.52 19.29
N VAL G 144 -16.43 5.50 7.92
CA VAL G 144 -15.05 5.97 8.02
C VAL G 144 -14.39 5.40 9.27
N GLY G 145 -14.48 6.14 10.36
CA GLY G 145 -13.94 5.70 11.63
C GLY G 145 -12.43 5.96 11.75
N SER G 146 -11.98 6.01 13.00
CA SER G 146 -10.57 6.19 13.32
C SER G 146 -10.03 4.88 13.89
N ALA G 147 -8.95 4.38 13.29
CA ALA G 147 -8.38 3.12 13.71
C ALA G 147 -7.43 3.25 14.91
N ILE G 148 -7.05 4.47 15.29
CA ILE G 148 -6.10 4.65 16.38
C ILE G 148 -6.67 5.59 17.43
N ALA G 149 -7.99 5.62 17.56
CA ALA G 149 -8.61 6.52 18.53
C ALA G 149 -8.35 6.05 19.96
N SER G 150 -8.46 4.74 20.21
CA SER G 150 -8.24 4.21 21.55
C SER G 150 -6.80 4.43 22.01
N GLY G 151 -5.84 4.16 21.12
CA GLY G 151 -4.45 4.38 21.46
C GLY G 151 -4.14 5.85 21.72
N VAL G 152 -4.73 6.74 20.91
CA VAL G 152 -4.53 8.17 21.14
C VAL G 152 -5.12 8.58 22.49
N ALA G 153 -6.29 8.04 22.82
CA ALA G 153 -6.91 8.36 24.11
C ALA G 153 -6.04 7.90 25.28
N VAL G 154 -5.52 6.67 25.19
CA VAL G 154 -4.70 6.18 26.30
C VAL G 154 -3.36 6.91 26.36
N CYS G 155 -2.84 7.36 25.21
CA CYS G 155 -1.63 8.19 25.24
C CYS G 155 -1.90 9.55 25.88
N LYS G 156 -3.05 10.15 25.58
CA LYS G 156 -3.43 11.39 26.25
C LYS G 156 -3.56 11.17 27.75
N VAL G 157 -4.06 10.00 28.15
CA VAL G 157 -4.12 9.67 29.57
C VAL G 157 -2.71 9.57 30.16
N LEU G 158 -1.80 8.93 29.43
CA LEU G 158 -0.42 8.78 29.92
C LEU G 158 0.28 10.12 30.07
N HIS G 159 0.03 11.05 29.15
CA HIS G 159 0.65 12.37 29.24
C HIS G 159 0.26 13.11 30.50
N LEU G 160 -0.85 12.73 31.14
CA LEU G 160 -1.26 13.37 32.37
C LEU G 160 -0.22 13.16 33.46
N GLU G 161 -0.01 14.19 34.28
CA GLU G 161 1.02 14.13 35.30
C GLU G 161 0.67 13.10 36.38
N GLY G 162 1.68 12.43 36.91
CA GLY G 162 1.49 11.46 37.95
C GLY G 162 1.08 10.08 37.47
N GLU G 163 1.14 9.81 36.17
CA GLU G 163 0.74 8.52 35.62
C GLU G 163 1.93 7.64 35.24
N VAL G 164 3.00 8.22 34.68
CA VAL G 164 4.15 7.43 34.29
C VAL G 164 4.82 6.82 35.53
N ASN G 165 4.88 7.59 36.62
CA ASN G 165 5.46 7.08 37.86
C ASN G 165 4.71 5.87 38.38
N LYS G 166 3.38 5.85 38.22
CA LYS G 166 2.60 4.71 38.67
C LYS G 166 3.00 3.45 37.92
N ILE G 167 3.14 3.54 36.60
CA ILE G 167 3.57 2.40 35.80
C ILE G 167 4.98 1.98 36.21
N LYS G 168 5.88 2.95 36.38
CA LYS G 168 7.26 2.62 36.70
C LYS G 168 7.38 1.93 38.05
N SER G 169 6.62 2.38 39.04
CA SER G 169 6.66 1.78 40.37
C SER G 169 5.82 0.52 40.48
N ALA G 170 4.91 0.28 39.53
CA ALA G 170 4.10 -0.93 39.56
C ALA G 170 4.90 -2.15 39.15
N LEU G 171 5.56 -2.09 37.99
CA LEU G 171 6.34 -3.21 37.48
C LEU G 171 7.80 -3.11 37.92
N LEU G 172 7.97 -2.86 39.21
CA LEU G 172 9.30 -2.77 39.81
C LEU G 172 9.83 -4.11 40.29
N SER G 173 8.96 -4.98 40.83
CA SER G 173 9.38 -6.29 41.30
C SER G 173 9.29 -7.37 40.22
N THR G 174 8.36 -7.24 39.29
CA THR G 174 8.22 -8.22 38.21
C THR G 174 7.77 -7.48 36.96
N ASN G 175 8.04 -8.08 35.80
CA ASN G 175 7.74 -7.46 34.52
C ASN G 175 6.35 -7.86 34.01
N LYS G 176 5.35 -7.70 34.88
CA LYS G 176 3.95 -7.94 34.53
C LYS G 176 3.08 -7.23 35.56
N ALA G 177 2.22 -6.33 35.10
CA ALA G 177 1.36 -5.63 36.05
C ALA G 177 0.05 -5.26 35.37
N VAL G 178 -0.98 -5.07 36.20
CA VAL G 178 -2.27 -4.57 35.77
C VAL G 178 -2.51 -3.28 36.53
N VAL G 179 -2.61 -2.16 35.81
CA VAL G 179 -2.65 -0.86 36.46
C VAL G 179 -3.92 -0.13 36.08
N SER G 180 -4.36 0.75 36.98
CA SER G 180 -5.53 1.58 36.78
C SER G 180 -5.08 3.03 36.65
N LEU G 181 -5.47 3.67 35.55
CA LEU G 181 -5.01 5.02 35.26
C LEU G 181 -6.03 6.04 35.77
N SER G 182 -5.80 7.32 35.47
CA SER G 182 -6.67 8.38 35.96
C SER G 182 -8.08 8.26 35.38
N ASN G 183 -8.18 7.89 34.10
CA ASN G 183 -9.49 7.78 33.46
C ASN G 183 -10.29 6.59 33.96
N GLY G 184 -9.69 5.71 34.75
CA GLY G 184 -10.38 4.55 35.28
C GLY G 184 -10.24 3.29 34.45
N VAL G 185 -9.68 3.39 33.25
CA VAL G 185 -9.47 2.22 32.40
C VAL G 185 -8.25 1.45 32.89
N SER G 186 -8.39 0.14 33.04
CA SER G 186 -7.32 -0.73 33.50
C SER G 186 -6.56 -1.28 32.29
N VAL G 187 -5.24 -1.20 32.34
CA VAL G 187 -4.39 -1.64 31.23
C VAL G 187 -3.30 -2.56 31.75
N LEU G 188 -2.81 -3.42 30.86
CA LEU G 188 -1.71 -4.33 31.16
C LEU G 188 -0.39 -3.66 30.80
N THR G 189 0.61 -3.84 31.65
CA THR G 189 1.94 -3.30 31.44
C THR G 189 2.97 -4.41 31.52
N PHE G 190 3.79 -4.51 30.48
CA PHE G 190 4.92 -5.44 30.43
C PHE G 190 6.21 -4.66 30.25
N LYS G 191 7.24 -5.03 30.99
CA LYS G 191 8.58 -4.49 30.78
C LYS G 191 9.33 -5.44 29.87
N VAL G 192 9.35 -5.13 28.58
CA VAL G 192 9.91 -6.06 27.59
C VAL G 192 11.43 -6.03 27.56
N LEU G 193 12.05 -4.94 28.01
CA LEU G 193 13.50 -4.80 27.96
C LEU G 193 14.01 -4.28 29.29
N ASP G 194 15.25 -4.64 29.62
CA ASP G 194 15.88 -4.26 30.88
C ASP G 194 17.24 -3.62 30.60
N LEU G 195 17.24 -2.65 29.68
CA LEU G 195 18.48 -2.02 29.25
C LEU G 195 19.11 -1.19 30.36
N LYS G 196 18.29 -0.61 31.24
CA LYS G 196 18.83 0.23 32.30
C LYS G 196 19.76 -0.55 33.22
N ASN G 197 19.35 -1.77 33.60
CA ASN G 197 20.20 -2.58 34.48
C ASN G 197 21.54 -2.88 33.85
N TYR G 198 21.54 -3.27 32.57
CA TYR G 198 22.80 -3.56 31.89
C TYR G 198 23.68 -2.32 31.77
N ILE G 199 23.09 -1.17 31.43
CA ILE G 199 23.90 0.02 31.21
C ILE G 199 24.46 0.54 32.53
N ASP G 200 23.65 0.59 33.59
CA ASP G 200 24.05 1.23 34.83
C ASP G 200 24.66 0.29 35.85
N LYS G 201 24.60 -1.03 35.63
CA LYS G 201 25.12 -1.99 36.59
C LYS G 201 26.09 -3.00 36.00
N GLN G 202 26.27 -3.04 34.68
CA GLN G 202 27.21 -3.96 34.06
C GLN G 202 28.15 -3.26 33.08
N LEU G 203 27.98 -1.98 32.82
CA LEU G 203 28.86 -1.24 31.94
C LEU G 203 29.67 -0.19 32.71
N LEU G 204 29.00 0.71 33.42
CA LEU G 204 29.72 1.72 34.19
C LEU G 204 30.60 1.12 35.29
N PRO G 205 30.14 0.20 36.14
CA PRO G 205 31.04 -0.32 37.17
C PRO G 205 32.14 -1.22 36.62
N ILE G 206 31.83 -2.02 35.60
CA ILE G 206 32.84 -2.88 35.00
C ILE G 206 33.91 -2.04 34.32
N LEU G 207 33.51 -1.00 33.59
CA LEU G 207 34.46 -0.11 32.95
C LEU G 207 35.26 0.64 34.01
N ASN G 208 36.55 0.31 34.14
CA ASN G 208 37.42 0.96 35.12
C ASN G 208 37.94 2.25 34.47
N LYS G 209 37.50 3.39 34.99
CA LYS G 209 37.86 4.68 34.40
C LYS G 209 39.33 5.01 34.57
N GLN G 210 40.01 4.37 35.53
CA GLN G 210 41.43 4.63 35.72
C GLN G 210 42.25 4.17 34.52
N SER G 211 41.94 2.99 33.99
CA SER G 211 42.64 2.46 32.82
C SER G 211 41.89 2.67 31.52
N CYS G 212 40.58 2.89 31.57
CA CYS G 212 39.75 3.10 30.39
C CYS G 212 39.90 1.94 29.39
N SER G 213 39.90 0.72 29.91
CA SER G 213 40.03 -0.47 29.08
C SER G 213 39.15 -1.58 29.64
N ILE G 214 38.59 -2.39 28.74
CA ILE G 214 37.79 -3.55 29.11
C ILE G 214 38.57 -4.79 28.71
N SER G 215 38.72 -5.72 29.66
CA SER G 215 39.55 -6.90 29.43
C SER G 215 38.97 -7.80 28.34
N ASN G 216 37.65 -7.98 28.33
CA ASN G 216 37.00 -8.95 27.46
C ASN G 216 36.17 -8.23 26.41
N ILE G 217 36.38 -8.59 25.14
CA ILE G 217 35.56 -8.08 24.04
C ILE G 217 34.14 -8.63 24.12
N GLU G 218 33.94 -9.70 24.88
CA GLU G 218 32.62 -10.28 25.02
C GLU G 218 31.61 -9.29 25.58
N THR G 219 32.06 -8.38 26.45
CA THR G 219 31.14 -7.36 26.97
C THR G 219 30.62 -6.48 25.85
N VAL G 220 31.50 -6.06 24.94
CA VAL G 220 31.08 -5.25 23.80
C VAL G 220 30.14 -6.05 22.89
N ILE G 221 30.48 -7.31 22.64
CA ILE G 221 29.62 -8.14 21.79
C ILE G 221 28.25 -8.32 22.42
N GLU G 222 28.18 -8.47 23.75
CA GLU G 222 26.90 -8.58 24.44
C GLU G 222 26.13 -7.28 24.37
N PHE G 223 26.82 -6.15 24.49
CA PHE G 223 26.14 -4.85 24.35
C PHE G 223 25.53 -4.71 22.97
N GLN G 224 26.27 -5.10 21.92
CA GLN G 224 25.71 -5.07 20.58
C GLN G 224 24.55 -6.03 20.40
N GLN G 225 24.47 -7.07 21.24
CA GLN G 225 23.37 -8.03 21.18
C GLN G 225 22.19 -7.65 22.05
N LYS G 226 22.32 -6.58 22.85
CA LYS G 226 21.23 -6.11 23.69
C LYS G 226 20.72 -4.74 23.30
N ASN G 227 21.47 -3.97 22.52
CA ASN G 227 21.08 -2.64 22.11
C ASN G 227 20.41 -2.61 20.74
N ASN G 228 20.35 -3.75 20.04
CA ASN G 228 19.73 -3.77 18.72
C ASN G 228 18.24 -3.51 18.80
N ARG G 229 17.59 -3.95 19.89
CA ARG G 229 16.14 -3.81 20.00
C ARG G 229 15.72 -2.34 19.96
N LEU G 230 16.39 -1.51 20.76
CA LEU G 230 16.04 -0.09 20.79
C LEU G 230 16.31 0.58 19.45
N LEU G 231 17.42 0.19 18.79
CA LEU G 231 17.73 0.77 17.49
C LEU G 231 16.66 0.42 16.46
N GLU G 232 16.21 -0.83 16.45
CA GLU G 232 15.19 -1.22 15.47
C GLU G 232 13.85 -0.56 15.78
N ILE G 233 13.50 -0.45 17.07
CA ILE G 233 12.26 0.24 17.43
C ILE G 233 12.31 1.70 16.97
N THR G 234 13.43 2.37 17.23
CA THR G 234 13.60 3.75 16.81
C THR G 234 13.52 3.88 15.30
N ARG G 235 14.15 2.95 14.57
CA ARG G 235 14.14 3.00 13.12
C ARG G 235 12.73 2.85 12.57
N GLU G 236 11.97 1.88 13.10
CA GLU G 236 10.61 1.68 12.64
C GLU G 236 9.74 2.88 12.95
N PHE G 237 9.90 3.47 14.14
CA PHE G 237 9.08 4.63 14.50
C PHE G 237 9.43 5.84 13.66
N SER G 238 10.71 6.02 13.32
CA SER G 238 11.09 7.14 12.46
C SER G 238 10.59 6.94 11.03
N VAL G 239 10.65 5.70 10.54
CA VAL G 239 10.19 5.43 9.17
C VAL G 239 8.69 5.62 9.07
N ASN G 240 7.93 5.07 10.01
CA ASN G 240 6.47 5.09 9.93
C ASN G 240 5.84 6.32 10.60
N ALA G 241 6.65 7.20 11.17
CA ALA G 241 6.18 8.50 11.67
C ALA G 241 5.21 8.35 12.85
N GLY G 242 5.59 7.51 13.80
CA GLY G 242 4.90 7.40 15.07
C GLY G 242 3.90 6.28 15.17
N VAL G 243 3.24 5.93 14.06
CA VAL G 243 2.23 4.87 14.04
C VAL G 243 2.70 3.80 13.07
N THR G 244 2.70 2.54 13.51
CA THR G 244 3.21 1.45 12.71
C THR G 244 2.22 0.30 12.70
N THR G 245 2.23 -0.45 11.60
CA THR G 245 1.45 -1.67 11.44
C THR G 245 2.02 -2.44 10.26
N PRO G 246 2.16 -3.76 10.36
CA PRO G 246 1.87 -4.62 11.52
C PRO G 246 2.94 -4.52 12.61
N VAL G 247 2.63 -4.96 13.82
CA VAL G 247 3.61 -4.94 14.91
C VAL G 247 4.68 -6.00 14.60
N SER G 248 5.89 -5.55 14.29
CA SER G 248 6.95 -6.45 13.89
C SER G 248 7.53 -7.18 15.10
N THR G 249 8.42 -8.14 14.81
CA THR G 249 8.99 -8.96 15.87
C THR G 249 9.89 -8.13 16.80
N TYR G 250 10.54 -7.10 16.26
CA TYR G 250 11.32 -6.21 17.11
C TYR G 250 10.45 -5.58 18.18
N MET G 251 9.35 -4.96 17.78
CA MET G 251 8.55 -4.18 18.73
C MET G 251 7.78 -5.07 19.70
N LEU G 252 7.56 -6.33 19.35
CA LEU G 252 6.87 -7.25 20.24
C LEU G 252 7.25 -8.67 19.86
N THR G 253 8.06 -9.31 20.69
CA THR G 253 8.48 -10.68 20.43
C THR G 253 7.31 -11.64 20.55
N ASN G 254 7.47 -12.83 19.96
CA ASN G 254 6.37 -13.79 19.95
C ASN G 254 6.01 -14.26 21.34
N SER G 255 7.01 -14.54 22.18
CA SER G 255 6.72 -14.99 23.55
C SER G 255 5.98 -13.91 24.33
N GLU G 256 6.43 -12.67 24.19
CA GLU G 256 5.75 -11.57 24.86
C GLU G 256 4.33 -11.37 24.35
N LEU G 257 4.14 -11.44 23.03
CA LEU G 257 2.80 -11.29 22.47
C LEU G 257 1.89 -12.41 22.96
N LEU G 258 2.40 -13.64 23.01
CA LEU G 258 1.57 -14.76 23.46
C LEU G 258 1.24 -14.64 24.94
N SER G 259 2.19 -14.18 25.76
CA SER G 259 1.89 -13.97 27.17
C SER G 259 0.84 -12.88 27.35
N LEU G 260 0.97 -11.78 26.61
CA LEU G 260 -0.03 -10.72 26.67
C LEU G 260 -1.40 -11.21 26.22
N ILE G 261 -1.42 -12.09 25.22
CA ILE G 261 -2.67 -12.68 24.77
C ILE G 261 -3.28 -13.55 25.86
N ASN G 262 -2.45 -14.34 26.54
CA ASN G 262 -2.92 -15.25 27.57
C ASN G 262 -3.23 -14.54 28.89
N ASP G 263 -2.90 -13.26 28.99
CA ASP G 263 -3.29 -12.48 30.15
C ASP G 263 -4.23 -11.33 29.84
N MET G 264 -4.63 -11.14 28.59
CA MET G 264 -5.54 -10.07 28.24
C MET G 264 -6.93 -10.34 28.83
N PRO G 265 -7.68 -9.30 29.16
CA PRO G 265 -9.01 -9.50 29.74
C PRO G 265 -10.05 -9.96 28.74
N ILE G 266 -10.06 -11.26 28.40
CA ILE G 266 -11.01 -11.83 27.46
C ILE G 266 -11.31 -13.27 27.85
N THR G 267 -12.37 -13.81 27.25
CA THR G 267 -12.82 -15.16 27.55
C THR G 267 -11.81 -16.18 27.04
N ASN G 268 -11.84 -17.37 27.64
CA ASN G 268 -10.95 -18.45 27.20
C ASN G 268 -11.27 -18.92 25.79
N ASP G 269 -12.49 -18.67 25.30
CA ASP G 269 -12.82 -19.03 23.92
C ASP G 269 -12.04 -18.17 22.93
N GLN G 270 -11.97 -16.86 23.19
CA GLN G 270 -11.21 -15.97 22.31
C GLN G 270 -9.71 -16.08 22.51
N LYS G 271 -9.26 -16.61 23.64
CA LYS G 271 -7.84 -16.80 23.87
C LYS G 271 -7.30 -18.08 23.25
N LYS G 272 -8.17 -18.96 22.77
CA LYS G 272 -7.74 -20.17 22.09
C LYS G 272 -7.78 -20.04 20.58
N LEU G 273 -8.56 -19.09 20.05
CA LEU G 273 -8.52 -18.77 18.64
C LEU G 273 -7.44 -17.77 18.30
N MET G 274 -7.02 -16.96 19.27
CA MET G 274 -6.07 -15.89 19.02
C MET G 274 -4.65 -16.27 19.39
N SER G 275 -4.45 -17.36 20.14
CA SER G 275 -3.10 -17.87 20.36
C SER G 275 -2.57 -18.59 19.13
N ASN G 276 -3.42 -19.35 18.45
CA ASN G 276 -3.00 -20.11 17.28
C ASN G 276 -2.91 -19.26 16.01
N ASN G 277 -3.35 -18.01 16.06
CA ASN G 277 -3.37 -17.14 14.89
C ASN G 277 -2.65 -15.84 15.17
N VAL G 278 -1.48 -15.92 15.79
CA VAL G 278 -0.67 -14.73 16.00
C VAL G 278 -0.15 -14.17 14.69
N GLN G 279 -0.17 -14.97 13.63
CA GLN G 279 0.23 -14.48 12.31
C GLN G 279 -0.67 -13.39 11.80
N ILE G 280 -1.93 -13.35 12.24
CA ILE G 280 -2.88 -12.33 11.79
C ILE G 280 -3.17 -11.28 12.85
N VAL G 281 -2.96 -11.58 14.14
CA VAL G 281 -3.12 -10.56 15.17
C VAL G 281 -2.15 -9.42 14.93
N ARG G 282 -0.94 -9.75 14.49
CA ARG G 282 0.05 -8.71 14.20
C ARG G 282 -0.43 -7.81 13.07
N GLN G 283 -0.99 -8.39 12.01
CA GLN G 283 -1.41 -7.61 10.85
C GLN G 283 -2.56 -6.66 11.18
N GLN G 284 -3.41 -7.04 12.13
CA GLN G 284 -4.57 -6.23 12.49
C GLN G 284 -4.36 -5.41 13.75
N SER G 285 -3.12 -5.32 14.23
CA SER G 285 -2.80 -4.52 15.40
C SER G 285 -2.05 -3.26 15.00
N TYR G 286 -2.19 -2.23 15.82
CA TYR G 286 -1.50 -0.97 15.64
C TYR G 286 -0.60 -0.72 16.84
N SER G 287 0.46 0.05 16.62
CA SER G 287 1.35 0.43 17.71
C SER G 287 1.80 1.87 17.51
N ILE G 288 1.68 2.68 18.55
CA ILE G 288 1.92 4.12 18.46
C ILE G 288 2.85 4.55 19.58
N MET G 289 3.79 5.44 19.25
CA MET G 289 4.69 6.00 20.25
C MET G 289 3.91 6.83 21.25
N CYS G 290 4.20 6.66 22.54
CA CYS G 290 3.43 7.36 23.57
C CYS G 290 4.28 8.34 24.37
N ILE G 291 5.34 7.89 25.06
CA ILE G 291 6.08 8.74 25.97
C ILE G 291 7.53 8.28 26.04
N ILE G 292 8.42 9.26 26.25
CA ILE G 292 9.83 9.02 26.53
C ILE G 292 10.25 9.64 27.85
N LYS G 293 9.42 10.50 28.42
CA LYS G 293 9.78 11.28 29.61
C LYS G 293 10.09 10.38 30.80
N GLU G 294 11.07 10.82 31.60
CA GLU G 294 11.42 10.21 32.89
C GLU G 294 11.91 8.78 32.69
N GLU G 295 12.97 8.67 31.88
CA GLU G 295 13.75 7.45 31.65
C GLU G 295 12.90 6.20 31.46
N VAL G 296 11.72 6.33 30.87
CA VAL G 296 10.84 5.20 30.59
C VAL G 296 10.27 5.41 29.19
N LEU G 297 10.64 4.53 28.25
CA LEU G 297 10.12 4.60 26.89
C LEU G 297 8.90 3.71 26.82
N ALA G 298 7.71 4.32 26.84
CA ALA G 298 6.47 3.55 26.85
C ALA G 298 5.70 3.83 25.57
N TYR G 299 5.27 2.76 24.92
CA TYR G 299 4.43 2.88 23.73
C TYR G 299 3.23 1.96 23.86
N VAL G 300 2.15 2.35 23.21
CA VAL G 300 0.87 1.65 23.34
C VAL G 300 0.72 0.69 22.17
N VAL G 301 0.51 -0.59 22.49
CA VAL G 301 0.18 -1.60 21.50
C VAL G 301 -1.32 -1.82 21.53
N GLN G 302 -1.95 -1.71 20.38
CA GLN G 302 -3.41 -1.73 20.25
C GLN G 302 -3.81 -3.07 19.63
N LEU G 303 -4.08 -4.04 20.47
CA LEU G 303 -4.47 -5.37 20.02
C LEU G 303 -5.96 -5.43 19.73
N PRO G 304 -6.41 -6.36 18.90
CA PRO G 304 -7.84 -6.50 18.64
C PRO G 304 -8.50 -7.49 19.58
N LEU G 305 -9.79 -7.25 19.81
CA LEU G 305 -10.63 -8.14 20.61
C LEU G 305 -11.74 -8.66 19.70
N TYR G 306 -11.75 -9.97 19.50
CA TYR G 306 -12.71 -10.61 18.59
C TYR G 306 -13.99 -10.88 19.38
N GLY G 307 -14.99 -10.03 19.17
CA GLY G 307 -16.27 -10.18 19.84
C GLY G 307 -17.25 -11.12 19.19
N VAL G 308 -16.99 -11.52 17.94
CA VAL G 308 -17.85 -12.44 17.21
C VAL G 308 -16.98 -13.59 16.71
N ILE G 309 -17.28 -14.80 17.16
CA ILE G 309 -16.49 -15.98 16.84
C ILE G 309 -17.44 -17.13 16.51
N ASP G 310 -17.11 -17.89 15.46
CA ASP G 310 -17.79 -19.14 15.12
C ASP G 310 -19.20 -18.92 14.57
N THR G 311 -19.37 -17.88 13.78
CA THR G 311 -20.64 -17.76 13.10
C THR G 311 -20.47 -18.01 11.60
N PRO G 312 -21.45 -18.62 10.94
CA PRO G 312 -21.27 -18.96 9.52
C PRO G 312 -21.07 -17.72 8.65
N CYS G 313 -20.20 -17.86 7.66
CA CYS G 313 -19.92 -16.81 6.70
C CYS G 313 -19.90 -17.38 5.30
N TRP G 314 -20.21 -16.54 4.32
CA TRP G 314 -20.18 -16.95 2.93
C TRP G 314 -19.67 -15.82 2.06
N LYS G 315 -18.89 -16.18 1.05
CA LYS G 315 -18.36 -15.22 0.09
C LYS G 315 -19.19 -15.25 -1.18
N LEU G 316 -19.47 -14.06 -1.72
CA LEU G 316 -20.30 -13.92 -2.91
C LEU G 316 -19.47 -13.28 -4.01
N HIS G 317 -19.33 -13.99 -5.14
CA HIS G 317 -18.62 -13.52 -6.31
C HIS G 317 -19.59 -13.33 -7.46
N THR G 318 -19.38 -12.28 -8.25
CA THR G 318 -20.24 -11.98 -9.39
C THR G 318 -19.39 -11.76 -10.63
N SER G 319 -19.98 -12.05 -11.78
CA SER G 319 -19.34 -11.90 -13.08
C SER G 319 -20.31 -11.23 -14.04
N PRO G 320 -19.81 -10.53 -15.06
CA PRO G 320 -20.71 -9.88 -16.01
C PRO G 320 -21.58 -10.89 -16.73
N LEU G 321 -22.83 -10.50 -16.97
CA LEU G 321 -23.82 -11.34 -17.64
C LEU G 321 -24.42 -10.54 -18.79
N CYS G 322 -24.23 -11.02 -20.02
CA CYS G 322 -24.58 -10.27 -21.21
C CYS G 322 -25.30 -11.17 -22.20
N THR G 323 -26.10 -10.55 -23.06
CA THR G 323 -26.75 -11.26 -24.14
C THR G 323 -25.80 -11.44 -25.32
N THR G 324 -26.18 -12.32 -26.23
CA THR G 324 -25.38 -12.60 -27.41
C THR G 324 -26.09 -12.15 -28.69
N ASN G 331 -25.67 -5.21 -27.34
CA ASN G 331 -25.94 -6.06 -26.18
C ASN G 331 -26.10 -5.23 -24.91
N ILE G 332 -26.62 -5.87 -23.86
CA ILE G 332 -26.78 -5.25 -22.55
C ILE G 332 -26.20 -6.18 -21.50
N CYS G 333 -25.55 -5.60 -20.50
CA CYS G 333 -24.87 -6.37 -19.47
C CYS G 333 -25.37 -5.96 -18.09
N LEU G 334 -25.75 -6.95 -17.30
CA LEU G 334 -26.32 -6.77 -15.96
C LEU G 334 -25.46 -7.55 -14.99
N THR G 335 -24.80 -6.87 -14.06
CA THR G 335 -23.85 -7.48 -13.14
C THR G 335 -24.32 -7.24 -11.70
N ARG G 336 -24.38 -8.30 -10.91
CA ARG G 336 -24.66 -8.13 -9.49
C ARG G 336 -23.50 -7.41 -8.83
N THR G 337 -23.80 -6.39 -8.04
CA THR G 337 -22.79 -5.46 -7.54
C THR G 337 -22.69 -5.51 -6.01
N ASP G 338 -22.70 -6.71 -5.45
CA ASP G 338 -22.52 -6.90 -4.02
C ASP G 338 -21.50 -7.99 -3.75
N ARG G 339 -20.37 -7.92 -4.45
CA ARG G 339 -19.29 -8.88 -4.23
C ARG G 339 -18.71 -8.70 -2.84
N GLY G 340 -18.23 -9.80 -2.26
CA GLY G 340 -17.51 -9.68 -1.01
C GLY G 340 -18.02 -10.68 0.01
N TRP G 341 -17.68 -10.43 1.26
CA TRP G 341 -17.95 -11.36 2.35
C TRP G 341 -19.25 -11.01 3.06
N TYR G 342 -19.95 -12.04 3.54
CA TYR G 342 -21.10 -11.88 4.39
C TYR G 342 -20.91 -12.74 5.63
N CYS G 343 -21.26 -12.21 6.79
CA CYS G 343 -21.16 -12.98 8.02
C CYS G 343 -22.40 -12.75 8.87
N ASP G 344 -22.78 -13.78 9.62
CA ASP G 344 -23.88 -13.64 10.57
C ASP G 344 -23.40 -12.85 11.79
N ASN G 345 -24.25 -11.97 12.29
CA ASN G 345 -23.86 -11.13 13.41
C ASN G 345 -25.13 -10.69 14.13
N ALA G 346 -25.43 -11.34 15.25
CA ALA G 346 -26.50 -10.94 16.16
C ALA G 346 -27.83 -10.79 15.44
N GLY G 347 -28.11 -11.72 14.52
CA GLY G 347 -29.37 -11.70 13.80
C GLY G 347 -29.39 -10.84 12.56
N SER G 348 -28.35 -10.07 12.30
CA SER G 348 -28.20 -9.31 11.07
C SER G 348 -27.05 -9.89 10.28
N VAL G 349 -26.76 -9.27 9.12
CA VAL G 349 -25.68 -9.72 8.25
C VAL G 349 -24.67 -8.58 8.13
N SER G 350 -23.43 -8.85 8.54
CA SER G 350 -22.34 -7.92 8.34
C SER G 350 -21.75 -8.16 6.96
N PHE G 351 -21.70 -7.11 6.15
CA PHE G 351 -21.31 -7.19 4.75
C PHE G 351 -20.00 -6.45 4.57
N PHE G 352 -18.99 -7.15 4.05
CA PHE G 352 -17.69 -6.55 3.76
C PHE G 352 -17.50 -6.50 2.26
N PRO G 353 -17.59 -5.33 1.63
CA PRO G 353 -17.39 -5.26 0.18
C PRO G 353 -15.93 -5.37 -0.22
N GLN G 354 -15.05 -4.80 0.60
CA GLN G 354 -13.63 -4.83 0.28
C GLN G 354 -13.06 -6.22 0.46
N ALA G 355 -12.35 -6.71 -0.55
CA ALA G 355 -11.71 -8.02 -0.45
C ALA G 355 -10.45 -7.98 0.40
N GLU G 356 -9.73 -6.86 0.39
CA GLU G 356 -8.53 -6.74 1.22
C GLU G 356 -8.87 -6.63 2.70
N THR G 357 -10.12 -6.33 3.04
CA THR G 357 -10.51 -6.23 4.44
C THR G 357 -10.39 -7.57 5.14
N CYS G 358 -10.80 -8.65 4.49
CA CYS G 358 -10.84 -9.97 5.10
C CYS G 358 -9.63 -10.80 4.70
N LYS G 359 -9.24 -11.70 5.59
CA LYS G 359 -8.15 -12.65 5.35
C LYS G 359 -8.62 -14.04 5.72
N VAL G 360 -8.14 -15.04 4.98
CA VAL G 360 -8.57 -16.42 5.17
C VAL G 360 -7.34 -17.27 5.46
N GLN G 361 -7.27 -17.82 6.68
CA GLN G 361 -6.14 -18.69 7.05
C GLN G 361 -6.36 -20.13 6.57
N SER G 362 -7.36 -20.80 7.15
CA SER G 362 -7.76 -22.11 6.68
C SER G 362 -9.23 -22.13 6.24
N ASN G 363 -10.15 -21.80 7.15
CA ASN G 363 -11.55 -21.65 6.79
C ASN G 363 -12.20 -20.50 7.55
N ARG G 364 -11.41 -19.60 8.13
CA ARG G 364 -11.90 -18.46 8.88
C ARG G 364 -11.74 -17.18 8.08
N VAL G 365 -12.52 -16.17 8.44
CA VAL G 365 -12.41 -14.84 7.86
C VAL G 365 -12.06 -13.88 9.00
N PHE G 366 -10.84 -13.34 8.96
CA PHE G 366 -10.39 -12.40 9.99
C PHE G 366 -10.65 -10.97 9.51
N CYS G 367 -11.92 -10.59 9.53
CA CYS G 367 -12.36 -9.28 9.07
C CYS G 367 -12.46 -8.32 10.25
N ASP G 368 -12.64 -7.04 9.93
CA ASP G 368 -12.88 -6.02 10.92
C ASP G 368 -14.14 -5.24 10.55
N THR G 369 -14.97 -4.96 11.54
CA THR G 369 -16.26 -4.32 11.30
C THR G 369 -16.15 -2.85 10.91
N MET G 370 -14.96 -2.26 11.04
CA MET G 370 -14.80 -0.84 10.71
C MET G 370 -15.05 -0.60 9.22
N ASN G 371 -14.82 -1.61 8.39
CA ASN G 371 -15.05 -1.53 6.94
C ASN G 371 -16.24 -2.39 6.52
N SER G 372 -17.32 -2.37 7.31
CA SER G 372 -18.46 -3.24 7.09
C SER G 372 -19.76 -2.46 7.14
N LEU G 373 -20.79 -3.03 6.53
CA LEU G 373 -22.15 -2.52 6.60
C LEU G 373 -23.02 -3.53 7.32
N THR G 374 -24.15 -3.06 7.83
CA THR G 374 -25.13 -3.90 8.49
C THR G 374 -26.38 -4.02 7.62
N LEU G 375 -26.83 -5.24 7.39
CA LEU G 375 -27.99 -5.49 6.55
C LEU G 375 -28.96 -6.41 7.26
N PRO G 376 -30.25 -6.33 6.93
CA PRO G 376 -31.21 -7.28 7.49
C PRO G 376 -30.93 -8.68 6.99
N SER G 377 -31.38 -9.66 7.77
CA SER G 377 -31.09 -11.05 7.44
C SER G 377 -32.04 -11.56 6.36
N GLU G 378 -32.15 -10.82 5.26
CA GLU G 378 -32.84 -11.27 4.06
C GLU G 378 -31.95 -11.17 2.83
N VAL G 379 -30.72 -10.69 2.97
CA VAL G 379 -29.80 -10.64 1.84
C VAL G 379 -29.43 -12.05 1.39
N ASN G 380 -29.61 -13.03 2.28
CA ASN G 380 -29.40 -14.43 1.88
C ASN G 380 -30.38 -14.84 0.80
N LEU G 381 -31.58 -14.24 0.78
CA LEU G 381 -32.57 -14.60 -0.22
C LEU G 381 -32.22 -14.08 -1.61
N CYS G 382 -31.33 -13.08 -1.69
CA CYS G 382 -30.87 -12.62 -2.99
C CYS G 382 -30.13 -13.72 -3.75
N ASN G 383 -29.44 -14.61 -3.02
CA ASN G 383 -28.64 -15.63 -3.67
C ASN G 383 -29.48 -16.73 -4.28
N VAL G 384 -30.69 -16.97 -3.79
CA VAL G 384 -31.53 -18.05 -4.29
C VAL G 384 -32.72 -17.57 -5.09
N ASP G 385 -33.06 -16.28 -5.05
CA ASP G 385 -34.19 -15.76 -5.82
C ASP G 385 -33.91 -14.29 -6.11
N ILE G 386 -33.49 -14.01 -7.35
CA ILE G 386 -33.12 -12.64 -7.71
C ILE G 386 -34.32 -11.71 -7.69
N PHE G 387 -35.52 -12.24 -7.91
CA PHE G 387 -36.73 -11.43 -7.98
C PHE G 387 -37.58 -11.52 -6.72
N ASN G 388 -36.94 -11.65 -5.56
CA ASN G 388 -37.69 -11.75 -4.31
C ASN G 388 -38.35 -10.41 -3.97
N PRO G 389 -39.44 -10.44 -3.20
CA PRO G 389 -40.13 -9.19 -2.81
C PRO G 389 -39.76 -8.63 -1.44
N LYS G 390 -38.89 -9.30 -0.67
CA LYS G 390 -38.59 -8.87 0.68
C LYS G 390 -37.32 -8.04 0.78
N TYR G 391 -36.32 -8.29 -0.07
CA TYR G 391 -35.10 -7.49 -0.06
C TYR G 391 -34.57 -7.43 -1.49
N ASP G 392 -34.85 -6.33 -2.18
CA ASP G 392 -34.36 -6.15 -3.54
C ASP G 392 -32.83 -6.13 -3.56
N CYS G 393 -32.26 -6.75 -4.59
CA CYS G 393 -30.81 -6.84 -4.69
C CYS G 393 -30.26 -5.57 -5.35
N LYS G 394 -28.95 -5.54 -5.56
CA LYS G 394 -28.29 -4.40 -6.18
C LYS G 394 -27.60 -4.86 -7.46
N ILE G 395 -27.82 -4.12 -8.55
CA ILE G 395 -27.28 -4.47 -9.86
C ILE G 395 -26.68 -3.24 -10.52
N MET G 396 -25.72 -3.49 -11.41
CA MET G 396 -25.12 -2.50 -12.28
C MET G 396 -25.46 -2.85 -13.72
N THR G 397 -26.06 -1.90 -14.43
CA THR G 397 -26.47 -2.10 -15.82
C THR G 397 -25.60 -1.24 -16.72
N SER G 398 -24.93 -1.88 -17.68
CA SER G 398 -24.06 -1.16 -18.59
C SER G 398 -23.87 -1.99 -19.85
N LYS G 399 -23.48 -1.32 -20.93
CA LYS G 399 -23.20 -1.97 -22.20
C LYS G 399 -21.73 -2.30 -22.37
N THR G 400 -21.03 -2.55 -21.27
CA THR G 400 -19.62 -2.93 -21.31
C THR G 400 -19.53 -4.40 -21.67
N ASP G 401 -19.30 -4.68 -22.95
CA ASP G 401 -19.24 -6.05 -23.46
C ASP G 401 -17.78 -6.48 -23.56
N VAL G 402 -17.21 -6.83 -22.41
CA VAL G 402 -15.82 -7.25 -22.31
C VAL G 402 -15.76 -8.58 -21.59
N SER G 403 -15.02 -9.53 -22.13
CA SER G 403 -14.89 -10.85 -21.53
C SER G 403 -14.01 -10.78 -20.28
N SER G 404 -14.35 -11.59 -19.28
CA SER G 404 -13.57 -11.59 -18.05
C SER G 404 -13.86 -12.85 -17.26
N SER G 405 -12.98 -13.16 -16.31
CA SER G 405 -13.11 -14.32 -15.46
C SER G 405 -12.90 -13.93 -14.01
N VAL G 406 -13.55 -14.68 -13.11
CA VAL G 406 -13.41 -14.51 -11.67
C VAL G 406 -12.95 -15.85 -11.11
N ILE G 407 -11.79 -15.84 -10.44
CA ILE G 407 -11.24 -17.06 -9.84
C ILE G 407 -11.75 -17.10 -8.41
N THR G 408 -12.92 -17.71 -8.23
CA THR G 408 -13.47 -17.94 -6.91
C THR G 408 -12.80 -19.16 -6.29
N SER G 409 -13.05 -19.38 -5.00
CA SER G 409 -12.57 -20.59 -4.35
C SER G 409 -13.29 -21.81 -4.93
N LEU G 410 -12.55 -22.92 -5.06
CA LEU G 410 -13.03 -24.21 -5.54
C LEU G 410 -13.45 -24.22 -7.00
N GLY G 411 -13.20 -23.17 -7.76
CA GLY G 411 -13.60 -23.17 -9.15
C GLY G 411 -13.35 -21.82 -9.79
N ALA G 412 -13.96 -21.64 -10.96
CA ALA G 412 -13.77 -20.42 -11.73
C ALA G 412 -15.04 -20.10 -12.52
N ILE G 413 -15.35 -18.81 -12.62
CA ILE G 413 -16.43 -18.31 -13.47
C ILE G 413 -15.80 -17.62 -14.65
N VAL G 414 -16.28 -17.93 -15.85
CA VAL G 414 -15.76 -17.35 -17.08
C VAL G 414 -16.93 -16.78 -17.88
N SER G 415 -16.89 -15.49 -18.17
CA SER G 415 -17.86 -14.84 -19.03
C SER G 415 -17.12 -14.48 -20.31
N CYS G 416 -17.48 -15.15 -21.40
CA CYS G 416 -16.79 -15.03 -22.68
C CYS G 416 -17.73 -14.41 -23.69
N TYR G 417 -17.29 -13.31 -24.31
CA TYR G 417 -18.14 -12.57 -25.24
C TYR G 417 -17.31 -12.13 -26.43
N GLY G 418 -17.99 -11.81 -27.53
CA GLY G 418 -17.30 -11.37 -28.72
C GLY G 418 -16.52 -12.51 -29.37
N LYS G 419 -15.41 -12.13 -30.00
CA LYS G 419 -14.57 -13.08 -30.72
C LYS G 419 -13.47 -13.67 -29.85
N THR G 420 -13.37 -13.28 -28.58
CA THR G 420 -12.30 -13.77 -27.73
C THR G 420 -12.46 -15.28 -27.50
N LYS G 421 -11.33 -15.96 -27.38
CA LYS G 421 -11.30 -17.40 -27.17
C LYS G 421 -11.03 -17.68 -25.70
N CYS G 422 -11.91 -18.44 -25.07
CA CYS G 422 -11.83 -18.76 -23.65
C CYS G 422 -11.80 -20.28 -23.48
N THR G 423 -10.86 -20.76 -22.69
CA THR G 423 -10.66 -22.20 -22.52
C THR G 423 -10.24 -22.50 -21.09
N ALA G 424 -10.40 -23.77 -20.70
CA ALA G 424 -9.94 -24.27 -19.41
C ALA G 424 -9.03 -25.47 -19.66
N SER G 425 -7.83 -25.43 -19.10
CA SER G 425 -6.78 -26.38 -19.42
C SER G 425 -6.33 -27.12 -18.17
N ASN G 426 -6.16 -28.44 -18.32
CA ASN G 426 -5.57 -29.29 -17.31
C ASN G 426 -4.05 -29.21 -17.39
N LYS G 427 -3.38 -29.64 -16.31
CA LYS G 427 -1.93 -29.67 -16.28
C LYS G 427 -1.37 -30.63 -17.33
N ASN G 428 -1.93 -31.83 -17.44
CA ASN G 428 -1.42 -32.85 -18.34
C ASN G 428 -2.31 -33.10 -19.55
N ARG G 429 -3.62 -32.95 -19.43
CA ARG G 429 -4.53 -33.21 -20.53
C ARG G 429 -4.78 -31.99 -21.40
N GLY G 430 -4.07 -30.89 -21.18
CA GLY G 430 -4.20 -29.73 -22.03
C GLY G 430 -5.59 -29.15 -22.03
N ILE G 431 -5.98 -28.59 -23.17
CA ILE G 431 -7.30 -27.98 -23.30
C ILE G 431 -8.37 -29.06 -23.20
N ILE G 432 -9.32 -28.87 -22.29
CA ILE G 432 -10.43 -29.80 -22.10
C ILE G 432 -11.78 -29.15 -22.31
N LYS G 433 -11.83 -27.84 -22.56
CA LYS G 433 -13.10 -27.16 -22.76
C LYS G 433 -12.93 -26.05 -23.78
N THR G 434 -14.05 -25.65 -24.38
CA THR G 434 -14.07 -24.72 -25.51
C THR G 434 -15.17 -23.68 -25.27
N PHE G 435 -15.11 -23.02 -24.11
CA PHE G 435 -16.15 -22.13 -23.60
C PHE G 435 -16.88 -21.35 -24.68
N SER G 436 -18.21 -21.41 -24.66
CA SER G 436 -19.02 -20.68 -25.62
C SER G 436 -19.36 -19.29 -25.09
N ASN G 437 -20.08 -18.52 -25.89
CA ASN G 437 -20.45 -17.17 -25.48
C ASN G 437 -21.46 -17.24 -24.33
N GLY G 438 -21.26 -16.37 -23.34
CA GLY G 438 -22.11 -16.36 -22.17
C GLY G 438 -21.31 -16.56 -20.89
N CYS G 439 -21.99 -16.93 -19.82
CA CYS G 439 -21.38 -17.18 -18.52
C CYS G 439 -21.36 -18.67 -18.24
N ASP G 440 -20.22 -19.17 -17.78
CA ASP G 440 -20.06 -20.58 -17.49
C ASP G 440 -19.15 -20.74 -16.28
N TYR G 441 -19.13 -21.93 -15.70
CA TYR G 441 -18.42 -22.18 -14.45
C TYR G 441 -17.78 -23.56 -14.50
N VAL G 442 -16.53 -23.64 -14.03
CA VAL G 442 -15.79 -24.90 -14.02
C VAL G 442 -15.22 -25.13 -12.62
N SER G 443 -15.45 -26.32 -12.07
CA SER G 443 -14.91 -26.64 -10.76
C SER G 443 -13.41 -26.87 -10.84
N ASN G 444 -12.77 -26.87 -9.66
CA ASN G 444 -11.33 -27.12 -9.62
C ASN G 444 -10.99 -28.60 -9.69
N LYS G 445 -11.98 -29.48 -9.68
CA LYS G 445 -11.75 -30.91 -9.88
C LYS G 445 -11.40 -31.13 -11.34
N GLY G 446 -10.13 -31.33 -11.61
CA GLY G 446 -9.64 -31.42 -12.98
C GLY G 446 -9.13 -30.13 -13.58
N VAL G 447 -10.00 -29.12 -13.68
CA VAL G 447 -9.61 -27.85 -14.27
C VAL G 447 -8.60 -27.17 -13.37
N ASP G 448 -7.47 -26.78 -13.95
CA ASP G 448 -6.39 -26.15 -13.20
C ASP G 448 -6.03 -24.75 -13.68
N THR G 449 -6.05 -24.49 -14.99
CA THR G 449 -5.75 -23.18 -15.52
C THR G 449 -6.91 -22.72 -16.39
N VAL G 450 -7.09 -21.40 -16.48
CA VAL G 450 -8.14 -20.80 -17.28
C VAL G 450 -7.52 -19.72 -18.15
N SER G 451 -7.73 -19.82 -19.45
CA SER G 451 -7.21 -18.84 -20.41
C SER G 451 -8.38 -18.04 -20.96
N VAL G 452 -8.29 -16.72 -20.85
CA VAL G 452 -9.27 -15.81 -21.43
C VAL G 452 -8.52 -14.82 -22.30
N GLY G 453 -8.80 -14.81 -23.60
CA GLY G 453 -7.96 -14.05 -24.51
C GLY G 453 -6.57 -14.65 -24.49
N ASN G 454 -5.63 -13.95 -23.86
CA ASN G 454 -4.35 -14.53 -23.53
C ASN G 454 -4.07 -14.56 -22.03
N THR G 455 -4.87 -13.87 -21.23
CA THR G 455 -4.65 -13.85 -19.78
C THR G 455 -4.80 -15.24 -19.22
N LEU G 456 -3.85 -15.63 -18.38
CA LEU G 456 -3.82 -16.95 -17.76
C LEU G 456 -4.08 -16.79 -16.27
N TYR G 457 -5.12 -17.46 -15.78
CA TYR G 457 -5.46 -17.47 -14.37
C TYR G 457 -5.31 -18.89 -13.83
N TYR G 458 -4.88 -18.99 -12.58
CA TYR G 458 -4.77 -20.27 -11.91
C TYR G 458 -5.88 -20.38 -10.87
N VAL G 459 -6.62 -21.47 -10.92
CA VAL G 459 -7.75 -21.66 -10.01
C VAL G 459 -7.23 -22.23 -8.69
N ASN G 460 -7.96 -21.94 -7.61
CA ASN G 460 -7.59 -22.45 -6.31
C ASN G 460 -7.77 -23.95 -6.25
N LYS G 461 -6.87 -24.63 -5.53
CA LYS G 461 -6.89 -26.08 -5.42
C LYS G 461 -7.40 -26.54 -4.06
N GLN G 462 -8.17 -25.71 -3.37
CA GLN G 462 -8.75 -26.12 -2.09
C GLN G 462 -9.78 -27.21 -2.30
N GLU G 463 -9.68 -28.27 -1.50
CA GLU G 463 -10.59 -29.40 -1.62
C GLU G 463 -11.97 -29.02 -1.12
N GLY G 464 -12.99 -29.37 -1.88
CA GLY G 464 -14.36 -29.06 -1.49
C GLY G 464 -15.34 -29.59 -2.51
N LYS G 465 -16.62 -29.42 -2.18
CA LYS G 465 -17.71 -29.92 -3.01
C LYS G 465 -18.34 -28.77 -3.80
N SER G 466 -18.53 -28.99 -5.09
CA SER G 466 -19.11 -27.99 -5.98
C SER G 466 -20.48 -28.45 -6.47
N LEU G 467 -21.39 -27.50 -6.61
CA LEU G 467 -22.73 -27.76 -7.09
C LEU G 467 -23.09 -26.73 -8.15
N TYR G 468 -23.74 -27.18 -9.22
CA TYR G 468 -24.04 -26.34 -10.39
C TYR G 468 -25.55 -26.42 -10.63
N VAL G 469 -26.27 -25.36 -10.25
CA VAL G 469 -27.72 -25.31 -10.42
C VAL G 469 -28.03 -24.63 -11.75
N LYS G 470 -28.77 -25.34 -12.60
CA LYS G 470 -29.09 -24.84 -13.93
C LYS G 470 -30.24 -23.84 -13.87
N GLY G 471 -30.35 -23.05 -14.93
CA GLY G 471 -31.40 -22.06 -15.00
C GLY G 471 -31.29 -21.26 -16.27
N GLU G 472 -32.03 -20.15 -16.30
CA GLU G 472 -32.01 -19.24 -17.45
C GLU G 472 -31.48 -17.88 -17.03
N PRO G 473 -30.62 -17.26 -17.84
CA PRO G 473 -30.06 -15.96 -17.45
C PRO G 473 -31.16 -14.92 -17.28
N ILE G 474 -30.99 -14.08 -16.25
CA ILE G 474 -31.99 -13.05 -15.96
C ILE G 474 -32.02 -12.01 -17.07
N ILE G 475 -30.87 -11.71 -17.66
CA ILE G 475 -30.78 -10.61 -18.63
C ILE G 475 -31.66 -10.89 -19.84
N ASN G 476 -31.83 -12.16 -20.20
CA ASN G 476 -32.68 -12.50 -21.34
C ASN G 476 -34.14 -12.13 -21.09
N PHE G 477 -34.55 -12.06 -19.81
CA PHE G 477 -35.93 -11.70 -19.51
C PHE G 477 -36.24 -10.26 -19.90
N TYR G 478 -35.23 -9.39 -19.85
CA TYR G 478 -35.41 -8.00 -20.21
C TYR G 478 -35.40 -7.84 -21.73
N ASP G 479 -35.67 -6.63 -22.20
CA ASP G 479 -35.69 -6.33 -23.63
C ASP G 479 -34.69 -5.20 -23.90
N PRO G 480 -33.77 -5.35 -24.87
CA PRO G 480 -32.77 -4.33 -25.16
C PRO G 480 -33.29 -3.17 -26.01
N LEU G 481 -34.44 -2.64 -25.64
CA LEU G 481 -35.02 -1.51 -26.35
C LEU G 481 -35.33 -0.33 -25.44
N VAL G 482 -35.82 -0.59 -24.23
CA VAL G 482 -36.02 0.43 -23.22
C VAL G 482 -35.10 0.22 -22.02
N PHE G 483 -34.04 -0.57 -22.21
CA PHE G 483 -33.12 -0.88 -21.13
C PHE G 483 -32.36 0.38 -20.70
N PRO G 484 -32.40 0.73 -19.41
CA PRO G 484 -31.63 1.89 -18.91
C PRO G 484 -30.16 1.53 -18.66
N SER G 485 -29.38 1.53 -19.74
CA SER G 485 -27.97 1.16 -19.64
C SER G 485 -27.10 2.35 -19.23
N ASP G 486 -27.48 2.99 -18.14
CA ASP G 486 -26.73 4.13 -17.62
C ASP G 486 -26.48 4.09 -16.12
N GLU G 487 -27.28 3.35 -15.36
CA GLU G 487 -27.16 3.33 -13.90
C GLU G 487 -25.81 2.76 -13.48
N PHE G 488 -25.48 3.00 -12.21
CA PHE G 488 -24.28 2.43 -11.60
C PHE G 488 -24.64 1.34 -10.60
N ASP G 489 -25.47 1.64 -9.59
CA ASP G 489 -26.03 0.60 -8.74
C ASP G 489 -27.28 1.17 -8.08
N ALA G 490 -28.45 0.88 -8.65
CA ALA G 490 -29.66 1.31 -7.97
C ALA G 490 -30.32 0.19 -7.17
N SER G 491 -30.93 -0.77 -7.87
CA SER G 491 -31.56 -1.95 -7.29
C SER G 491 -32.24 -2.71 -8.43
N ILE G 492 -32.79 -3.88 -8.10
CA ILE G 492 -33.74 -4.54 -9.00
C ILE G 492 -35.03 -3.74 -9.10
N SER G 493 -35.58 -3.31 -7.96
CA SER G 493 -36.86 -2.62 -7.96
C SER G 493 -36.79 -1.31 -8.73
N GLN G 494 -35.71 -0.56 -8.57
CA GLN G 494 -35.57 0.70 -9.29
C GLN G 494 -35.48 0.48 -10.78
N VAL G 495 -34.74 -0.53 -11.22
CA VAL G 495 -34.66 -0.85 -12.65
C VAL G 495 -36.03 -1.24 -13.17
N ASN G 496 -36.77 -2.07 -12.42
CA ASN G 496 -38.09 -2.48 -12.86
C ASN G 496 -39.04 -1.30 -12.96
N GLU G 497 -39.01 -0.39 -11.98
CA GLU G 497 -39.91 0.75 -12.03
C GLU G 497 -39.52 1.73 -13.12
N LYS G 498 -38.23 1.87 -13.41
CA LYS G 498 -37.81 2.68 -14.56
C LYS G 498 -38.29 2.06 -15.87
N ILE G 499 -38.22 0.73 -15.98
CA ILE G 499 -38.73 0.06 -17.17
C ILE G 499 -40.24 0.28 -17.31
N ASN G 500 -40.96 0.17 -16.19
CA ASN G 500 -42.40 0.39 -16.21
C ASN G 500 -42.74 1.83 -16.61
N GLN G 501 -41.99 2.79 -16.10
CA GLN G 501 -42.21 4.19 -16.47
C GLN G 501 -41.94 4.41 -17.96
N SER G 502 -40.87 3.81 -18.48
CA SER G 502 -40.57 3.93 -19.90
C SER G 502 -41.67 3.31 -20.75
N LEU G 503 -42.19 2.14 -20.33
CA LEU G 503 -43.27 1.51 -21.06
C LEU G 503 -44.53 2.37 -21.02
N ALA G 504 -44.84 2.97 -19.87
CA ALA G 504 -46.01 3.83 -19.76
C ALA G 504 -45.85 5.11 -20.58
N PHE G 505 -44.62 5.57 -20.78
CA PHE G 505 -44.40 6.78 -21.56
C PHE G 505 -44.86 6.58 -23.01
N ILE G 506 -44.56 5.42 -23.58
CA ILE G 506 -44.97 5.13 -24.95
C ILE G 506 -46.46 4.80 -25.01
N GLU H 1 -39.43 -13.70 20.35
CA GLU H 1 -40.00 -15.03 20.36
C GLU H 1 -38.91 -16.09 20.48
N VAL H 2 -37.93 -15.83 21.34
CA VAL H 2 -36.83 -16.77 21.56
C VAL H 2 -37.28 -17.82 22.57
N GLN H 3 -37.45 -19.05 22.11
CA GLN H 3 -37.95 -20.14 22.94
C GLN H 3 -36.83 -21.16 23.11
N LEU H 4 -36.48 -21.45 24.36
CA LEU H 4 -35.49 -22.45 24.71
C LEU H 4 -36.17 -23.49 25.59
N VAL H 5 -36.63 -24.59 25.00
CA VAL H 5 -37.36 -25.62 25.73
C VAL H 5 -36.48 -26.88 25.77
N GLU H 6 -36.19 -27.34 26.97
CA GLU H 6 -35.26 -28.44 27.16
C GLU H 6 -35.84 -29.48 28.11
N SER H 7 -35.44 -30.73 27.89
CA SER H 7 -35.98 -31.87 28.62
C SER H 7 -34.92 -32.97 28.66
N GLY H 8 -35.34 -34.13 29.15
CA GLY H 8 -34.47 -35.28 29.29
C GLY H 8 -34.04 -35.58 30.72
N GLY H 9 -34.52 -34.83 31.70
CA GLY H 9 -34.15 -35.05 33.08
C GLY H 9 -35.02 -36.09 33.76
N GLY H 10 -34.40 -36.86 34.65
CA GLY H 10 -35.11 -37.88 35.39
C GLY H 10 -34.21 -38.50 36.43
N LEU H 11 -34.82 -39.33 37.27
CA LEU H 11 -34.09 -39.97 38.35
C LEU H 11 -33.09 -40.98 37.81
N VAL H 12 -31.86 -40.92 38.29
CA VAL H 12 -30.79 -41.83 37.89
C VAL H 12 -29.99 -42.22 39.12
N LYS H 13 -29.66 -43.51 39.22
CA LYS H 13 -28.86 -43.98 40.33
C LYS H 13 -27.45 -43.39 40.26
N PRO H 14 -26.77 -43.25 41.39
CA PRO H 14 -25.39 -42.73 41.36
C PRO H 14 -24.50 -43.62 40.51
N GLY H 15 -23.59 -42.98 39.77
CA GLY H 15 -22.73 -43.69 38.86
C GLY H 15 -23.34 -43.99 37.51
N GLY H 16 -24.58 -43.55 37.26
CA GLY H 16 -25.24 -43.81 35.99
C GLY H 16 -24.92 -42.76 34.94
N SER H 17 -25.52 -42.95 33.76
CA SER H 17 -25.33 -42.06 32.63
C SER H 17 -26.66 -41.44 32.25
N LEU H 18 -26.60 -40.21 31.72
CA LEU H 18 -27.80 -39.47 31.40
C LEU H 18 -27.54 -38.56 30.20
N ARG H 19 -28.62 -38.17 29.53
CA ARG H 19 -28.55 -37.24 28.41
C ARG H 19 -29.64 -36.19 28.55
N LEU H 20 -29.31 -34.94 28.25
CA LEU H 20 -30.26 -33.84 28.31
C LEU H 20 -30.28 -33.13 26.97
N SER H 21 -31.48 -32.87 26.45
CA SER H 21 -31.65 -32.22 25.15
C SER H 21 -32.31 -30.86 25.32
N CYS H 22 -32.01 -29.96 24.39
CA CYS H 22 -32.51 -28.59 24.44
C CYS H 22 -32.79 -28.13 23.02
N ALA H 23 -34.04 -27.73 22.76
CA ALA H 23 -34.45 -27.25 21.46
C ALA H 23 -34.65 -25.73 21.51
N ALA H 24 -34.14 -25.05 20.50
CA ALA H 24 -34.20 -23.60 20.41
C ALA H 24 -34.96 -23.19 19.15
N SER H 25 -35.81 -22.18 19.28
CA SER H 25 -36.59 -21.71 18.16
C SER H 25 -36.81 -20.20 18.28
N GLY H 26 -37.09 -19.58 17.14
CA GLY H 26 -37.36 -18.16 17.09
C GLY H 26 -36.17 -17.27 16.86
N PHE H 27 -34.99 -17.84 16.64
CA PHE H 27 -33.78 -17.04 16.40
C PHE H 27 -32.80 -17.87 15.60
N SER H 28 -31.83 -17.18 15.01
CA SER H 28 -30.76 -17.84 14.26
C SER H 28 -29.83 -18.54 15.25
N PHE H 29 -30.01 -19.85 15.41
CA PHE H 29 -29.25 -20.60 16.40
C PHE H 29 -27.77 -20.64 16.03
N SER H 30 -27.47 -20.75 14.73
CA SER H 30 -26.11 -21.05 14.29
C SER H 30 -25.10 -19.96 14.63
N SER H 31 -25.54 -18.78 15.05
CA SER H 31 -24.62 -17.68 15.33
C SER H 31 -24.48 -17.38 16.81
N TYR H 32 -25.33 -17.93 17.67
CA TYR H 32 -25.31 -17.64 19.11
C TYR H 32 -24.70 -18.82 19.86
N ASN H 33 -23.99 -18.52 20.95
CA ASN H 33 -23.33 -19.62 21.66
C ASN H 33 -24.31 -20.27 22.63
N MET H 34 -23.96 -21.47 23.11
CA MET H 34 -24.81 -22.18 24.04
C MET H 34 -24.04 -22.50 25.32
N ASN H 35 -24.78 -22.60 26.42
CA ASN H 35 -24.21 -22.95 27.70
C ASN H 35 -25.20 -23.80 28.47
N TRP H 36 -24.68 -24.62 29.37
CA TRP H 36 -25.46 -25.35 30.35
C TRP H 36 -25.02 -24.92 31.73
N VAL H 37 -25.96 -24.50 32.56
CA VAL H 37 -25.65 -24.00 33.89
C VAL H 37 -26.51 -24.71 34.93
N ARG H 38 -25.91 -25.01 36.08
CA ARG H 38 -26.59 -25.72 37.15
C ARG H 38 -27.17 -24.76 38.18
N GLN H 39 -28.09 -25.29 38.97
CA GLN H 39 -28.57 -24.61 40.18
C GLN H 39 -29.04 -25.70 41.14
N ALA H 40 -28.23 -26.00 42.14
CA ALA H 40 -28.63 -26.97 43.14
C ALA H 40 -29.77 -26.40 43.99
N PRO H 41 -30.66 -27.25 44.49
CA PRO H 41 -31.79 -26.75 45.28
C PRO H 41 -31.31 -26.03 46.53
N GLY H 42 -31.67 -24.75 46.64
CA GLY H 42 -31.26 -23.96 47.79
C GLY H 42 -29.83 -23.50 47.77
N LYS H 43 -29.14 -23.61 46.63
CA LYS H 43 -27.75 -23.20 46.52
C LYS H 43 -27.60 -22.24 45.35
N GLY H 44 -26.41 -21.67 45.23
CA GLY H 44 -26.14 -20.71 44.18
C GLY H 44 -25.91 -21.35 42.84
N LEU H 45 -25.85 -20.50 41.81
CA LEU H 45 -25.64 -20.97 40.45
C LEU H 45 -24.18 -21.39 40.26
N GLU H 46 -23.95 -22.17 39.21
CA GLU H 46 -22.62 -22.70 38.92
C GLU H 46 -22.56 -23.10 37.46
N TRP H 47 -21.70 -22.42 36.69
CA TRP H 47 -21.58 -22.71 35.28
C TRP H 47 -21.04 -24.11 35.06
N VAL H 48 -21.49 -24.78 34.00
CA VAL H 48 -21.21 -26.19 33.80
C VAL H 48 -20.54 -26.47 32.45
N SER H 49 -21.11 -25.96 31.36
CA SER H 49 -20.54 -26.26 30.06
C SER H 49 -20.79 -25.11 29.10
N SER H 50 -19.90 -24.96 28.12
CA SER H 50 -20.04 -23.95 27.08
C SER H 50 -19.73 -24.56 25.73
N ILE H 51 -20.29 -23.95 24.68
CA ILE H 51 -19.95 -24.32 23.31
C ILE H 51 -20.28 -23.14 22.41
N THR H 52 -19.49 -22.99 21.35
CA THR H 52 -19.64 -21.89 20.41
C THR H 52 -20.46 -22.35 19.19
N GLY H 53 -20.64 -21.43 18.24
CA GLY H 53 -21.50 -21.72 17.11
C GLY H 53 -20.96 -22.80 16.20
N GLY H 54 -19.65 -22.83 15.99
CA GLY H 54 -19.04 -23.78 15.09
C GLY H 54 -18.76 -25.15 15.66
N SER H 55 -19.13 -25.40 16.92
CA SER H 55 -18.98 -26.69 17.59
C SER H 55 -17.53 -27.10 17.78
N ASN H 56 -16.57 -26.20 17.58
CA ASN H 56 -15.15 -26.53 17.69
C ASN H 56 -14.43 -25.70 18.74
N PHE H 57 -15.15 -25.13 19.70
CA PHE H 57 -14.56 -24.50 20.88
C PHE H 57 -15.34 -24.98 22.10
N ILE H 58 -14.93 -26.10 22.65
CA ILE H 58 -15.57 -26.67 23.83
C ILE H 58 -14.95 -26.06 25.07
N ASP H 59 -15.72 -26.01 26.15
CA ASP H 59 -15.22 -25.42 27.39
C ASP H 59 -15.95 -26.00 28.59
N TYR H 60 -15.18 -26.40 29.59
CA TYR H 60 -15.67 -26.94 30.85
C TYR H 60 -14.87 -26.33 31.98
N PRO H 61 -15.42 -26.27 33.19
CA PRO H 61 -14.64 -25.88 34.36
C PRO H 61 -13.74 -27.01 34.81
N ASP H 62 -12.85 -26.68 35.75
CA ASP H 62 -11.86 -27.65 36.20
C ASP H 62 -12.49 -28.81 36.95
N SER H 63 -13.51 -28.54 37.76
CA SER H 63 -14.09 -29.58 38.61
C SER H 63 -14.79 -30.66 37.79
N LEU H 64 -15.51 -30.27 36.74
CA LEU H 64 -16.29 -31.20 35.93
C LEU H 64 -15.61 -31.59 34.64
N LYS H 65 -14.32 -31.31 34.50
CA LYS H 65 -13.62 -31.58 33.26
C LYS H 65 -13.48 -33.09 33.02
N GLY H 66 -13.73 -33.50 31.78
CA GLY H 66 -13.57 -34.88 31.39
C GLY H 66 -14.76 -35.79 31.64
N ARG H 67 -15.81 -35.28 32.29
CA ARG H 67 -16.99 -36.08 32.59
C ARG H 67 -18.20 -35.67 31.78
N PHE H 68 -18.48 -34.37 31.68
CA PHE H 68 -19.63 -33.87 30.94
C PHE H 68 -19.21 -33.57 29.51
N THR H 69 -19.93 -34.14 28.55
CA THR H 69 -19.62 -33.91 27.14
C THR H 69 -20.79 -33.17 26.49
N ILE H 70 -20.51 -32.01 25.93
CA ILE H 70 -21.53 -31.18 25.30
C ILE H 70 -21.39 -31.29 23.79
N SER H 71 -22.52 -31.20 23.10
CA SER H 71 -22.51 -31.32 21.64
C SER H 71 -23.78 -30.69 21.09
N ARG H 72 -23.62 -29.73 20.18
CA ARG H 72 -24.76 -29.08 19.54
C ARG H 72 -24.87 -29.57 18.11
N ASP H 73 -26.06 -30.02 17.73
CA ASP H 73 -26.34 -30.39 16.35
C ASP H 73 -27.14 -29.25 15.73
N ASN H 74 -26.57 -28.64 14.69
CA ASN H 74 -27.13 -27.43 14.11
C ASN H 74 -28.25 -27.72 13.12
N SER H 75 -28.41 -28.98 12.70
CA SER H 75 -29.38 -29.28 11.64
C SER H 75 -30.80 -28.97 12.07
N ARG H 76 -31.24 -29.51 13.21
CA ARG H 76 -32.58 -29.23 13.72
C ARG H 76 -32.54 -28.37 14.99
N ASN H 77 -31.50 -27.57 15.15
CA ASN H 77 -31.41 -26.60 16.26
C ASN H 77 -31.51 -27.30 17.62
N SER H 78 -30.51 -28.14 17.90
CA SER H 78 -30.55 -28.95 19.11
C SER H 78 -29.22 -28.88 19.85
N LEU H 79 -29.31 -28.96 21.18
CA LEU H 79 -28.16 -29.00 22.07
C LEU H 79 -28.29 -30.23 22.96
N TYR H 80 -27.18 -30.93 23.20
CA TYR H 80 -27.18 -32.12 24.02
C TYR H 80 -26.05 -32.07 25.02
N LEU H 81 -26.32 -32.54 26.23
CA LEU H 81 -25.30 -32.70 27.25
C LEU H 81 -25.36 -34.13 27.77
N GLN H 82 -24.23 -34.82 27.72
CA GLN H 82 -24.11 -36.20 28.16
C GLN H 82 -23.34 -36.23 29.47
N MET H 83 -23.97 -36.80 30.50
CA MET H 83 -23.44 -36.86 31.85
C MET H 83 -23.04 -38.29 32.17
N ASN H 84 -21.78 -38.48 32.56
CA ASN H 84 -21.25 -39.79 32.91
C ASN H 84 -20.71 -39.75 34.32
N SER H 85 -20.85 -40.86 35.05
CA SER H 85 -20.30 -41.02 36.39
C SER H 85 -20.79 -39.92 37.33
N LEU H 86 -22.10 -39.95 37.56
CA LEU H 86 -22.72 -38.98 38.46
C LEU H 86 -22.21 -39.15 39.88
N ARG H 87 -22.27 -38.07 40.65
CA ARG H 87 -21.86 -38.08 42.04
C ARG H 87 -22.99 -37.46 42.87
N ALA H 88 -22.73 -37.25 44.16
CA ALA H 88 -23.76 -36.70 45.04
C ALA H 88 -24.20 -35.32 44.60
N GLU H 89 -23.32 -34.56 43.94
CA GLU H 89 -23.67 -33.26 43.40
C GLU H 89 -24.40 -33.42 42.07
N ASP H 90 -24.51 -32.33 41.31
CA ASP H 90 -25.12 -32.30 39.98
C ASP H 90 -26.63 -32.41 40.05
N THR H 91 -27.17 -32.61 41.24
CA THR H 91 -28.62 -32.63 41.41
C THR H 91 -29.15 -31.20 41.50
N GLY H 92 -30.29 -30.97 40.85
CA GLY H 92 -30.91 -29.67 40.83
C GLY H 92 -31.43 -29.34 39.45
N LEU H 93 -31.60 -28.05 39.20
CA LEU H 93 -32.10 -27.59 37.92
C LEU H 93 -30.94 -27.37 36.94
N TYR H 94 -31.15 -27.76 35.70
CA TYR H 94 -30.22 -27.50 34.61
C TYR H 94 -30.88 -26.54 33.63
N TYR H 95 -30.16 -25.48 33.27
CA TYR H 95 -30.66 -24.48 32.33
C TYR H 95 -29.82 -24.50 31.08
N CYS H 96 -30.49 -24.57 29.93
CA CYS H 96 -29.86 -24.44 28.61
C CYS H 96 -30.00 -22.98 28.19
N VAL H 97 -28.90 -22.24 28.25
CA VAL H 97 -28.93 -20.79 28.19
C VAL H 97 -28.14 -20.32 26.98
N ARG H 98 -28.73 -19.41 26.20
CA ARG H 98 -28.09 -18.88 25.01
C ARG H 98 -27.14 -17.74 25.39
N GLU H 99 -25.85 -17.95 25.15
CA GLU H 99 -24.86 -16.89 25.29
C GLU H 99 -25.00 -15.97 24.08
N SER H 100 -25.42 -14.73 24.33
CA SER H 100 -25.79 -13.77 23.31
C SER H 100 -24.86 -12.57 23.37
N TYR H 101 -24.08 -12.38 22.32
CA TYR H 101 -23.22 -11.21 22.15
C TYR H 101 -24.05 -10.02 21.67
N PHE H 102 -23.40 -9.03 21.05
CA PHE H 102 -23.92 -7.75 20.57
C PHE H 102 -23.94 -6.70 21.67
N GLY H 103 -23.60 -7.05 22.90
CA GLY H 103 -23.31 -6.05 23.90
C GLY H 103 -21.88 -5.57 23.78
N SER H 104 -21.56 -4.94 22.65
CA SER H 104 -20.21 -4.50 22.31
C SER H 104 -19.24 -5.67 22.34
N GLY H 105 -17.94 -5.38 22.41
CA GLY H 105 -16.97 -6.43 22.62
C GLY H 105 -17.18 -7.04 23.99
N GLY H 106 -16.81 -6.29 25.04
CA GLY H 106 -17.21 -6.55 26.41
C GLY H 106 -17.05 -7.94 26.96
N SER H 107 -16.17 -8.75 26.37
CA SER H 107 -15.91 -10.13 26.81
C SER H 107 -17.20 -10.88 27.11
N LEU H 108 -17.43 -11.19 28.39
CA LEU H 108 -18.66 -11.87 28.82
C LEU H 108 -19.86 -11.06 28.39
N ASN H 109 -20.75 -11.61 27.56
CA ASN H 109 -21.72 -10.68 27.03
C ASN H 109 -22.95 -10.47 27.91
N TRP H 110 -24.00 -11.29 27.76
CA TRP H 110 -25.19 -11.06 28.59
C TRP H 110 -26.25 -12.15 28.67
N PHE H 111 -25.95 -13.42 28.96
CA PHE H 111 -26.90 -14.49 28.64
C PHE H 111 -28.36 -14.15 28.94
N ASP H 112 -29.16 -13.92 27.90
CA ASP H 112 -30.53 -13.47 28.08
C ASP H 112 -31.56 -14.58 28.29
N PRO H 113 -31.76 -15.49 27.32
CA PRO H 113 -33.00 -16.30 27.31
C PRO H 113 -32.88 -17.62 28.06
N TRP H 114 -32.91 -17.54 29.38
CA TRP H 114 -32.81 -18.74 30.20
C TRP H 114 -34.04 -19.62 30.03
N GLY H 115 -33.82 -20.92 29.91
CA GLY H 115 -34.92 -21.86 29.86
C GLY H 115 -35.55 -22.08 31.22
N GLN H 116 -36.67 -22.81 31.22
CA GLN H 116 -37.40 -23.03 32.47
C GLN H 116 -36.65 -23.96 33.42
N GLY H 117 -35.78 -24.81 32.91
CA GLY H 117 -34.98 -25.67 33.77
C GLY H 117 -35.51 -27.09 33.81
N THR H 118 -34.59 -28.04 33.86
CA THR H 118 -34.93 -29.46 33.99
C THR H 118 -34.40 -29.97 35.31
N LEU H 119 -35.24 -30.68 36.05
CA LEU H 119 -34.88 -31.17 37.37
C LEU H 119 -34.25 -32.55 37.26
N VAL H 120 -32.96 -32.63 37.60
CA VAL H 120 -32.21 -33.88 37.55
C VAL H 120 -31.83 -34.24 38.98
N ILE H 121 -32.27 -35.42 39.42
CA ILE H 121 -32.06 -35.88 40.79
C ILE H 121 -31.24 -37.15 40.77
N VAL H 122 -30.20 -37.20 41.59
CA VAL H 122 -29.41 -38.40 41.78
C VAL H 122 -29.60 -38.84 43.23
N SER H 123 -29.87 -40.13 43.41
CA SER H 123 -30.10 -40.73 44.73
C SER H 123 -30.30 -42.23 44.52
N SER H 124 -30.38 -42.96 45.64
CA SER H 124 -30.65 -44.38 45.59
C SER H 124 -32.12 -44.64 45.94
N GLN I 1 -18.40 -22.15 48.78
CA GLN I 1 -17.27 -21.28 48.48
C GLN I 1 -17.27 -20.87 47.01
N SER I 2 -17.46 -19.58 46.76
CA SER I 2 -17.47 -19.02 45.42
C SER I 2 -16.31 -18.06 45.23
N VAL I 3 -15.92 -17.86 43.96
CA VAL I 3 -14.83 -16.95 43.66
C VAL I 3 -15.19 -15.53 44.04
N LEU I 4 -16.40 -15.10 43.69
CA LEU I 4 -16.90 -13.79 44.09
C LEU I 4 -17.62 -13.89 45.42
N THR I 5 -17.68 -12.77 46.13
CA THR I 5 -18.35 -12.69 47.42
C THR I 5 -19.57 -11.79 47.31
N GLN I 6 -20.58 -12.07 48.13
CA GLN I 6 -21.82 -11.33 48.15
C GLN I 6 -22.43 -11.42 49.53
N PRO I 7 -23.07 -10.35 50.00
CA PRO I 7 -23.75 -10.40 51.30
C PRO I 7 -24.84 -11.45 51.29
N PRO I 8 -24.98 -12.21 52.37
CA PRO I 8 -26.02 -13.27 52.38
C PRO I 8 -27.42 -12.74 52.18
N SER I 9 -27.73 -11.56 52.72
CA SER I 9 -29.07 -10.99 52.59
C SER I 9 -29.00 -9.50 52.87
N VAL I 10 -29.86 -8.75 52.18
CA VAL I 10 -30.04 -7.32 52.43
C VAL I 10 -31.52 -7.06 52.58
N SER I 11 -31.84 -5.98 53.28
CA SER I 11 -33.22 -5.66 53.61
C SER I 11 -33.47 -4.18 53.41
N GLY I 12 -34.75 -3.82 53.36
CA GLY I 12 -35.13 -2.43 53.21
C GLY I 12 -36.62 -2.27 53.31
N ALA I 13 -37.06 -1.02 53.30
CA ALA I 13 -38.45 -0.63 53.34
C ALA I 13 -38.90 -0.16 51.96
N PRO I 14 -40.20 -0.20 51.67
CA PRO I 14 -40.68 0.32 50.39
C PRO I 14 -40.30 1.77 50.20
N GLY I 15 -39.85 2.10 48.98
CA GLY I 15 -39.39 3.44 48.68
C GLY I 15 -37.97 3.74 49.08
N GLN I 16 -37.21 2.75 49.52
CA GLN I 16 -35.84 2.95 49.98
C GLN I 16 -34.87 2.26 49.02
N ARG I 17 -33.76 2.94 48.74
CA ARG I 17 -32.75 2.38 47.85
C ARG I 17 -31.85 1.41 48.62
N VAL I 18 -31.50 0.30 47.95
CA VAL I 18 -30.64 -0.72 48.52
C VAL I 18 -29.48 -0.98 47.55
N THR I 19 -28.28 -1.10 48.11
CA THR I 19 -27.08 -1.36 47.31
C THR I 19 -26.55 -2.75 47.63
N ILE I 20 -26.25 -3.50 46.57
CA ILE I 20 -25.70 -4.85 46.68
C ILE I 20 -24.31 -4.84 46.06
N SER I 21 -23.34 -5.38 46.79
CA SER I 21 -21.94 -5.32 46.38
C SER I 21 -21.50 -6.64 45.77
N CYS I 22 -20.53 -6.55 44.86
CA CYS I 22 -19.91 -7.71 44.20
C CYS I 22 -18.42 -7.45 44.16
N THR I 23 -17.66 -8.17 44.99
CA THR I 23 -16.23 -7.95 45.16
C THR I 23 -15.45 -9.17 44.68
N GLY I 24 -14.32 -8.92 44.02
CA GLY I 24 -13.52 -9.99 43.46
C GLY I 24 -12.04 -9.67 43.47
N SER I 25 -11.26 -10.68 43.09
CA SER I 25 -9.80 -10.60 43.10
C SER I 25 -9.24 -10.03 41.81
N SER I 26 -7.93 -10.18 41.61
CA SER I 26 -7.29 -9.67 40.41
C SER I 26 -7.67 -10.49 39.18
N SER I 27 -7.60 -11.81 39.28
CA SER I 27 -8.00 -12.71 38.19
C SER I 27 -9.52 -12.91 38.22
N SER I 28 -10.21 -11.77 38.19
CA SER I 28 -11.62 -11.68 38.58
C SER I 28 -12.13 -10.37 37.97
N ILE I 29 -13.10 -9.74 38.63
CA ILE I 29 -13.55 -8.39 38.31
C ILE I 29 -12.41 -7.49 37.88
N GLY I 30 -11.26 -7.59 38.57
CA GLY I 30 -10.08 -6.85 38.14
C GLY I 30 -9.72 -7.15 36.70
N ARG I 31 -8.83 -6.31 36.16
CA ARG I 31 -8.49 -6.31 34.73
C ARG I 31 -9.68 -5.85 33.91
N GLY I 32 -10.81 -5.58 34.58
CA GLY I 32 -12.01 -5.09 33.95
C GLY I 32 -12.68 -6.07 33.00
N TYR I 33 -13.21 -7.18 33.52
CA TYR I 33 -14.04 -8.03 32.67
C TYR I 33 -15.44 -7.44 32.47
N ASP I 34 -16.29 -7.55 33.50
CA ASP I 34 -17.63 -6.96 33.57
C ASP I 34 -18.34 -7.47 34.82
N VAL I 35 -19.53 -6.95 35.10
CA VAL I 35 -20.49 -7.63 35.97
C VAL I 35 -21.80 -7.76 35.20
N HIS I 36 -22.47 -8.89 35.39
CA HIS I 36 -23.85 -9.03 34.96
C HIS I 36 -24.68 -9.38 36.17
N TRP I 37 -25.77 -8.65 36.37
CA TRP I 37 -26.64 -8.83 37.51
C TRP I 37 -27.90 -9.53 37.06
N TYR I 38 -28.17 -10.69 37.65
CA TYR I 38 -29.29 -11.56 37.31
C TYR I 38 -30.27 -11.62 38.47
N GLN I 39 -31.56 -11.66 38.13
CA GLN I 39 -32.64 -11.74 39.11
C GLN I 39 -33.29 -13.12 39.03
N GLN I 40 -33.67 -13.64 40.19
CA GLN I 40 -34.38 -14.92 40.24
C GLN I 40 -35.50 -14.80 41.28
N VAL I 41 -36.74 -14.80 40.81
CA VAL I 41 -37.89 -14.92 41.69
C VAL I 41 -38.17 -16.41 41.84
N PRO I 42 -38.37 -16.92 43.06
CA PRO I 42 -38.51 -18.37 43.25
C PRO I 42 -39.65 -18.94 42.41
N GLY I 43 -39.40 -20.11 41.83
CA GLY I 43 -40.35 -20.72 40.93
C GLY I 43 -40.31 -20.20 39.50
N THR I 44 -39.33 -19.36 39.17
CA THR I 44 -39.24 -18.76 37.85
C THR I 44 -37.79 -18.82 37.40
N ALA I 45 -37.58 -18.94 36.08
CA ALA I 45 -36.24 -19.00 35.53
C ALA I 45 -35.53 -17.67 35.73
N PRO I 46 -34.20 -17.69 35.88
CA PRO I 46 -33.45 -16.44 36.07
C PRO I 46 -33.62 -15.51 34.88
N ARG I 47 -33.58 -14.22 35.17
CA ARG I 47 -33.86 -13.15 34.23
C ARG I 47 -32.73 -12.13 34.27
N LEU I 48 -32.31 -11.67 33.10
CA LEU I 48 -31.24 -10.68 33.05
C LEU I 48 -31.73 -9.34 33.56
N LEU I 49 -30.94 -8.71 34.43
CA LEU I 49 -31.28 -7.41 34.99
C LEU I 49 -30.36 -6.31 34.54
N ILE I 50 -29.04 -6.49 34.70
CA ILE I 50 -28.07 -5.48 34.29
C ILE I 50 -26.98 -6.18 33.50
N TYR I 51 -26.68 -5.66 32.31
CA TYR I 51 -25.61 -6.21 31.49
C TYR I 51 -24.65 -5.11 31.09
N ALA I 52 -23.40 -5.49 30.84
CA ALA I 52 -22.29 -4.58 30.56
C ALA I 52 -22.07 -3.59 31.70
N ASN I 53 -22.49 -3.99 32.91
CA ASN I 53 -22.17 -3.38 34.20
C ASN I 53 -22.84 -2.04 34.43
N THR I 54 -23.43 -1.44 33.41
CA THR I 54 -24.19 -0.21 33.62
C THR I 54 -25.51 -0.14 32.83
N ASN I 55 -25.64 -0.83 31.71
CA ASN I 55 -26.78 -0.63 30.82
C ASN I 55 -28.01 -1.32 31.39
N ARG I 56 -29.07 -1.38 30.60
CA ARG I 56 -30.32 -1.98 31.06
C ARG I 56 -31.10 -2.52 29.88
N PRO I 57 -31.56 -3.76 29.94
CA PRO I 57 -32.36 -4.31 28.84
C PRO I 57 -33.73 -3.66 28.77
N SER I 58 -34.32 -3.71 27.59
CA SER I 58 -35.68 -3.20 27.41
C SER I 58 -36.66 -4.03 28.21
N GLY I 59 -37.66 -3.37 28.77
CA GLY I 59 -38.64 -4.02 29.61
C GLY I 59 -38.29 -4.08 31.08
N ILE I 60 -37.21 -3.43 31.50
CA ILE I 60 -36.82 -3.36 32.91
C ILE I 60 -37.03 -1.92 33.37
N PRO I 61 -37.68 -1.69 34.51
CA PRO I 61 -37.91 -0.32 34.97
C PRO I 61 -36.60 0.42 35.20
N ASP I 62 -36.65 1.73 34.98
CA ASP I 62 -35.45 2.56 35.05
C ASP I 62 -34.94 2.78 36.47
N ARG I 63 -35.69 2.36 37.48
CA ARG I 63 -35.26 2.57 38.86
C ARG I 63 -34.02 1.76 39.23
N PHE I 64 -33.62 0.79 38.42
CA PHE I 64 -32.43 0.00 38.68
C PHE I 64 -31.20 0.70 38.12
N SER I 65 -30.05 0.43 38.74
CA SER I 65 -28.80 0.97 38.22
C SER I 65 -27.65 0.03 38.61
N GLY I 66 -26.59 0.10 37.83
CA GLY I 66 -25.40 -0.70 38.11
C GLY I 66 -24.15 0.08 37.78
N SER I 67 -23.09 -0.20 38.52
CA SER I 67 -21.82 0.49 38.30
C SER I 67 -20.69 -0.39 38.80
N LYS I 68 -19.47 -0.04 38.40
CA LYS I 68 -18.27 -0.73 38.86
C LYS I 68 -17.16 0.28 39.04
N SER I 69 -16.19 -0.07 39.89
CA SER I 69 -15.06 0.80 40.16
C SER I 69 -13.94 -0.03 40.75
N ALA I 70 -12.74 0.11 40.18
CA ALA I 70 -11.55 -0.60 40.66
C ALA I 70 -11.76 -2.11 40.66
N THR I 71 -12.03 -2.68 41.84
CA THR I 71 -12.21 -4.12 41.99
C THR I 71 -13.57 -4.47 42.58
N SER I 72 -14.49 -3.51 42.70
CA SER I 72 -15.78 -3.74 43.33
C SER I 72 -16.89 -3.15 42.47
N ALA I 73 -17.99 -3.87 42.34
CA ALA I 73 -19.15 -3.40 41.61
C ALA I 73 -20.36 -3.31 42.53
N SER I 74 -21.31 -2.47 42.14
CA SER I 74 -22.50 -2.22 42.94
C SER I 74 -23.73 -2.25 42.04
N LEU I 75 -24.83 -2.75 42.61
CA LEU I 75 -26.15 -2.71 41.99
C LEU I 75 -27.08 -1.97 42.94
N ALA I 76 -27.70 -0.89 42.46
CA ALA I 76 -28.52 -0.02 43.29
C ALA I 76 -29.97 -0.08 42.84
N ILE I 77 -30.87 -0.31 43.79
CA ILE I 77 -32.31 -0.34 43.53
C ILE I 77 -32.91 0.87 44.23
N THR I 78 -33.59 1.71 43.46
CA THR I 78 -34.22 2.92 43.96
C THR I 78 -35.73 2.74 43.98
N GLY I 79 -36.36 3.09 45.09
CA GLY I 79 -37.79 2.92 45.22
C GLY I 79 -38.18 1.46 45.31
N LEU I 80 -37.80 0.80 46.40
CA LEU I 80 -38.05 -0.62 46.55
C LEU I 80 -39.55 -0.90 46.60
N GLN I 81 -39.95 -2.01 45.96
CA GLN I 81 -41.34 -2.44 45.91
C GLN I 81 -41.42 -3.92 46.25
N ALA I 82 -42.64 -4.40 46.45
CA ALA I 82 -42.84 -5.78 46.86
C ALA I 82 -42.43 -6.77 45.78
N GLU I 83 -42.39 -6.34 44.52
CA GLU I 83 -42.05 -7.24 43.43
C GLU I 83 -40.56 -7.45 43.26
N ASP I 84 -39.72 -6.67 43.95
CA ASP I 84 -38.27 -6.78 43.78
C ASP I 84 -37.63 -7.76 44.74
N GLU I 85 -38.39 -8.39 45.63
CA GLU I 85 -37.80 -9.37 46.53
C GLU I 85 -37.44 -10.63 45.74
N ALA I 86 -36.17 -11.02 45.79
CA ALA I 86 -35.66 -12.09 44.94
C ALA I 86 -34.22 -12.45 45.29
N ASP I 87 -33.64 -13.40 44.55
CA ASP I 87 -32.23 -13.70 44.64
C ASP I 87 -31.51 -12.94 43.52
N TYR I 88 -30.48 -12.19 43.90
CA TYR I 88 -29.70 -11.40 42.96
C TYR I 88 -28.30 -11.99 42.87
N TYR I 89 -27.84 -12.24 41.65
CA TYR I 89 -26.56 -12.87 41.40
C TYR I 89 -25.68 -11.95 40.56
N CYS I 90 -24.46 -11.71 41.04
CA CYS I 90 -23.46 -10.98 40.28
C CYS I 90 -22.54 -11.95 39.55
N GLN I 91 -22.17 -11.59 38.32
CA GLN I 91 -21.42 -12.47 37.46
C GLN I 91 -20.23 -11.76 36.84
N SER I 92 -19.13 -12.49 36.69
CA SER I 92 -17.92 -12.01 36.02
C SER I 92 -17.18 -13.25 35.52
N TYR I 93 -15.91 -13.06 35.13
CA TYR I 93 -15.09 -14.14 34.61
C TYR I 93 -13.85 -14.35 35.47
N ASP I 94 -13.11 -15.40 35.15
CA ASP I 94 -11.92 -15.78 35.89
C ASP I 94 -10.98 -16.49 34.93
N SER I 95 -9.71 -16.06 34.90
CA SER I 95 -8.75 -16.68 34.00
C SER I 95 -8.41 -18.11 34.39
N SER I 96 -8.70 -18.52 35.64
CA SER I 96 -8.43 -19.87 36.09
C SER I 96 -9.68 -20.62 36.54
N MET I 97 -10.85 -19.98 36.53
CA MET I 97 -12.09 -20.64 36.90
C MET I 97 -13.24 -20.37 35.95
N LEU I 98 -13.07 -19.52 34.96
CA LEU I 98 -14.08 -19.21 33.94
C LEU I 98 -15.29 -18.56 34.62
N TRP I 99 -16.48 -18.74 34.07
CA TRP I 99 -17.68 -18.10 34.59
C TRP I 99 -17.88 -18.45 36.06
N VAL I 100 -18.02 -17.44 36.90
CA VAL I 100 -17.95 -17.63 38.35
C VAL I 100 -19.34 -17.65 38.99
N PHE I 101 -20.15 -16.60 38.75
CA PHE I 101 -21.44 -16.40 39.40
C PHE I 101 -21.28 -16.17 40.90
N GLY I 102 -22.25 -15.47 41.50
CA GLY I 102 -22.17 -15.10 42.89
C GLY I 102 -22.79 -16.13 43.81
N GLY I 103 -22.75 -15.83 45.10
CA GLY I 103 -23.34 -16.67 46.12
C GLY I 103 -24.80 -16.45 46.38
N GLY I 104 -25.41 -15.43 45.78
CA GLY I 104 -26.83 -15.21 45.93
C GLY I 104 -27.18 -14.25 47.05
N THR I 105 -27.75 -13.10 46.69
CA THR I 105 -28.21 -12.12 47.67
C THR I 105 -29.73 -12.20 47.76
N LYS I 106 -30.23 -12.52 48.94
CA LYS I 106 -31.67 -12.64 49.17
C LYS I 106 -32.22 -11.30 49.61
N LEU I 107 -32.89 -10.59 48.72
CA LEU I 107 -33.46 -9.29 49.03
C LEU I 107 -34.95 -9.42 49.30
N THR I 108 -35.38 -8.90 50.45
CA THR I 108 -36.77 -9.01 50.88
C THR I 108 -37.25 -7.65 51.35
N VAL I 109 -38.57 -7.46 51.30
CA VAL I 109 -39.21 -6.20 51.64
C VAL I 109 -39.80 -6.31 53.03
N LEU I 110 -39.46 -5.36 53.90
CA LEU I 110 -39.99 -5.34 55.26
C LEU I 110 -41.32 -4.59 55.30
#